data_4REH
# 
_entry.id   4REH 
# 
_audit_conform.dict_name       mmcif_pdbx.dic 
_audit_conform.dict_version    5.387 
_audit_conform.dict_location   http://mmcif.pdb.org/dictionaries/ascii/mmcif_pdbx.dic 
# 
loop_
_database_2.database_id 
_database_2.database_code 
_database_2.pdbx_database_accession 
_database_2.pdbx_DOI 
PDB   4REH         pdb_00004reh 10.2210/pdb4reh/pdb 
RCSB  RCSB087245   ?            ?                   
WWPDB D_1000087245 ?            ?                   
# 
loop_
_pdbx_audit_revision_history.ordinal 
_pdbx_audit_revision_history.data_content_type 
_pdbx_audit_revision_history.major_revision 
_pdbx_audit_revision_history.minor_revision 
_pdbx_audit_revision_history.revision_date 
1 'Structure model' 1 0 2015-05-13 
2 'Structure model' 1 1 2024-02-28 
# 
_pdbx_audit_revision_details.ordinal             1 
_pdbx_audit_revision_details.revision_ordinal    1 
_pdbx_audit_revision_details.data_content_type   'Structure model' 
_pdbx_audit_revision_details.provider            repository 
_pdbx_audit_revision_details.type                'Initial release' 
_pdbx_audit_revision_details.description         ? 
_pdbx_audit_revision_details.details             ? 
# 
loop_
_pdbx_audit_revision_group.ordinal 
_pdbx_audit_revision_group.revision_ordinal 
_pdbx_audit_revision_group.data_content_type 
_pdbx_audit_revision_group.group 
1 2 'Structure model' 'Data collection'     
2 2 'Structure model' 'Database references' 
# 
loop_
_pdbx_audit_revision_category.ordinal 
_pdbx_audit_revision_category.revision_ordinal 
_pdbx_audit_revision_category.data_content_type 
_pdbx_audit_revision_category.category 
1 2 'Structure model' chem_comp_atom 
2 2 'Structure model' chem_comp_bond 
3 2 'Structure model' database_2     
# 
loop_
_pdbx_audit_revision_item.ordinal 
_pdbx_audit_revision_item.revision_ordinal 
_pdbx_audit_revision_item.data_content_type 
_pdbx_audit_revision_item.item 
1 2 'Structure model' '_database_2.pdbx_DOI'                
2 2 'Structure model' '_database_2.pdbx_database_accession' 
# 
_pdbx_database_status.status_code                     REL 
_pdbx_database_status.entry_id                        4REH 
_pdbx_database_status.recvd_initial_deposition_date   2014-09-23 
_pdbx_database_status.deposit_site                    RCSB 
_pdbx_database_status.process_site                    RCSB 
_pdbx_database_status.status_code_sf                  REL 
_pdbx_database_status.status_code_mr                  ? 
_pdbx_database_status.SG_entry                        ? 
_pdbx_database_status.status_code_cs                  ? 
_pdbx_database_status.methods_development_category    ? 
_pdbx_database_status.pdb_format_compatible           Y 
_pdbx_database_status.status_code_nmr_data            ? 
# 
loop_
_pdbx_database_related.db_name 
_pdbx_database_related.db_id 
_pdbx_database_related.details 
_pdbx_database_related.content_type 
PDB 4REI . unspecified 
PDB 4REJ . unspecified 
# 
loop_
_audit_author.name 
_audit_author.pdbx_ordinal 
'Hong, M.K.' 1 
'Kang, L.W.' 2 
# 
_citation.id                        primary 
_citation.title                     
'Structure of ginseng major latex-like protein 151 and its proposed lysophosphatidic acid-binding mechanism.' 
_citation.journal_abbrev            'Acta Crystallogr.,Sect.D' 
_citation.journal_volume            71 
_citation.page_first                1039 
_citation.page_last                 1050 
_citation.year                      2015 
_citation.journal_id_ASTM           ABCRE6 
_citation.country                   DK 
_citation.journal_id_ISSN           0907-4449 
_citation.journal_id_CSD            0766 
_citation.book_publisher            ? 
_citation.pdbx_database_id_PubMed   25945569 
_citation.pdbx_database_id_DOI      10.1107/S139900471500259X 
# 
loop_
_citation_author.citation_id 
_citation_author.name 
_citation_author.ordinal 
_citation_author.identifier_ORCID 
primary 'Choi, S.H.' 1 ? 
primary 'Hong, M.K.' 2 ? 
primary 'Kim, H.J.'  3 ? 
primary 'Ryoo, N.'   4 ? 
primary 'Rhim, H.'   5 ? 
primary 'Nah, S.Y.'  6 ? 
primary 'Kang, L.W.' 7 ? 
# 
loop_
_entity.id 
_entity.type 
_entity.src_method 
_entity.pdbx_description 
_entity.formula_weight 
_entity.pdbx_number_of_molecules 
_entity.pdbx_ec 
_entity.pdbx_mutation 
_entity.pdbx_fragment 
_entity.details 
1 polymer man 'Major latex-like protein' 16891.988 1   ? ? ? ? 
2 water   nat water                      18.015    161 ? ? ? ? 
# 
_entity_poly.entity_id                      1 
_entity_poly.type                           'polypeptide(L)' 
_entity_poly.nstd_linkage                   no 
_entity_poly.nstd_monomer                   no 
_entity_poly.pdbx_seq_one_letter_code       
;MGLTGKLICQTGIKSDGDVFHELFGTRPHHVPNITPANIQGCDLHEGEFGKVGSVVIWNYSIDGNAMIAKEEIVAIDEED
KSVTFKVVEGHLFEEFKSIVFSVHVDTKGEDNLVTWSIDYEKLNESVKDPTSYLDFLLSVTRDIEAHHLPK
;
_entity_poly.pdbx_seq_one_letter_code_can   
;MGLTGKLICQTGIKSDGDVFHELFGTRPHHVPNITPANIQGCDLHEGEFGKVGSVVIWNYSIDGNAMIAKEEIVAIDEED
KSVTFKVVEGHLFEEFKSIVFSVHVDTKGEDNLVTWSIDYEKLNESVKDPTSYLDFLLSVTRDIEAHHLPK
;
_entity_poly.pdbx_strand_id                 A 
_entity_poly.pdbx_target_identifier         ? 
# 
_pdbx_entity_nonpoly.entity_id   2 
_pdbx_entity_nonpoly.name        water 
_pdbx_entity_nonpoly.comp_id     HOH 
# 
loop_
_entity_poly_seq.entity_id 
_entity_poly_seq.num 
_entity_poly_seq.mon_id 
_entity_poly_seq.hetero 
1 1   MET n 
1 2   GLY n 
1 3   LEU n 
1 4   THR n 
1 5   GLY n 
1 6   LYS n 
1 7   LEU n 
1 8   ILE n 
1 9   CYS n 
1 10  GLN n 
1 11  THR n 
1 12  GLY n 
1 13  ILE n 
1 14  LYS n 
1 15  SER n 
1 16  ASP n 
1 17  GLY n 
1 18  ASP n 
1 19  VAL n 
1 20  PHE n 
1 21  HIS n 
1 22  GLU n 
1 23  LEU n 
1 24  PHE n 
1 25  GLY n 
1 26  THR n 
1 27  ARG n 
1 28  PRO n 
1 29  HIS n 
1 30  HIS n 
1 31  VAL n 
1 32  PRO n 
1 33  ASN n 
1 34  ILE n 
1 35  THR n 
1 36  PRO n 
1 37  ALA n 
1 38  ASN n 
1 39  ILE n 
1 40  GLN n 
1 41  GLY n 
1 42  CYS n 
1 43  ASP n 
1 44  LEU n 
1 45  HIS n 
1 46  GLU n 
1 47  GLY n 
1 48  GLU n 
1 49  PHE n 
1 50  GLY n 
1 51  LYS n 
1 52  VAL n 
1 53  GLY n 
1 54  SER n 
1 55  VAL n 
1 56  VAL n 
1 57  ILE n 
1 58  TRP n 
1 59  ASN n 
1 60  TYR n 
1 61  SER n 
1 62  ILE n 
1 63  ASP n 
1 64  GLY n 
1 65  ASN n 
1 66  ALA n 
1 67  MET n 
1 68  ILE n 
1 69  ALA n 
1 70  LYS n 
1 71  GLU n 
1 72  GLU n 
1 73  ILE n 
1 74  VAL n 
1 75  ALA n 
1 76  ILE n 
1 77  ASP n 
1 78  GLU n 
1 79  GLU n 
1 80  ASP n 
1 81  LYS n 
1 82  SER n 
1 83  VAL n 
1 84  THR n 
1 85  PHE n 
1 86  LYS n 
1 87  VAL n 
1 88  VAL n 
1 89  GLU n 
1 90  GLY n 
1 91  HIS n 
1 92  LEU n 
1 93  PHE n 
1 94  GLU n 
1 95  GLU n 
1 96  PHE n 
1 97  LYS n 
1 98  SER n 
1 99  ILE n 
1 100 VAL n 
1 101 PHE n 
1 102 SER n 
1 103 VAL n 
1 104 HIS n 
1 105 VAL n 
1 106 ASP n 
1 107 THR n 
1 108 LYS n 
1 109 GLY n 
1 110 GLU n 
1 111 ASP n 
1 112 ASN n 
1 113 LEU n 
1 114 VAL n 
1 115 THR n 
1 116 TRP n 
1 117 SER n 
1 118 ILE n 
1 119 ASP n 
1 120 TYR n 
1 121 GLU n 
1 122 LYS n 
1 123 LEU n 
1 124 ASN n 
1 125 GLU n 
1 126 SER n 
1 127 VAL n 
1 128 LYS n 
1 129 ASP n 
1 130 PRO n 
1 131 THR n 
1 132 SER n 
1 133 TYR n 
1 134 LEU n 
1 135 ASP n 
1 136 PHE n 
1 137 LEU n 
1 138 LEU n 
1 139 SER n 
1 140 VAL n 
1 141 THR n 
1 142 ARG n 
1 143 ASP n 
1 144 ILE n 
1 145 GLU n 
1 146 ALA n 
1 147 HIS n 
1 148 HIS n 
1 149 LEU n 
1 150 PRO n 
1 151 LYS n 
# 
_entity_src_gen.entity_id                          1 
_entity_src_gen.pdbx_src_id                        1 
_entity_src_gen.pdbx_alt_source_flag               sample 
_entity_src_gen.pdbx_seq_type                      ? 
_entity_src_gen.pdbx_beg_seq_num                   ? 
_entity_src_gen.pdbx_end_seq_num                   ? 
_entity_src_gen.gene_src_common_name               'Chinese ginseng,Korean ginseng,ginseng,hong shen,insam,ninjin,ren seng' 
_entity_src_gen.gene_src_genus                     ? 
_entity_src_gen.pdbx_gene_src_gene                 mlp151 
_entity_src_gen.gene_src_species                   ? 
_entity_src_gen.gene_src_strain                    ? 
_entity_src_gen.gene_src_tissue                    ? 
_entity_src_gen.gene_src_tissue_fraction           ? 
_entity_src_gen.gene_src_details                   ? 
_entity_src_gen.pdbx_gene_src_fragment             ? 
_entity_src_gen.pdbx_gene_src_scientific_name      'Panax ginseng' 
_entity_src_gen.pdbx_gene_src_ncbi_taxonomy_id     4054 
_entity_src_gen.pdbx_gene_src_variant              ? 
_entity_src_gen.pdbx_gene_src_cell_line            ? 
_entity_src_gen.pdbx_gene_src_atcc                 ? 
_entity_src_gen.pdbx_gene_src_organ                ? 
_entity_src_gen.pdbx_gene_src_organelle            ? 
_entity_src_gen.pdbx_gene_src_cell                 ? 
_entity_src_gen.pdbx_gene_src_cellular_location    ? 
_entity_src_gen.host_org_common_name               ? 
_entity_src_gen.pdbx_host_org_scientific_name      'Escherichia coli' 
_entity_src_gen.pdbx_host_org_ncbi_taxonomy_id     562 
_entity_src_gen.host_org_genus                     ? 
_entity_src_gen.pdbx_host_org_gene                 ? 
_entity_src_gen.pdbx_host_org_organ                ? 
_entity_src_gen.host_org_species                   ? 
_entity_src_gen.pdbx_host_org_tissue               ? 
_entity_src_gen.pdbx_host_org_tissue_fraction      ? 
_entity_src_gen.pdbx_host_org_strain               ? 
_entity_src_gen.pdbx_host_org_variant              ? 
_entity_src_gen.pdbx_host_org_cell_line            ? 
_entity_src_gen.pdbx_host_org_atcc                 ? 
_entity_src_gen.pdbx_host_org_culture_collection   ? 
_entity_src_gen.pdbx_host_org_cell                 ? 
_entity_src_gen.pdbx_host_org_organelle            ? 
_entity_src_gen.pdbx_host_org_cellular_location    ? 
_entity_src_gen.pdbx_host_org_vector_type          ? 
_entity_src_gen.pdbx_host_org_vector               ? 
_entity_src_gen.host_org_details                   ? 
_entity_src_gen.expression_system_id               ? 
_entity_src_gen.plasmid_name                       ? 
_entity_src_gen.plasmid_details                    ? 
_entity_src_gen.pdbx_description                   ? 
# 
loop_
_chem_comp.id 
_chem_comp.type 
_chem_comp.mon_nstd_flag 
_chem_comp.name 
_chem_comp.pdbx_synonyms 
_chem_comp.formula 
_chem_comp.formula_weight 
ALA 'L-peptide linking' y ALANINE         ? 'C3 H7 N O2'     89.093  
ARG 'L-peptide linking' y ARGININE        ? 'C6 H15 N4 O2 1' 175.209 
ASN 'L-peptide linking' y ASPARAGINE      ? 'C4 H8 N2 O3'    132.118 
ASP 'L-peptide linking' y 'ASPARTIC ACID' ? 'C4 H7 N O4'     133.103 
CYS 'L-peptide linking' y CYSTEINE        ? 'C3 H7 N O2 S'   121.158 
GLN 'L-peptide linking' y GLUTAMINE       ? 'C5 H10 N2 O3'   146.144 
GLU 'L-peptide linking' y 'GLUTAMIC ACID' ? 'C5 H9 N O4'     147.129 
GLY 'peptide linking'   y GLYCINE         ? 'C2 H5 N O2'     75.067  
HIS 'L-peptide linking' y HISTIDINE       ? 'C6 H10 N3 O2 1' 156.162 
HOH non-polymer         . WATER           ? 'H2 O'           18.015  
ILE 'L-peptide linking' y ISOLEUCINE      ? 'C6 H13 N O2'    131.173 
LEU 'L-peptide linking' y LEUCINE         ? 'C6 H13 N O2'    131.173 
LYS 'L-peptide linking' y LYSINE          ? 'C6 H15 N2 O2 1' 147.195 
MET 'L-peptide linking' y METHIONINE      ? 'C5 H11 N O2 S'  149.211 
PHE 'L-peptide linking' y PHENYLALANINE   ? 'C9 H11 N O2'    165.189 
PRO 'L-peptide linking' y PROLINE         ? 'C5 H9 N O2'     115.130 
SER 'L-peptide linking' y SERINE          ? 'C3 H7 N O3'     105.093 
THR 'L-peptide linking' y THREONINE       ? 'C4 H9 N O3'     119.119 
TRP 'L-peptide linking' y TRYPTOPHAN      ? 'C11 H12 N2 O2'  204.225 
TYR 'L-peptide linking' y TYROSINE        ? 'C9 H11 N O3'    181.189 
VAL 'L-peptide linking' y VALINE          ? 'C5 H11 N O2'    117.146 
# 
loop_
_pdbx_poly_seq_scheme.asym_id 
_pdbx_poly_seq_scheme.entity_id 
_pdbx_poly_seq_scheme.seq_id 
_pdbx_poly_seq_scheme.mon_id 
_pdbx_poly_seq_scheme.ndb_seq_num 
_pdbx_poly_seq_scheme.pdb_seq_num 
_pdbx_poly_seq_scheme.auth_seq_num 
_pdbx_poly_seq_scheme.pdb_mon_id 
_pdbx_poly_seq_scheme.auth_mon_id 
_pdbx_poly_seq_scheme.pdb_strand_id 
_pdbx_poly_seq_scheme.pdb_ins_code 
_pdbx_poly_seq_scheme.hetero 
A 1 1   MET 1   1   ?   ?   ?   A . n 
A 1 2   GLY 2   2   2   GLY GLY A . n 
A 1 3   LEU 3   3   3   LEU LEU A . n 
A 1 4   THR 4   4   4   THR THR A . n 
A 1 5   GLY 5   5   5   GLY GLY A . n 
A 1 6   LYS 6   6   6   LYS LYS A . n 
A 1 7   LEU 7   7   7   LEU LEU A . n 
A 1 8   ILE 8   8   8   ILE ILE A . n 
A 1 9   CYS 9   9   9   CYS CYS A . n 
A 1 10  GLN 10  10  10  GLN GLN A . n 
A 1 11  THR 11  11  11  THR THR A . n 
A 1 12  GLY 12  12  12  GLY GLY A . n 
A 1 13  ILE 13  13  13  ILE ILE A . n 
A 1 14  LYS 14  14  14  LYS LYS A . n 
A 1 15  SER 15  15  15  SER SER A . n 
A 1 16  ASP 16  16  16  ASP ASP A . n 
A 1 17  GLY 17  17  17  GLY GLY A . n 
A 1 18  ASP 18  18  18  ASP ASP A . n 
A 1 19  VAL 19  19  19  VAL VAL A . n 
A 1 20  PHE 20  20  20  PHE PHE A . n 
A 1 21  HIS 21  21  21  HIS HIS A . n 
A 1 22  GLU 22  22  22  GLU GLU A . n 
A 1 23  LEU 23  23  23  LEU LEU A . n 
A 1 24  PHE 24  24  24  PHE PHE A . n 
A 1 25  GLY 25  25  25  GLY GLY A . n 
A 1 26  THR 26  26  26  THR THR A . n 
A 1 27  ARG 27  27  27  ARG ARG A . n 
A 1 28  PRO 28  28  28  PRO PRO A . n 
A 1 29  HIS 29  29  29  HIS HIS A . n 
A 1 30  HIS 30  30  30  HIS HIS A . n 
A 1 31  VAL 31  31  31  VAL VAL A . n 
A 1 32  PRO 32  32  32  PRO PRO A . n 
A 1 33  ASN 33  33  33  ASN ASN A . n 
A 1 34  ILE 34  34  34  ILE ILE A . n 
A 1 35  THR 35  35  35  THR THR A . n 
A 1 36  PRO 36  36  36  PRO PRO A . n 
A 1 37  ALA 37  37  37  ALA ALA A . n 
A 1 38  ASN 38  38  38  ASN ASN A . n 
A 1 39  ILE 39  39  39  ILE ILE A . n 
A 1 40  GLN 40  40  40  GLN GLN A . n 
A 1 41  GLY 41  41  41  GLY GLY A . n 
A 1 42  CYS 42  42  42  CYS CYS A . n 
A 1 43  ASP 43  43  43  ASP ASP A . n 
A 1 44  LEU 44  44  44  LEU LEU A . n 
A 1 45  HIS 45  45  45  HIS HIS A . n 
A 1 46  GLU 46  46  46  GLU GLU A . n 
A 1 47  GLY 47  47  47  GLY GLY A . n 
A 1 48  GLU 48  48  48  GLU GLU A . n 
A 1 49  PHE 49  49  49  PHE PHE A . n 
A 1 50  GLY 50  50  50  GLY GLY A . n 
A 1 51  LYS 51  51  51  LYS LYS A . n 
A 1 52  VAL 52  52  52  VAL VAL A . n 
A 1 53  GLY 53  53  53  GLY GLY A . n 
A 1 54  SER 54  54  54  SER SER A . n 
A 1 55  VAL 55  55  55  VAL VAL A . n 
A 1 56  VAL 56  56  56  VAL VAL A . n 
A 1 57  ILE 57  57  57  ILE ILE A . n 
A 1 58  TRP 58  58  58  TRP TRP A . n 
A 1 59  ASN 59  59  59  ASN ASN A . n 
A 1 60  TYR 60  60  60  TYR TYR A . n 
A 1 61  SER 61  61  61  SER SER A . n 
A 1 62  ILE 62  62  62  ILE ILE A . n 
A 1 63  ASP 63  63  63  ASP ASP A . n 
A 1 64  GLY 64  64  64  GLY GLY A . n 
A 1 65  ASN 65  65  65  ASN ASN A . n 
A 1 66  ALA 66  66  66  ALA ALA A . n 
A 1 67  MET 67  67  67  MET MET A . n 
A 1 68  ILE 68  68  68  ILE ILE A . n 
A 1 69  ALA 69  69  69  ALA ALA A . n 
A 1 70  LYS 70  70  70  LYS LYS A . n 
A 1 71  GLU 71  71  71  GLU GLU A . n 
A 1 72  GLU 72  72  72  GLU GLU A . n 
A 1 73  ILE 73  73  73  ILE ILE A . n 
A 1 74  VAL 74  74  74  VAL VAL A . n 
A 1 75  ALA 75  75  75  ALA ALA A . n 
A 1 76  ILE 76  76  76  ILE ILE A . n 
A 1 77  ASP 77  77  77  ASP ASP A . n 
A 1 78  GLU 78  78  78  GLU GLU A . n 
A 1 79  GLU 79  79  79  GLU GLU A . n 
A 1 80  ASP 80  80  80  ASP ASP A . n 
A 1 81  LYS 81  81  81  LYS LYS A . n 
A 1 82  SER 82  82  82  SER SER A . n 
A 1 83  VAL 83  83  83  VAL VAL A . n 
A 1 84  THR 84  84  84  THR THR A . n 
A 1 85  PHE 85  85  85  PHE PHE A . n 
A 1 86  LYS 86  86  86  LYS LYS A . n 
A 1 87  VAL 87  87  87  VAL VAL A . n 
A 1 88  VAL 88  88  88  VAL VAL A . n 
A 1 89  GLU 89  89  89  GLU GLU A . n 
A 1 90  GLY 90  90  90  GLY GLY A . n 
A 1 91  HIS 91  91  91  HIS HIS A . n 
A 1 92  LEU 92  92  92  LEU LEU A . n 
A 1 93  PHE 93  93  93  PHE PHE A . n 
A 1 94  GLU 94  94  94  GLU GLU A . n 
A 1 95  GLU 95  95  95  GLU GLU A . n 
A 1 96  PHE 96  96  96  PHE PHE A . n 
A 1 97  LYS 97  97  97  LYS LYS A . n 
A 1 98  SER 98  98  98  SER SER A . n 
A 1 99  ILE 99  99  99  ILE ILE A . n 
A 1 100 VAL 100 100 100 VAL VAL A . n 
A 1 101 PHE 101 101 101 PHE PHE A . n 
A 1 102 SER 102 102 102 SER SER A . n 
A 1 103 VAL 103 103 103 VAL VAL A . n 
A 1 104 HIS 104 104 104 HIS HIS A . n 
A 1 105 VAL 105 105 105 VAL VAL A . n 
A 1 106 ASP 106 106 106 ASP ASP A . n 
A 1 107 THR 107 107 107 THR THR A . n 
A 1 108 LYS 108 108 108 LYS LYS A . n 
A 1 109 GLY 109 109 109 GLY GLY A . n 
A 1 110 GLU 110 110 110 GLU GLU A . n 
A 1 111 ASP 111 111 111 ASP ASP A . n 
A 1 112 ASN 112 112 112 ASN ASN A . n 
A 1 113 LEU 113 113 113 LEU LEU A . n 
A 1 114 VAL 114 114 114 VAL VAL A . n 
A 1 115 THR 115 115 115 THR THR A . n 
A 1 116 TRP 116 116 116 TRP TRP A . n 
A 1 117 SER 117 117 117 SER SER A . n 
A 1 118 ILE 118 118 118 ILE ILE A . n 
A 1 119 ASP 119 119 119 ASP ASP A . n 
A 1 120 TYR 120 120 120 TYR TYR A . n 
A 1 121 GLU 121 121 121 GLU GLU A . n 
A 1 122 LYS 122 122 122 LYS LYS A . n 
A 1 123 LEU 123 123 123 LEU LEU A . n 
A 1 124 ASN 124 124 124 ASN ASN A . n 
A 1 125 GLU 125 125 125 GLU GLU A . n 
A 1 126 SER 126 126 126 SER SER A . n 
A 1 127 VAL 127 127 127 VAL VAL A . n 
A 1 128 LYS 128 128 128 LYS LYS A . n 
A 1 129 ASP 129 129 129 ASP ASP A . n 
A 1 130 PRO 130 130 130 PRO PRO A . n 
A 1 131 THR 131 131 131 THR THR A . n 
A 1 132 SER 132 132 132 SER SER A . n 
A 1 133 TYR 133 133 133 TYR TYR A . n 
A 1 134 LEU 134 134 134 LEU LEU A . n 
A 1 135 ASP 135 135 135 ASP ASP A . n 
A 1 136 PHE 136 136 136 PHE PHE A . n 
A 1 137 LEU 137 137 137 LEU LEU A . n 
A 1 138 LEU 138 138 138 LEU LEU A . n 
A 1 139 SER 139 139 139 SER SER A . n 
A 1 140 VAL 140 140 140 VAL VAL A . n 
A 1 141 THR 141 141 141 THR THR A . n 
A 1 142 ARG 142 142 142 ARG ARG A . n 
A 1 143 ASP 143 143 143 ASP ASP A . n 
A 1 144 ILE 144 144 144 ILE ILE A . n 
A 1 145 GLU 145 145 145 GLU GLU A . n 
A 1 146 ALA 146 146 146 ALA ALA A . n 
A 1 147 HIS 147 147 147 HIS HIS A . n 
A 1 148 HIS 148 148 148 HIS HIS A . n 
A 1 149 LEU 149 149 149 LEU LEU A . n 
A 1 150 PRO 150 150 150 PRO PRO A . n 
A 1 151 LYS 151 151 ?   ?   ?   A . n 
# 
loop_
_pdbx_nonpoly_scheme.asym_id 
_pdbx_nonpoly_scheme.entity_id 
_pdbx_nonpoly_scheme.mon_id 
_pdbx_nonpoly_scheme.ndb_seq_num 
_pdbx_nonpoly_scheme.pdb_seq_num 
_pdbx_nonpoly_scheme.auth_seq_num 
_pdbx_nonpoly_scheme.pdb_mon_id 
_pdbx_nonpoly_scheme.auth_mon_id 
_pdbx_nonpoly_scheme.pdb_strand_id 
_pdbx_nonpoly_scheme.pdb_ins_code 
B 2 HOH 1   201 1   HOH HOH A . 
B 2 HOH 2   202 2   HOH HOH A . 
B 2 HOH 3   203 3   HOH HOH A . 
B 2 HOH 4   204 4   HOH HOH A . 
B 2 HOH 5   205 5   HOH HOH A . 
B 2 HOH 6   206 6   HOH HOH A . 
B 2 HOH 7   207 7   HOH HOH A . 
B 2 HOH 8   208 8   HOH HOH A . 
B 2 HOH 9   209 9   HOH HOH A . 
B 2 HOH 10  210 10  HOH HOH A . 
B 2 HOH 11  211 11  HOH HOH A . 
B 2 HOH 12  212 12  HOH HOH A . 
B 2 HOH 13  213 13  HOH HOH A . 
B 2 HOH 14  214 14  HOH HOH A . 
B 2 HOH 15  215 15  HOH HOH A . 
B 2 HOH 16  216 16  HOH HOH A . 
B 2 HOH 17  217 17  HOH HOH A . 
B 2 HOH 18  218 18  HOH HOH A . 
B 2 HOH 19  219 19  HOH HOH A . 
B 2 HOH 20  220 20  HOH HOH A . 
B 2 HOH 21  221 21  HOH HOH A . 
B 2 HOH 22  222 22  HOH HOH A . 
B 2 HOH 23  223 23  HOH HOH A . 
B 2 HOH 24  224 24  HOH HOH A . 
B 2 HOH 25  225 25  HOH HOH A . 
B 2 HOH 26  226 26  HOH HOH A . 
B 2 HOH 27  227 27  HOH HOH A . 
B 2 HOH 28  228 28  HOH HOH A . 
B 2 HOH 29  229 29  HOH HOH A . 
B 2 HOH 30  230 30  HOH HOH A . 
B 2 HOH 31  231 31  HOH HOH A . 
B 2 HOH 32  232 32  HOH HOH A . 
B 2 HOH 33  233 33  HOH HOH A . 
B 2 HOH 34  234 34  HOH HOH A . 
B 2 HOH 35  235 35  HOH HOH A . 
B 2 HOH 36  236 36  HOH HOH A . 
B 2 HOH 37  237 37  HOH HOH A . 
B 2 HOH 38  238 38  HOH HOH A . 
B 2 HOH 39  239 39  HOH HOH A . 
B 2 HOH 40  240 40  HOH HOH A . 
B 2 HOH 41  241 41  HOH HOH A . 
B 2 HOH 42  242 42  HOH HOH A . 
B 2 HOH 43  243 43  HOH HOH A . 
B 2 HOH 44  244 44  HOH HOH A . 
B 2 HOH 45  245 45  HOH HOH A . 
B 2 HOH 46  246 46  HOH HOH A . 
B 2 HOH 47  247 47  HOH HOH A . 
B 2 HOH 48  248 48  HOH HOH A . 
B 2 HOH 49  249 49  HOH HOH A . 
B 2 HOH 50  250 50  HOH HOH A . 
B 2 HOH 51  251 51  HOH HOH A . 
B 2 HOH 52  252 52  HOH HOH A . 
B 2 HOH 53  253 53  HOH HOH A . 
B 2 HOH 54  254 54  HOH HOH A . 
B 2 HOH 55  255 55  HOH HOH A . 
B 2 HOH 56  256 56  HOH HOH A . 
B 2 HOH 57  257 57  HOH HOH A . 
B 2 HOH 58  258 58  HOH HOH A . 
B 2 HOH 59  259 59  HOH HOH A . 
B 2 HOH 60  260 60  HOH HOH A . 
B 2 HOH 61  261 61  HOH HOH A . 
B 2 HOH 62  262 62  HOH HOH A . 
B 2 HOH 63  263 63  HOH HOH A . 
B 2 HOH 64  264 64  HOH HOH A . 
B 2 HOH 65  265 65  HOH HOH A . 
B 2 HOH 66  266 66  HOH HOH A . 
B 2 HOH 67  267 67  HOH HOH A . 
B 2 HOH 68  268 68  HOH HOH A . 
B 2 HOH 69  269 69  HOH HOH A . 
B 2 HOH 70  270 70  HOH HOH A . 
B 2 HOH 71  271 71  HOH HOH A . 
B 2 HOH 72  272 72  HOH HOH A . 
B 2 HOH 73  273 73  HOH HOH A . 
B 2 HOH 74  274 74  HOH HOH A . 
B 2 HOH 75  275 75  HOH HOH A . 
B 2 HOH 76  276 76  HOH HOH A . 
B 2 HOH 77  277 77  HOH HOH A . 
B 2 HOH 78  278 78  HOH HOH A . 
B 2 HOH 79  279 79  HOH HOH A . 
B 2 HOH 80  280 80  HOH HOH A . 
B 2 HOH 81  281 81  HOH HOH A . 
B 2 HOH 82  282 82  HOH HOH A . 
B 2 HOH 83  283 83  HOH HOH A . 
B 2 HOH 84  284 84  HOH HOH A . 
B 2 HOH 85  285 85  HOH HOH A . 
B 2 HOH 86  286 86  HOH HOH A . 
B 2 HOH 87  287 87  HOH HOH A . 
B 2 HOH 88  288 88  HOH HOH A . 
B 2 HOH 89  289 89  HOH HOH A . 
B 2 HOH 90  290 90  HOH HOH A . 
B 2 HOH 91  291 91  HOH HOH A . 
B 2 HOH 92  292 92  HOH HOH A . 
B 2 HOH 93  293 93  HOH HOH A . 
B 2 HOH 94  294 94  HOH HOH A . 
B 2 HOH 95  295 95  HOH HOH A . 
B 2 HOH 96  296 96  HOH HOH A . 
B 2 HOH 97  297 97  HOH HOH A . 
B 2 HOH 98  298 98  HOH HOH A . 
B 2 HOH 99  299 99  HOH HOH A . 
B 2 HOH 100 300 100 HOH HOH A . 
B 2 HOH 101 301 101 HOH HOH A . 
B 2 HOH 102 302 102 HOH HOH A . 
B 2 HOH 103 303 103 HOH HOH A . 
B 2 HOH 104 304 104 HOH HOH A . 
B 2 HOH 105 305 105 HOH HOH A . 
B 2 HOH 106 306 106 HOH HOH A . 
B 2 HOH 107 307 107 HOH HOH A . 
B 2 HOH 108 308 108 HOH HOH A . 
B 2 HOH 109 309 109 HOH HOH A . 
B 2 HOH 110 310 110 HOH HOH A . 
B 2 HOH 111 311 111 HOH HOH A . 
B 2 HOH 112 312 112 HOH HOH A . 
B 2 HOH 113 313 113 HOH HOH A . 
B 2 HOH 114 314 114 HOH HOH A . 
B 2 HOH 115 315 115 HOH HOH A . 
B 2 HOH 116 316 116 HOH HOH A . 
B 2 HOH 117 317 117 HOH HOH A . 
B 2 HOH 118 318 118 HOH HOH A . 
B 2 HOH 119 319 119 HOH HOH A . 
B 2 HOH 120 320 120 HOH HOH A . 
B 2 HOH 121 321 121 HOH HOH A . 
B 2 HOH 122 322 122 HOH HOH A . 
B 2 HOH 123 323 123 HOH HOH A . 
B 2 HOH 124 324 124 HOH HOH A . 
B 2 HOH 125 325 125 HOH HOH A . 
B 2 HOH 126 326 126 HOH HOH A . 
B 2 HOH 127 327 127 HOH HOH A . 
B 2 HOH 128 328 128 HOH HOH A . 
B 2 HOH 129 329 129 HOH HOH A . 
B 2 HOH 130 330 130 HOH HOH A . 
B 2 HOH 131 331 131 HOH HOH A . 
B 2 HOH 132 332 132 HOH HOH A . 
B 2 HOH 133 333 133 HOH HOH A . 
B 2 HOH 134 334 134 HOH HOH A . 
B 2 HOH 135 335 135 HOH HOH A . 
B 2 HOH 136 336 136 HOH HOH A . 
B 2 HOH 137 337 137 HOH HOH A . 
B 2 HOH 138 338 138 HOH HOH A . 
B 2 HOH 139 339 139 HOH HOH A . 
B 2 HOH 140 340 140 HOH HOH A . 
B 2 HOH 141 341 141 HOH HOH A . 
B 2 HOH 142 342 142 HOH HOH A . 
B 2 HOH 143 343 143 HOH HOH A . 
B 2 HOH 144 344 144 HOH HOH A . 
B 2 HOH 145 345 145 HOH HOH A . 
B 2 HOH 146 346 146 HOH HOH A . 
B 2 HOH 147 347 147 HOH HOH A . 
B 2 HOH 148 348 148 HOH HOH A . 
B 2 HOH 149 349 149 HOH HOH A . 
B 2 HOH 150 350 150 HOH HOH A . 
B 2 HOH 151 351 151 HOH HOH A . 
B 2 HOH 152 352 152 HOH HOH A . 
B 2 HOH 153 353 153 HOH HOH A . 
B 2 HOH 154 354 154 HOH HOH A . 
B 2 HOH 155 355 155 HOH HOH A . 
B 2 HOH 156 356 156 HOH HOH A . 
B 2 HOH 157 357 157 HOH HOH A . 
B 2 HOH 158 358 158 HOH HOH A . 
B 2 HOH 159 359 159 HOH HOH A . 
B 2 HOH 160 360 160 HOH HOH A . 
B 2 HOH 161 361 161 HOH HOH A . 
# 
loop_
_software.name 
_software.classification 
_software.version 
_software.citation_id 
_software.pdbx_ordinal 
HKL-2000 'data collection' .        ? 1 
MOLREP   phasing           .        ? 2 
REFMAC   refinement        5.7.0029 ? 3 
HKL-2000 'data reduction'  .        ? 4 
HKL-2000 'data scaling'    .        ? 5 
# 
_cell.entry_id           4REH 
_cell.length_a           61.810 
_cell.length_b           61.810 
_cell.length_c           91.212 
_cell.angle_alpha        90.00 
_cell.angle_beta         90.00 
_cell.angle_gamma        120.00 
_cell.Z_PDB              6 
_cell.pdbx_unique_axis   ? 
_cell.length_a_esd       ? 
_cell.length_b_esd       ? 
_cell.length_c_esd       ? 
_cell.angle_alpha_esd    ? 
_cell.angle_beta_esd     ? 
_cell.angle_gamma_esd    ? 
# 
_symmetry.entry_id                         4REH 
_symmetry.space_group_name_H-M             'P 31 2 1' 
_symmetry.pdbx_full_space_group_name_H-M   ? 
_symmetry.cell_setting                     ? 
_symmetry.Int_Tables_number                152 
_symmetry.space_group_name_Hall            ? 
# 
_exptl.entry_id          4REH 
_exptl.method            'X-RAY DIFFRACTION' 
_exptl.crystals_number   1 
# 
_exptl_crystal.id                    1 
_exptl_crystal.density_meas          ? 
_exptl_crystal.density_Matthews      2.98 
_exptl_crystal.density_percent_sol   58.69 
_exptl_crystal.description           ? 
_exptl_crystal.F_000                 ? 
_exptl_crystal.preparation           ? 
# 
_exptl_crystal_grow.crystal_id      1 
_exptl_crystal_grow.method          'VAPOR DIFFUSION, SITTING DROP' 
_exptl_crystal_grow.temp            287 
_exptl_crystal_grow.temp_details    ? 
_exptl_crystal_grow.pH              6.5 
_exptl_crystal_grow.pdbx_details    
'5% (v/v) Isopropanol, and 2 M Ammonium citrate/Citric acid, pH 6.5, VAPOR DIFFUSION, SITTING DROP, temperature 287K' 
_exptl_crystal_grow.pdbx_pH_range   ? 
# 
_diffrn.id                     1 
_diffrn.ambient_temp           100 
_diffrn.ambient_temp_details   ? 
_diffrn.crystal_id             1 
# 
_diffrn_detector.diffrn_id              1 
_diffrn_detector.detector               CCD 
_diffrn_detector.type                   'ADSC QUANTUM 315r' 
_diffrn_detector.pdbx_collection_date   2013-05-08 
_diffrn_detector.details                ? 
# 
_diffrn_radiation.diffrn_id                        1 
_diffrn_radiation.wavelength_id                    1 
_diffrn_radiation.pdbx_monochromatic_or_laue_m_l   M 
_diffrn_radiation.monochromator                    ? 
_diffrn_radiation.pdbx_diffrn_protocol             'SINGLE WAVELENGTH' 
_diffrn_radiation.pdbx_scattering_type             x-ray 
# 
_diffrn_radiation_wavelength.id           1 
_diffrn_radiation_wavelength.wavelength   0.97949 
_diffrn_radiation_wavelength.wt           1.0 
# 
_diffrn_source.diffrn_id                   1 
_diffrn_source.source                      SYNCHROTRON 
_diffrn_source.type                        'PAL/PLS BEAMLINE 5C (4A)' 
_diffrn_source.pdbx_synchrotron_site       PAL/PLS 
_diffrn_source.pdbx_synchrotron_beamline   '5C (4A)' 
_diffrn_source.pdbx_wavelength             ? 
_diffrn_source.pdbx_wavelength_list        0.97949 
# 
_reflns.entry_id                     4REH 
_reflns.observed_criterion_sigma_I   508.2 
_reflns.observed_criterion_sigma_F   8.2 
_reflns.d_resolution_low             50.00 
_reflns.d_resolution_high            1.50 
_reflns.number_obs                   32837 
_reflns.number_all                   ? 
_reflns.percent_possible_obs         99.7 
_reflns.pdbx_Rmerge_I_obs            ? 
_reflns.pdbx_Rsym_value              ? 
_reflns.pdbx_netI_over_sigmaI        ? 
_reflns.B_iso_Wilson_estimate        ? 
_reflns.pdbx_redundancy              ? 
_reflns.R_free_details               ? 
_reflns.limit_h_max                  ? 
_reflns.limit_h_min                  ? 
_reflns.limit_k_max                  ? 
_reflns.limit_k_min                  ? 
_reflns.limit_l_max                  ? 
_reflns.limit_l_min                  ? 
_reflns.observed_criterion_F_max     ? 
_reflns.observed_criterion_F_min     ? 
_reflns.pdbx_chi_squared             ? 
_reflns.pdbx_scaling_rejects         ? 
_reflns.pdbx_ordinal                 1 
_reflns.pdbx_diffrn_id               1 
# 
_reflns_shell.d_res_high             1.50 
_reflns_shell.d_res_low              1.53 
_reflns_shell.percent_possible_all   100 
_reflns_shell.Rmerge_I_obs           ? 
_reflns_shell.pdbx_Rsym_value        ? 
_reflns_shell.meanI_over_sigI_obs    ? 
_reflns_shell.pdbx_redundancy        ? 
_reflns_shell.percent_possible_obs   ? 
_reflns_shell.number_unique_all      ? 
_reflns_shell.number_measured_all    ? 
_reflns_shell.number_measured_obs    ? 
_reflns_shell.number_unique_obs      ? 
_reflns_shell.pdbx_chi_squared       ? 
_reflns_shell.pdbx_ordinal           1 
_reflns_shell.pdbx_diffrn_id         1 
# 
_refine.entry_id                                 4REH 
_refine.ls_number_reflns_obs                     31128 
_refine.ls_number_reflns_all                     ? 
_refine.pdbx_ls_sigma_I                          ? 
_refine.pdbx_ls_sigma_F                          . 
_refine.pdbx_data_cutoff_high_absF               ? 
_refine.pdbx_data_cutoff_low_absF                ? 
_refine.pdbx_data_cutoff_high_rms_absF           ? 
_refine.ls_d_res_low                             29.27 
_refine.ls_d_res_high                            1.50 
_refine.ls_percent_reflns_obs                    99.66 
_refine.ls_R_factor_obs                          0.18213 
_refine.ls_R_factor_all                          ? 
_refine.ls_R_factor_R_work                       0.18033 
_refine.ls_R_factor_R_free                       0.21635 
_refine.ls_R_factor_R_free_error                 ? 
_refine.ls_R_factor_R_free_error_details         ? 
_refine.ls_percent_reflns_R_free                 5.1 
_refine.ls_number_reflns_R_free                  1666 
_refine.ls_number_parameters                     ? 
_refine.ls_number_restraints                     ? 
_refine.occupancy_min                            ? 
_refine.occupancy_max                            ? 
_refine.correlation_coeff_Fo_to_Fc               0.965 
_refine.correlation_coeff_Fo_to_Fc_free          0.949 
_refine.B_iso_mean                               21.058 
_refine.aniso_B[1][1]                            0.00 
_refine.aniso_B[2][2]                            0.00 
_refine.aniso_B[3][3]                            -0.00 
_refine.aniso_B[1][2]                            0.00 
_refine.aniso_B[1][3]                            -0.00 
_refine.aniso_B[2][3]                            -0.00 
_refine.solvent_model_details                    MASK 
_refine.solvent_model_param_ksol                 ? 
_refine.solvent_model_param_bsol                 ? 
_refine.pdbx_solvent_vdw_probe_radii             1.20 
_refine.pdbx_solvent_ion_probe_radii             0.80 
_refine.pdbx_solvent_shrinkage_radii             0.80 
_refine.pdbx_ls_cross_valid_method               THROUGHOUT 
_refine.details                                  'HYDROGENS HAVE BEEN ADDED IN THE RIDING POSITIONS' 
_refine.pdbx_starting_model                      ? 
_refine.pdbx_method_to_determine_struct          'MOLECULAR REPLACEMENT' 
_refine.pdbx_isotropic_thermal_model             ? 
_refine.pdbx_stereochemistry_target_values       'MAXIMUM LIKELIHOOD' 
_refine.pdbx_stereochem_target_val_spec_case     ? 
_refine.pdbx_R_Free_selection_details            RANDOM 
_refine.pdbx_overall_ESU_R                       0.063 
_refine.pdbx_overall_ESU_R_Free                  0.069 
_refine.overall_SU_ML                            0.042 
_refine.pdbx_overall_phase_error                 ? 
_refine.overall_SU_B                             1.113 
_refine.overall_SU_R_Cruickshank_DPI             ? 
_refine.ls_redundancy_reflns_obs                 ? 
_refine.B_iso_min                                ? 
_refine.B_iso_max                                ? 
_refine.overall_SU_R_free                        ? 
_refine.ls_wR_factor_R_free                      ? 
_refine.ls_wR_factor_R_work                      ? 
_refine.overall_FOM_free_R_set                   ? 
_refine.overall_FOM_work_R_set                   ? 
_refine.pdbx_diffrn_id                           1 
_refine.pdbx_refine_id                           'X-RAY DIFFRACTION' 
_refine.pdbx_TLS_residual_ADP_flag               ? 
_refine.pdbx_overall_SU_R_free_Cruickshank_DPI   ? 
_refine.pdbx_overall_SU_R_Blow_DPI               ? 
_refine.pdbx_overall_SU_R_free_Blow_DPI          ? 
# 
_refine_hist.pdbx_refine_id                   'X-RAY DIFFRACTION' 
_refine_hist.cycle_id                         LAST 
_refine_hist.pdbx_number_atoms_protein        1172 
_refine_hist.pdbx_number_atoms_nucleic_acid   0 
_refine_hist.pdbx_number_atoms_ligand         0 
_refine_hist.number_atoms_solvent             161 
_refine_hist.number_atoms_total               1333 
_refine_hist.d_res_high                       1.50 
_refine_hist.d_res_low                        29.27 
# 
loop_
_refine_ls_restr.type 
_refine_ls_restr.dev_ideal 
_refine_ls_restr.dev_ideal_target 
_refine_ls_restr.weight 
_refine_ls_restr.number 
_refine_ls_restr.pdbx_restraint_function 
_refine_ls_restr.pdbx_refine_id 
r_bond_refined_d             0.030  0.019  ? 1222 ? 'X-RAY DIFFRACTION' 
r_bond_other_d               0.001  0.020  ? 1135 ? 'X-RAY DIFFRACTION' 
r_angle_refined_deg          2.640  1.935  ? 1659 ? 'X-RAY DIFFRACTION' 
r_angle_other_deg            0.998  3.000  ? 2629 ? 'X-RAY DIFFRACTION' 
r_dihedral_angle_1_deg       6.094  5.000  ? 151  ? 'X-RAY DIFFRACTION' 
r_dihedral_angle_2_deg       41.373 25.517 ? 58   ? 'X-RAY DIFFRACTION' 
r_dihedral_angle_3_deg       13.436 15.000 ? 206  ? 'X-RAY DIFFRACTION' 
r_dihedral_angle_4_deg       10.253 15.000 ? 2    ? 'X-RAY DIFFRACTION' 
r_chiral_restr               0.159  0.200  ? 186  ? 'X-RAY DIFFRACTION' 
r_gen_planes_refined         0.013  0.020  ? 1385 ? 'X-RAY DIFFRACTION' 
r_gen_planes_other           0.001  0.020  ? 271  ? 'X-RAY DIFFRACTION' 
r_nbd_refined                ?      ?      ? ?    ? 'X-RAY DIFFRACTION' 
r_nbd_other                  ?      ?      ? ?    ? 'X-RAY DIFFRACTION' 
r_nbtor_refined              ?      ?      ? ?    ? 'X-RAY DIFFRACTION' 
r_nbtor_other                ?      ?      ? ?    ? 'X-RAY DIFFRACTION' 
r_xyhbond_nbd_refined        ?      ?      ? ?    ? 'X-RAY DIFFRACTION' 
r_xyhbond_nbd_other          ?      ?      ? ?    ? 'X-RAY DIFFRACTION' 
r_metal_ion_refined          ?      ?      ? ?    ? 'X-RAY DIFFRACTION' 
r_metal_ion_other            ?      ?      ? ?    ? 'X-RAY DIFFRACTION' 
r_symmetry_vdw_refined       ?      ?      ? ?    ? 'X-RAY DIFFRACTION' 
r_symmetry_vdw_other         ?      ?      ? ?    ? 'X-RAY DIFFRACTION' 
r_symmetry_hbond_refined     ?      ?      ? ?    ? 'X-RAY DIFFRACTION' 
r_symmetry_hbond_other       ?      ?      ? ?    ? 'X-RAY DIFFRACTION' 
r_symmetry_metal_ion_refined ?      ?      ? ?    ? 'X-RAY DIFFRACTION' 
r_symmetry_metal_ion_other   ?      ?      ? ?    ? 'X-RAY DIFFRACTION' 
r_mcbond_it                  ?      ?      ? ?    ? 'X-RAY DIFFRACTION' 
r_mcbond_other               ?      ?      ? ?    ? 'X-RAY DIFFRACTION' 
r_mcangle_it                 ?      ?      ? ?    ? 'X-RAY DIFFRACTION' 
r_mcangle_other              ?      ?      ? ?    ? 'X-RAY DIFFRACTION' 
r_scbond_it                  ?      ?      ? ?    ? 'X-RAY DIFFRACTION' 
r_scbond_other               ?      ?      ? ?    ? 'X-RAY DIFFRACTION' 
r_scangle_it                 ?      ?      ? ?    ? 'X-RAY DIFFRACTION' 
r_scangle_other              ?      ?      ? ?    ? 'X-RAY DIFFRACTION' 
r_long_range_B_refined       ?      ?      ? ?    ? 'X-RAY DIFFRACTION' 
r_long_range_B_other         ?      ?      ? ?    ? 'X-RAY DIFFRACTION' 
r_rigid_bond_restr           ?      ?      ? ?    ? 'X-RAY DIFFRACTION' 
r_sphericity_free            ?      ?      ? ?    ? 'X-RAY DIFFRACTION' 
r_sphericity_bonded          ?      ?      ? ?    ? 'X-RAY DIFFRACTION' 
# 
_refine_ls_shell.pdbx_total_number_of_bins_used   20 
_refine_ls_shell.d_res_high                       1.500 
_refine_ls_shell.d_res_low                        1.539 
_refine_ls_shell.number_reflns_R_work             2263 
_refine_ls_shell.R_factor_R_work                  0.228 
_refine_ls_shell.percent_reflns_obs               100.00 
_refine_ls_shell.R_factor_R_free                  0.301 
_refine_ls_shell.R_factor_R_free_error            ? 
_refine_ls_shell.percent_reflns_R_free            ? 
_refine_ls_shell.number_reflns_R_free             121 
_refine_ls_shell.number_reflns_all                ? 
_refine_ls_shell.R_factor_all                     ? 
_refine_ls_shell.number_reflns_obs                ? 
_refine_ls_shell.redundancy_reflns_obs            ? 
_refine_ls_shell.pdbx_refine_id                   'X-RAY DIFFRACTION' 
# 
_struct.entry_id                  4REH 
_struct.title                     'Crystal structure of ginseng major latex-like protein 151 (GLP) from Panax ginseng. (crystal-1)' 
_struct.pdbx_model_details        ? 
_struct.pdbx_CASP_flag            ? 
_struct.pdbx_model_type_details   ? 
# 
_struct_keywords.entry_id        4REH 
_struct_keywords.pdbx_keywords   'PROTEIN BINDING' 
_struct_keywords.text            'latex-like protein, PROTEIN BINDING' 
# 
loop_
_struct_asym.id 
_struct_asym.pdbx_blank_PDB_chainid_flag 
_struct_asym.pdbx_modified 
_struct_asym.entity_id 
_struct_asym.details 
A N N 1 ? 
B N N 2 ? 
# 
_struct_ref.id                         1 
_struct_ref.db_name                    UNP 
_struct_ref.db_code                    B5THI3_PANGI 
_struct_ref.pdbx_db_accession          B5THI3 
_struct_ref.entity_id                  1 
_struct_ref.pdbx_seq_one_letter_code   
;MGLTGKLICQTGIKSDGDVFHELFGTRPHHVPNITPANIQGCDLHEGEFGKVGSVVIWNYSIDGNAMIAKEEIVAIDEED
KSVTFKVVEGHLFEEFKSIVFSVHVDTKGEDNLVTWSIDYEKLNESVKDPTSYLDFLLSVTRDIEAHHLPK
;
_struct_ref.pdbx_align_begin           1 
_struct_ref.pdbx_db_isoform            ? 
# 
_struct_ref_seq.align_id                      1 
_struct_ref_seq.ref_id                        1 
_struct_ref_seq.pdbx_PDB_id_code              4REH 
_struct_ref_seq.pdbx_strand_id                A 
_struct_ref_seq.seq_align_beg                 1 
_struct_ref_seq.pdbx_seq_align_beg_ins_code   ? 
_struct_ref_seq.seq_align_end                 151 
_struct_ref_seq.pdbx_seq_align_end_ins_code   ? 
_struct_ref_seq.pdbx_db_accession             B5THI3 
_struct_ref_seq.db_align_beg                  1 
_struct_ref_seq.pdbx_db_align_beg_ins_code    ? 
_struct_ref_seq.db_align_end                  151 
_struct_ref_seq.pdbx_db_align_end_ins_code    ? 
_struct_ref_seq.pdbx_auth_seq_align_beg       1 
_struct_ref_seq.pdbx_auth_seq_align_end       151 
# 
_pdbx_struct_assembly.id                   1 
_pdbx_struct_assembly.details              author_and_software_defined_assembly 
_pdbx_struct_assembly.method_details       PISA 
_pdbx_struct_assembly.oligomeric_details   monomeric 
_pdbx_struct_assembly.oligomeric_count     1 
# 
_pdbx_struct_assembly_gen.assembly_id       1 
_pdbx_struct_assembly_gen.oper_expression   1 
_pdbx_struct_assembly_gen.asym_id_list      A,B 
# 
_pdbx_struct_oper_list.id                   1 
_pdbx_struct_oper_list.type                 'identity operation' 
_pdbx_struct_oper_list.name                 1_555 
_pdbx_struct_oper_list.symmetry_operation   x,y,z 
_pdbx_struct_oper_list.matrix[1][1]         1.0000000000 
_pdbx_struct_oper_list.matrix[1][2]         0.0000000000 
_pdbx_struct_oper_list.matrix[1][3]         0.0000000000 
_pdbx_struct_oper_list.vector[1]            0.0000000000 
_pdbx_struct_oper_list.matrix[2][1]         0.0000000000 
_pdbx_struct_oper_list.matrix[2][2]         1.0000000000 
_pdbx_struct_oper_list.matrix[2][3]         0.0000000000 
_pdbx_struct_oper_list.vector[2]            0.0000000000 
_pdbx_struct_oper_list.matrix[3][1]         0.0000000000 
_pdbx_struct_oper_list.matrix[3][2]         0.0000000000 
_pdbx_struct_oper_list.matrix[3][3]         1.0000000000 
_pdbx_struct_oper_list.vector[3]            0.0000000000 
# 
_struct_biol.id        1 
_struct_biol.details   ? 
# 
loop_
_struct_conf.conf_type_id 
_struct_conf.id 
_struct_conf.pdbx_PDB_helix_id 
_struct_conf.beg_label_comp_id 
_struct_conf.beg_label_asym_id 
_struct_conf.beg_label_seq_id 
_struct_conf.pdbx_beg_PDB_ins_code 
_struct_conf.end_label_comp_id 
_struct_conf.end_label_asym_id 
_struct_conf.end_label_seq_id 
_struct_conf.pdbx_end_PDB_ins_code 
_struct_conf.beg_auth_comp_id 
_struct_conf.beg_auth_asym_id 
_struct_conf.beg_auth_seq_id 
_struct_conf.end_auth_comp_id 
_struct_conf.end_auth_asym_id 
_struct_conf.end_auth_seq_id 
_struct_conf.pdbx_PDB_helix_class 
_struct_conf.details 
_struct_conf.pdbx_PDB_helix_length 
HELX_P HELX_P1 1 ASP A 16  ? ARG A 27  ? ASP A 16  ARG A 27  1 ? 12 
HELX_P HELX_P2 2 HIS A 30  ? THR A 35  ? HIS A 30  THR A 35  1 ? 6  
HELX_P HELX_P3 3 LEU A 92  ? GLU A 94  ? LEU A 92  GLU A 94  5 ? 3  
HELX_P HELX_P4 4 PRO A 130 ? LEU A 149 ? PRO A 130 LEU A 149 1 ? 20 
# 
_struct_conf_type.id          HELX_P 
_struct_conf_type.criteria    ? 
_struct_conf_type.reference   ? 
# 
_struct_sheet.id               A 
_struct_sheet.type             ? 
_struct_sheet.number_strands   7 
_struct_sheet.details          ? 
# 
loop_
_struct_sheet_order.sheet_id 
_struct_sheet_order.range_id_1 
_struct_sheet_order.range_id_2 
_struct_sheet_order.offset 
_struct_sheet_order.sense 
A 1 2 ? anti-parallel 
A 2 3 ? anti-parallel 
A 3 4 ? anti-parallel 
A 4 5 ? anti-parallel 
A 5 6 ? anti-parallel 
A 6 7 ? anti-parallel 
# 
loop_
_struct_sheet_range.sheet_id 
_struct_sheet_range.id 
_struct_sheet_range.beg_label_comp_id 
_struct_sheet_range.beg_label_asym_id 
_struct_sheet_range.beg_label_seq_id 
_struct_sheet_range.pdbx_beg_PDB_ins_code 
_struct_sheet_range.end_label_comp_id 
_struct_sheet_range.end_label_asym_id 
_struct_sheet_range.end_label_seq_id 
_struct_sheet_range.pdbx_end_PDB_ins_code 
_struct_sheet_range.beg_auth_comp_id 
_struct_sheet_range.beg_auth_asym_id 
_struct_sheet_range.beg_auth_seq_id 
_struct_sheet_range.end_auth_comp_id 
_struct_sheet_range.end_auth_asym_id 
_struct_sheet_range.end_auth_seq_id 
A 1 THR A 4   ? ILE A 13  ? THR A 4   ILE A 13  
A 2 ASN A 112 ? LYS A 122 ? ASN A 112 LYS A 122 
A 3 PHE A 96  ? ASP A 106 ? PHE A 96  ASP A 106 
A 4 SER A 82  ? GLY A 90  ? SER A 82  GLY A 90  
A 5 ASN A 65  ? ASP A 77  ? ASN A 65  ASP A 77  
A 6 VAL A 55  ? ILE A 62  ? VAL A 55  ILE A 62  
A 7 ILE A 39  ? GLU A 46  ? ILE A 39  GLU A 46  
# 
loop_
_pdbx_struct_sheet_hbond.sheet_id 
_pdbx_struct_sheet_hbond.range_id_1 
_pdbx_struct_sheet_hbond.range_id_2 
_pdbx_struct_sheet_hbond.range_1_label_atom_id 
_pdbx_struct_sheet_hbond.range_1_label_comp_id 
_pdbx_struct_sheet_hbond.range_1_label_asym_id 
_pdbx_struct_sheet_hbond.range_1_label_seq_id 
_pdbx_struct_sheet_hbond.range_1_PDB_ins_code 
_pdbx_struct_sheet_hbond.range_1_auth_atom_id 
_pdbx_struct_sheet_hbond.range_1_auth_comp_id 
_pdbx_struct_sheet_hbond.range_1_auth_asym_id 
_pdbx_struct_sheet_hbond.range_1_auth_seq_id 
_pdbx_struct_sheet_hbond.range_2_label_atom_id 
_pdbx_struct_sheet_hbond.range_2_label_comp_id 
_pdbx_struct_sheet_hbond.range_2_label_asym_id 
_pdbx_struct_sheet_hbond.range_2_label_seq_id 
_pdbx_struct_sheet_hbond.range_2_PDB_ins_code 
_pdbx_struct_sheet_hbond.range_2_auth_atom_id 
_pdbx_struct_sheet_hbond.range_2_auth_comp_id 
_pdbx_struct_sheet_hbond.range_2_auth_asym_id 
_pdbx_struct_sheet_hbond.range_2_auth_seq_id 
A 1 2 N THR A 11  ? N THR A 11  O VAL A 114 ? O VAL A 114 
A 2 3 O LEU A 113 ? O LEU A 113 N ASP A 106 ? N ASP A 106 
A 3 4 O PHE A 101 ? O PHE A 101 N PHE A 85  ? N PHE A 85  
A 4 5 O VAL A 88  ? O VAL A 88  N LYS A 70  ? N LYS A 70  
A 5 6 O ALA A 69  ? O ALA A 69  N TRP A 58  ? N TRP A 58  
A 6 7 O VAL A 55  ? O VAL A 55  N HIS A 45  ? N HIS A 45  
# 
loop_
_pdbx_validate_rmsd_bond.id 
_pdbx_validate_rmsd_bond.PDB_model_num 
_pdbx_validate_rmsd_bond.auth_atom_id_1 
_pdbx_validate_rmsd_bond.auth_asym_id_1 
_pdbx_validate_rmsd_bond.auth_comp_id_1 
_pdbx_validate_rmsd_bond.auth_seq_id_1 
_pdbx_validate_rmsd_bond.PDB_ins_code_1 
_pdbx_validate_rmsd_bond.label_alt_id_1 
_pdbx_validate_rmsd_bond.auth_atom_id_2 
_pdbx_validate_rmsd_bond.auth_asym_id_2 
_pdbx_validate_rmsd_bond.auth_comp_id_2 
_pdbx_validate_rmsd_bond.auth_seq_id_2 
_pdbx_validate_rmsd_bond.PDB_ins_code_2 
_pdbx_validate_rmsd_bond.label_alt_id_2 
_pdbx_validate_rmsd_bond.bond_value 
_pdbx_validate_rmsd_bond.bond_target_value 
_pdbx_validate_rmsd_bond.bond_deviation 
_pdbx_validate_rmsd_bond.bond_standard_deviation 
_pdbx_validate_rmsd_bond.linker_flag 
1 1 N  A ASP 16 ? ? CA  A ASP 16 ? ? 1.333 1.459 -0.126 0.020 N 
2 1 CD A GLU 71 ? ? OE2 A GLU 71 ? ? 1.322 1.252 0.070  0.011 N 
# 
loop_
_pdbx_validate_rmsd_angle.id 
_pdbx_validate_rmsd_angle.PDB_model_num 
_pdbx_validate_rmsd_angle.auth_atom_id_1 
_pdbx_validate_rmsd_angle.auth_asym_id_1 
_pdbx_validate_rmsd_angle.auth_comp_id_1 
_pdbx_validate_rmsd_angle.auth_seq_id_1 
_pdbx_validate_rmsd_angle.PDB_ins_code_1 
_pdbx_validate_rmsd_angle.label_alt_id_1 
_pdbx_validate_rmsd_angle.auth_atom_id_2 
_pdbx_validate_rmsd_angle.auth_asym_id_2 
_pdbx_validate_rmsd_angle.auth_comp_id_2 
_pdbx_validate_rmsd_angle.auth_seq_id_2 
_pdbx_validate_rmsd_angle.PDB_ins_code_2 
_pdbx_validate_rmsd_angle.label_alt_id_2 
_pdbx_validate_rmsd_angle.auth_atom_id_3 
_pdbx_validate_rmsd_angle.auth_asym_id_3 
_pdbx_validate_rmsd_angle.auth_comp_id_3 
_pdbx_validate_rmsd_angle.auth_seq_id_3 
_pdbx_validate_rmsd_angle.PDB_ins_code_3 
_pdbx_validate_rmsd_angle.label_alt_id_3 
_pdbx_validate_rmsd_angle.angle_value 
_pdbx_validate_rmsd_angle.angle_target_value 
_pdbx_validate_rmsd_angle.angle_deviation 
_pdbx_validate_rmsd_angle.angle_standard_deviation 
_pdbx_validate_rmsd_angle.linker_flag 
1 1 CB  A ASP 16  ? ? CG A ASP 16  ? ? OD1 A ASP 16  ? ? 131.55 118.30 13.25 0.90 N 
2 1 NE  A ARG 27  ? ? CZ A ARG 27  ? ? NH1 A ARG 27  ? ? 116.40 120.30 -3.90 0.50 N 
3 1 OE1 A GLU 94  ? ? CD A GLU 94  ? ? OE2 A GLU 94  ? ? 113.84 123.30 -9.46 1.20 N 
4 1 CB  A ASP 135 ? ? CG A ASP 135 ? ? OD2 A ASP 135 ? ? 112.19 118.30 -6.11 0.90 N 
# 
_pdbx_validate_planes.id              1 
_pdbx_validate_planes.PDB_model_num   1 
_pdbx_validate_planes.auth_comp_id    ASP 
_pdbx_validate_planes.auth_asym_id    A 
_pdbx_validate_planes.auth_seq_id     135 
_pdbx_validate_planes.PDB_ins_code    ? 
_pdbx_validate_planes.label_alt_id    ? 
_pdbx_validate_planes.rmsd            0.071 
_pdbx_validate_planes.type            'SIDE CHAIN' 
# 
loop_
_pdbx_unobs_or_zero_occ_residues.id 
_pdbx_unobs_or_zero_occ_residues.PDB_model_num 
_pdbx_unobs_or_zero_occ_residues.polymer_flag 
_pdbx_unobs_or_zero_occ_residues.occupancy_flag 
_pdbx_unobs_or_zero_occ_residues.auth_asym_id 
_pdbx_unobs_or_zero_occ_residues.auth_comp_id 
_pdbx_unobs_or_zero_occ_residues.auth_seq_id 
_pdbx_unobs_or_zero_occ_residues.PDB_ins_code 
_pdbx_unobs_or_zero_occ_residues.label_asym_id 
_pdbx_unobs_or_zero_occ_residues.label_comp_id 
_pdbx_unobs_or_zero_occ_residues.label_seq_id 
1 1 Y 1 A MET 1   ? A MET 1   
2 1 Y 1 A LYS 151 ? A LYS 151 
# 
loop_
_chem_comp_atom.comp_id 
_chem_comp_atom.atom_id 
_chem_comp_atom.type_symbol 
_chem_comp_atom.pdbx_aromatic_flag 
_chem_comp_atom.pdbx_stereo_config 
_chem_comp_atom.pdbx_ordinal 
ALA N    N N N 1   
ALA CA   C N S 2   
ALA C    C N N 3   
ALA O    O N N 4   
ALA CB   C N N 5   
ALA OXT  O N N 6   
ALA H    H N N 7   
ALA H2   H N N 8   
ALA HA   H N N 9   
ALA HB1  H N N 10  
ALA HB2  H N N 11  
ALA HB3  H N N 12  
ALA HXT  H N N 13  
ARG N    N N N 14  
ARG CA   C N S 15  
ARG C    C N N 16  
ARG O    O N N 17  
ARG CB   C N N 18  
ARG CG   C N N 19  
ARG CD   C N N 20  
ARG NE   N N N 21  
ARG CZ   C N N 22  
ARG NH1  N N N 23  
ARG NH2  N N N 24  
ARG OXT  O N N 25  
ARG H    H N N 26  
ARG H2   H N N 27  
ARG HA   H N N 28  
ARG HB2  H N N 29  
ARG HB3  H N N 30  
ARG HG2  H N N 31  
ARG HG3  H N N 32  
ARG HD2  H N N 33  
ARG HD3  H N N 34  
ARG HE   H N N 35  
ARG HH11 H N N 36  
ARG HH12 H N N 37  
ARG HH21 H N N 38  
ARG HH22 H N N 39  
ARG HXT  H N N 40  
ASN N    N N N 41  
ASN CA   C N S 42  
ASN C    C N N 43  
ASN O    O N N 44  
ASN CB   C N N 45  
ASN CG   C N N 46  
ASN OD1  O N N 47  
ASN ND2  N N N 48  
ASN OXT  O N N 49  
ASN H    H N N 50  
ASN H2   H N N 51  
ASN HA   H N N 52  
ASN HB2  H N N 53  
ASN HB3  H N N 54  
ASN HD21 H N N 55  
ASN HD22 H N N 56  
ASN HXT  H N N 57  
ASP N    N N N 58  
ASP CA   C N S 59  
ASP C    C N N 60  
ASP O    O N N 61  
ASP CB   C N N 62  
ASP CG   C N N 63  
ASP OD1  O N N 64  
ASP OD2  O N N 65  
ASP OXT  O N N 66  
ASP H    H N N 67  
ASP H2   H N N 68  
ASP HA   H N N 69  
ASP HB2  H N N 70  
ASP HB3  H N N 71  
ASP HD2  H N N 72  
ASP HXT  H N N 73  
CYS N    N N N 74  
CYS CA   C N R 75  
CYS C    C N N 76  
CYS O    O N N 77  
CYS CB   C N N 78  
CYS SG   S N N 79  
CYS OXT  O N N 80  
CYS H    H N N 81  
CYS H2   H N N 82  
CYS HA   H N N 83  
CYS HB2  H N N 84  
CYS HB3  H N N 85  
CYS HG   H N N 86  
CYS HXT  H N N 87  
GLN N    N N N 88  
GLN CA   C N S 89  
GLN C    C N N 90  
GLN O    O N N 91  
GLN CB   C N N 92  
GLN CG   C N N 93  
GLN CD   C N N 94  
GLN OE1  O N N 95  
GLN NE2  N N N 96  
GLN OXT  O N N 97  
GLN H    H N N 98  
GLN H2   H N N 99  
GLN HA   H N N 100 
GLN HB2  H N N 101 
GLN HB3  H N N 102 
GLN HG2  H N N 103 
GLN HG3  H N N 104 
GLN HE21 H N N 105 
GLN HE22 H N N 106 
GLN HXT  H N N 107 
GLU N    N N N 108 
GLU CA   C N S 109 
GLU C    C N N 110 
GLU O    O N N 111 
GLU CB   C N N 112 
GLU CG   C N N 113 
GLU CD   C N N 114 
GLU OE1  O N N 115 
GLU OE2  O N N 116 
GLU OXT  O N N 117 
GLU H    H N N 118 
GLU H2   H N N 119 
GLU HA   H N N 120 
GLU HB2  H N N 121 
GLU HB3  H N N 122 
GLU HG2  H N N 123 
GLU HG3  H N N 124 
GLU HE2  H N N 125 
GLU HXT  H N N 126 
GLY N    N N N 127 
GLY CA   C N N 128 
GLY C    C N N 129 
GLY O    O N N 130 
GLY OXT  O N N 131 
GLY H    H N N 132 
GLY H2   H N N 133 
GLY HA2  H N N 134 
GLY HA3  H N N 135 
GLY HXT  H N N 136 
HIS N    N N N 137 
HIS CA   C N S 138 
HIS C    C N N 139 
HIS O    O N N 140 
HIS CB   C N N 141 
HIS CG   C Y N 142 
HIS ND1  N Y N 143 
HIS CD2  C Y N 144 
HIS CE1  C Y N 145 
HIS NE2  N Y N 146 
HIS OXT  O N N 147 
HIS H    H N N 148 
HIS H2   H N N 149 
HIS HA   H N N 150 
HIS HB2  H N N 151 
HIS HB3  H N N 152 
HIS HD1  H N N 153 
HIS HD2  H N N 154 
HIS HE1  H N N 155 
HIS HE2  H N N 156 
HIS HXT  H N N 157 
HOH O    O N N 158 
HOH H1   H N N 159 
HOH H2   H N N 160 
ILE N    N N N 161 
ILE CA   C N S 162 
ILE C    C N N 163 
ILE O    O N N 164 
ILE CB   C N S 165 
ILE CG1  C N N 166 
ILE CG2  C N N 167 
ILE CD1  C N N 168 
ILE OXT  O N N 169 
ILE H    H N N 170 
ILE H2   H N N 171 
ILE HA   H N N 172 
ILE HB   H N N 173 
ILE HG12 H N N 174 
ILE HG13 H N N 175 
ILE HG21 H N N 176 
ILE HG22 H N N 177 
ILE HG23 H N N 178 
ILE HD11 H N N 179 
ILE HD12 H N N 180 
ILE HD13 H N N 181 
ILE HXT  H N N 182 
LEU N    N N N 183 
LEU CA   C N S 184 
LEU C    C N N 185 
LEU O    O N N 186 
LEU CB   C N N 187 
LEU CG   C N N 188 
LEU CD1  C N N 189 
LEU CD2  C N N 190 
LEU OXT  O N N 191 
LEU H    H N N 192 
LEU H2   H N N 193 
LEU HA   H N N 194 
LEU HB2  H N N 195 
LEU HB3  H N N 196 
LEU HG   H N N 197 
LEU HD11 H N N 198 
LEU HD12 H N N 199 
LEU HD13 H N N 200 
LEU HD21 H N N 201 
LEU HD22 H N N 202 
LEU HD23 H N N 203 
LEU HXT  H N N 204 
LYS N    N N N 205 
LYS CA   C N S 206 
LYS C    C N N 207 
LYS O    O N N 208 
LYS CB   C N N 209 
LYS CG   C N N 210 
LYS CD   C N N 211 
LYS CE   C N N 212 
LYS NZ   N N N 213 
LYS OXT  O N N 214 
LYS H    H N N 215 
LYS H2   H N N 216 
LYS HA   H N N 217 
LYS HB2  H N N 218 
LYS HB3  H N N 219 
LYS HG2  H N N 220 
LYS HG3  H N N 221 
LYS HD2  H N N 222 
LYS HD3  H N N 223 
LYS HE2  H N N 224 
LYS HE3  H N N 225 
LYS HZ1  H N N 226 
LYS HZ2  H N N 227 
LYS HZ3  H N N 228 
LYS HXT  H N N 229 
MET N    N N N 230 
MET CA   C N S 231 
MET C    C N N 232 
MET O    O N N 233 
MET CB   C N N 234 
MET CG   C N N 235 
MET SD   S N N 236 
MET CE   C N N 237 
MET OXT  O N N 238 
MET H    H N N 239 
MET H2   H N N 240 
MET HA   H N N 241 
MET HB2  H N N 242 
MET HB3  H N N 243 
MET HG2  H N N 244 
MET HG3  H N N 245 
MET HE1  H N N 246 
MET HE2  H N N 247 
MET HE3  H N N 248 
MET HXT  H N N 249 
PHE N    N N N 250 
PHE CA   C N S 251 
PHE C    C N N 252 
PHE O    O N N 253 
PHE CB   C N N 254 
PHE CG   C Y N 255 
PHE CD1  C Y N 256 
PHE CD2  C Y N 257 
PHE CE1  C Y N 258 
PHE CE2  C Y N 259 
PHE CZ   C Y N 260 
PHE OXT  O N N 261 
PHE H    H N N 262 
PHE H2   H N N 263 
PHE HA   H N N 264 
PHE HB2  H N N 265 
PHE HB3  H N N 266 
PHE HD1  H N N 267 
PHE HD2  H N N 268 
PHE HE1  H N N 269 
PHE HE2  H N N 270 
PHE HZ   H N N 271 
PHE HXT  H N N 272 
PRO N    N N N 273 
PRO CA   C N S 274 
PRO C    C N N 275 
PRO O    O N N 276 
PRO CB   C N N 277 
PRO CG   C N N 278 
PRO CD   C N N 279 
PRO OXT  O N N 280 
PRO H    H N N 281 
PRO HA   H N N 282 
PRO HB2  H N N 283 
PRO HB3  H N N 284 
PRO HG2  H N N 285 
PRO HG3  H N N 286 
PRO HD2  H N N 287 
PRO HD3  H N N 288 
PRO HXT  H N N 289 
SER N    N N N 290 
SER CA   C N S 291 
SER C    C N N 292 
SER O    O N N 293 
SER CB   C N N 294 
SER OG   O N N 295 
SER OXT  O N N 296 
SER H    H N N 297 
SER H2   H N N 298 
SER HA   H N N 299 
SER HB2  H N N 300 
SER HB3  H N N 301 
SER HG   H N N 302 
SER HXT  H N N 303 
THR N    N N N 304 
THR CA   C N S 305 
THR C    C N N 306 
THR O    O N N 307 
THR CB   C N R 308 
THR OG1  O N N 309 
THR CG2  C N N 310 
THR OXT  O N N 311 
THR H    H N N 312 
THR H2   H N N 313 
THR HA   H N N 314 
THR HB   H N N 315 
THR HG1  H N N 316 
THR HG21 H N N 317 
THR HG22 H N N 318 
THR HG23 H N N 319 
THR HXT  H N N 320 
TRP N    N N N 321 
TRP CA   C N S 322 
TRP C    C N N 323 
TRP O    O N N 324 
TRP CB   C N N 325 
TRP CG   C Y N 326 
TRP CD1  C Y N 327 
TRP CD2  C Y N 328 
TRP NE1  N Y N 329 
TRP CE2  C Y N 330 
TRP CE3  C Y N 331 
TRP CZ2  C Y N 332 
TRP CZ3  C Y N 333 
TRP CH2  C Y N 334 
TRP OXT  O N N 335 
TRP H    H N N 336 
TRP H2   H N N 337 
TRP HA   H N N 338 
TRP HB2  H N N 339 
TRP HB3  H N N 340 
TRP HD1  H N N 341 
TRP HE1  H N N 342 
TRP HE3  H N N 343 
TRP HZ2  H N N 344 
TRP HZ3  H N N 345 
TRP HH2  H N N 346 
TRP HXT  H N N 347 
TYR N    N N N 348 
TYR CA   C N S 349 
TYR C    C N N 350 
TYR O    O N N 351 
TYR CB   C N N 352 
TYR CG   C Y N 353 
TYR CD1  C Y N 354 
TYR CD2  C Y N 355 
TYR CE1  C Y N 356 
TYR CE2  C Y N 357 
TYR CZ   C Y N 358 
TYR OH   O N N 359 
TYR OXT  O N N 360 
TYR H    H N N 361 
TYR H2   H N N 362 
TYR HA   H N N 363 
TYR HB2  H N N 364 
TYR HB3  H N N 365 
TYR HD1  H N N 366 
TYR HD2  H N N 367 
TYR HE1  H N N 368 
TYR HE2  H N N 369 
TYR HH   H N N 370 
TYR HXT  H N N 371 
VAL N    N N N 372 
VAL CA   C N S 373 
VAL C    C N N 374 
VAL O    O N N 375 
VAL CB   C N N 376 
VAL CG1  C N N 377 
VAL CG2  C N N 378 
VAL OXT  O N N 379 
VAL H    H N N 380 
VAL H2   H N N 381 
VAL HA   H N N 382 
VAL HB   H N N 383 
VAL HG11 H N N 384 
VAL HG12 H N N 385 
VAL HG13 H N N 386 
VAL HG21 H N N 387 
VAL HG22 H N N 388 
VAL HG23 H N N 389 
VAL HXT  H N N 390 
# 
loop_
_chem_comp_bond.comp_id 
_chem_comp_bond.atom_id_1 
_chem_comp_bond.atom_id_2 
_chem_comp_bond.value_order 
_chem_comp_bond.pdbx_aromatic_flag 
_chem_comp_bond.pdbx_stereo_config 
_chem_comp_bond.pdbx_ordinal 
ALA N   CA   sing N N 1   
ALA N   H    sing N N 2   
ALA N   H2   sing N N 3   
ALA CA  C    sing N N 4   
ALA CA  CB   sing N N 5   
ALA CA  HA   sing N N 6   
ALA C   O    doub N N 7   
ALA C   OXT  sing N N 8   
ALA CB  HB1  sing N N 9   
ALA CB  HB2  sing N N 10  
ALA CB  HB3  sing N N 11  
ALA OXT HXT  sing N N 12  
ARG N   CA   sing N N 13  
ARG N   H    sing N N 14  
ARG N   H2   sing N N 15  
ARG CA  C    sing N N 16  
ARG CA  CB   sing N N 17  
ARG CA  HA   sing N N 18  
ARG C   O    doub N N 19  
ARG C   OXT  sing N N 20  
ARG CB  CG   sing N N 21  
ARG CB  HB2  sing N N 22  
ARG CB  HB3  sing N N 23  
ARG CG  CD   sing N N 24  
ARG CG  HG2  sing N N 25  
ARG CG  HG3  sing N N 26  
ARG CD  NE   sing N N 27  
ARG CD  HD2  sing N N 28  
ARG CD  HD3  sing N N 29  
ARG NE  CZ   sing N N 30  
ARG NE  HE   sing N N 31  
ARG CZ  NH1  sing N N 32  
ARG CZ  NH2  doub N N 33  
ARG NH1 HH11 sing N N 34  
ARG NH1 HH12 sing N N 35  
ARG NH2 HH21 sing N N 36  
ARG NH2 HH22 sing N N 37  
ARG OXT HXT  sing N N 38  
ASN N   CA   sing N N 39  
ASN N   H    sing N N 40  
ASN N   H2   sing N N 41  
ASN CA  C    sing N N 42  
ASN CA  CB   sing N N 43  
ASN CA  HA   sing N N 44  
ASN C   O    doub N N 45  
ASN C   OXT  sing N N 46  
ASN CB  CG   sing N N 47  
ASN CB  HB2  sing N N 48  
ASN CB  HB3  sing N N 49  
ASN CG  OD1  doub N N 50  
ASN CG  ND2  sing N N 51  
ASN ND2 HD21 sing N N 52  
ASN ND2 HD22 sing N N 53  
ASN OXT HXT  sing N N 54  
ASP N   CA   sing N N 55  
ASP N   H    sing N N 56  
ASP N   H2   sing N N 57  
ASP CA  C    sing N N 58  
ASP CA  CB   sing N N 59  
ASP CA  HA   sing N N 60  
ASP C   O    doub N N 61  
ASP C   OXT  sing N N 62  
ASP CB  CG   sing N N 63  
ASP CB  HB2  sing N N 64  
ASP CB  HB3  sing N N 65  
ASP CG  OD1  doub N N 66  
ASP CG  OD2  sing N N 67  
ASP OD2 HD2  sing N N 68  
ASP OXT HXT  sing N N 69  
CYS N   CA   sing N N 70  
CYS N   H    sing N N 71  
CYS N   H2   sing N N 72  
CYS CA  C    sing N N 73  
CYS CA  CB   sing N N 74  
CYS CA  HA   sing N N 75  
CYS C   O    doub N N 76  
CYS C   OXT  sing N N 77  
CYS CB  SG   sing N N 78  
CYS CB  HB2  sing N N 79  
CYS CB  HB3  sing N N 80  
CYS SG  HG   sing N N 81  
CYS OXT HXT  sing N N 82  
GLN N   CA   sing N N 83  
GLN N   H    sing N N 84  
GLN N   H2   sing N N 85  
GLN CA  C    sing N N 86  
GLN CA  CB   sing N N 87  
GLN CA  HA   sing N N 88  
GLN C   O    doub N N 89  
GLN C   OXT  sing N N 90  
GLN CB  CG   sing N N 91  
GLN CB  HB2  sing N N 92  
GLN CB  HB3  sing N N 93  
GLN CG  CD   sing N N 94  
GLN CG  HG2  sing N N 95  
GLN CG  HG3  sing N N 96  
GLN CD  OE1  doub N N 97  
GLN CD  NE2  sing N N 98  
GLN NE2 HE21 sing N N 99  
GLN NE2 HE22 sing N N 100 
GLN OXT HXT  sing N N 101 
GLU N   CA   sing N N 102 
GLU N   H    sing N N 103 
GLU N   H2   sing N N 104 
GLU CA  C    sing N N 105 
GLU CA  CB   sing N N 106 
GLU CA  HA   sing N N 107 
GLU C   O    doub N N 108 
GLU C   OXT  sing N N 109 
GLU CB  CG   sing N N 110 
GLU CB  HB2  sing N N 111 
GLU CB  HB3  sing N N 112 
GLU CG  CD   sing N N 113 
GLU CG  HG2  sing N N 114 
GLU CG  HG3  sing N N 115 
GLU CD  OE1  doub N N 116 
GLU CD  OE2  sing N N 117 
GLU OE2 HE2  sing N N 118 
GLU OXT HXT  sing N N 119 
GLY N   CA   sing N N 120 
GLY N   H    sing N N 121 
GLY N   H2   sing N N 122 
GLY CA  C    sing N N 123 
GLY CA  HA2  sing N N 124 
GLY CA  HA3  sing N N 125 
GLY C   O    doub N N 126 
GLY C   OXT  sing N N 127 
GLY OXT HXT  sing N N 128 
HIS N   CA   sing N N 129 
HIS N   H    sing N N 130 
HIS N   H2   sing N N 131 
HIS CA  C    sing N N 132 
HIS CA  CB   sing N N 133 
HIS CA  HA   sing N N 134 
HIS C   O    doub N N 135 
HIS C   OXT  sing N N 136 
HIS CB  CG   sing N N 137 
HIS CB  HB2  sing N N 138 
HIS CB  HB3  sing N N 139 
HIS CG  ND1  sing Y N 140 
HIS CG  CD2  doub Y N 141 
HIS ND1 CE1  doub Y N 142 
HIS ND1 HD1  sing N N 143 
HIS CD2 NE2  sing Y N 144 
HIS CD2 HD2  sing N N 145 
HIS CE1 NE2  sing Y N 146 
HIS CE1 HE1  sing N N 147 
HIS NE2 HE2  sing N N 148 
HIS OXT HXT  sing N N 149 
HOH O   H1   sing N N 150 
HOH O   H2   sing N N 151 
ILE N   CA   sing N N 152 
ILE N   H    sing N N 153 
ILE N   H2   sing N N 154 
ILE CA  C    sing N N 155 
ILE CA  CB   sing N N 156 
ILE CA  HA   sing N N 157 
ILE C   O    doub N N 158 
ILE C   OXT  sing N N 159 
ILE CB  CG1  sing N N 160 
ILE CB  CG2  sing N N 161 
ILE CB  HB   sing N N 162 
ILE CG1 CD1  sing N N 163 
ILE CG1 HG12 sing N N 164 
ILE CG1 HG13 sing N N 165 
ILE CG2 HG21 sing N N 166 
ILE CG2 HG22 sing N N 167 
ILE CG2 HG23 sing N N 168 
ILE CD1 HD11 sing N N 169 
ILE CD1 HD12 sing N N 170 
ILE CD1 HD13 sing N N 171 
ILE OXT HXT  sing N N 172 
LEU N   CA   sing N N 173 
LEU N   H    sing N N 174 
LEU N   H2   sing N N 175 
LEU CA  C    sing N N 176 
LEU CA  CB   sing N N 177 
LEU CA  HA   sing N N 178 
LEU C   O    doub N N 179 
LEU C   OXT  sing N N 180 
LEU CB  CG   sing N N 181 
LEU CB  HB2  sing N N 182 
LEU CB  HB3  sing N N 183 
LEU CG  CD1  sing N N 184 
LEU CG  CD2  sing N N 185 
LEU CG  HG   sing N N 186 
LEU CD1 HD11 sing N N 187 
LEU CD1 HD12 sing N N 188 
LEU CD1 HD13 sing N N 189 
LEU CD2 HD21 sing N N 190 
LEU CD2 HD22 sing N N 191 
LEU CD2 HD23 sing N N 192 
LEU OXT HXT  sing N N 193 
LYS N   CA   sing N N 194 
LYS N   H    sing N N 195 
LYS N   H2   sing N N 196 
LYS CA  C    sing N N 197 
LYS CA  CB   sing N N 198 
LYS CA  HA   sing N N 199 
LYS C   O    doub N N 200 
LYS C   OXT  sing N N 201 
LYS CB  CG   sing N N 202 
LYS CB  HB2  sing N N 203 
LYS CB  HB3  sing N N 204 
LYS CG  CD   sing N N 205 
LYS CG  HG2  sing N N 206 
LYS CG  HG3  sing N N 207 
LYS CD  CE   sing N N 208 
LYS CD  HD2  sing N N 209 
LYS CD  HD3  sing N N 210 
LYS CE  NZ   sing N N 211 
LYS CE  HE2  sing N N 212 
LYS CE  HE3  sing N N 213 
LYS NZ  HZ1  sing N N 214 
LYS NZ  HZ2  sing N N 215 
LYS NZ  HZ3  sing N N 216 
LYS OXT HXT  sing N N 217 
MET N   CA   sing N N 218 
MET N   H    sing N N 219 
MET N   H2   sing N N 220 
MET CA  C    sing N N 221 
MET CA  CB   sing N N 222 
MET CA  HA   sing N N 223 
MET C   O    doub N N 224 
MET C   OXT  sing N N 225 
MET CB  CG   sing N N 226 
MET CB  HB2  sing N N 227 
MET CB  HB3  sing N N 228 
MET CG  SD   sing N N 229 
MET CG  HG2  sing N N 230 
MET CG  HG3  sing N N 231 
MET SD  CE   sing N N 232 
MET CE  HE1  sing N N 233 
MET CE  HE2  sing N N 234 
MET CE  HE3  sing N N 235 
MET OXT HXT  sing N N 236 
PHE N   CA   sing N N 237 
PHE N   H    sing N N 238 
PHE N   H2   sing N N 239 
PHE CA  C    sing N N 240 
PHE CA  CB   sing N N 241 
PHE CA  HA   sing N N 242 
PHE C   O    doub N N 243 
PHE C   OXT  sing N N 244 
PHE CB  CG   sing N N 245 
PHE CB  HB2  sing N N 246 
PHE CB  HB3  sing N N 247 
PHE CG  CD1  doub Y N 248 
PHE CG  CD2  sing Y N 249 
PHE CD1 CE1  sing Y N 250 
PHE CD1 HD1  sing N N 251 
PHE CD2 CE2  doub Y N 252 
PHE CD2 HD2  sing N N 253 
PHE CE1 CZ   doub Y N 254 
PHE CE1 HE1  sing N N 255 
PHE CE2 CZ   sing Y N 256 
PHE CE2 HE2  sing N N 257 
PHE CZ  HZ   sing N N 258 
PHE OXT HXT  sing N N 259 
PRO N   CA   sing N N 260 
PRO N   CD   sing N N 261 
PRO N   H    sing N N 262 
PRO CA  C    sing N N 263 
PRO CA  CB   sing N N 264 
PRO CA  HA   sing N N 265 
PRO C   O    doub N N 266 
PRO C   OXT  sing N N 267 
PRO CB  CG   sing N N 268 
PRO CB  HB2  sing N N 269 
PRO CB  HB3  sing N N 270 
PRO CG  CD   sing N N 271 
PRO CG  HG2  sing N N 272 
PRO CG  HG3  sing N N 273 
PRO CD  HD2  sing N N 274 
PRO CD  HD3  sing N N 275 
PRO OXT HXT  sing N N 276 
SER N   CA   sing N N 277 
SER N   H    sing N N 278 
SER N   H2   sing N N 279 
SER CA  C    sing N N 280 
SER CA  CB   sing N N 281 
SER CA  HA   sing N N 282 
SER C   O    doub N N 283 
SER C   OXT  sing N N 284 
SER CB  OG   sing N N 285 
SER CB  HB2  sing N N 286 
SER CB  HB3  sing N N 287 
SER OG  HG   sing N N 288 
SER OXT HXT  sing N N 289 
THR N   CA   sing N N 290 
THR N   H    sing N N 291 
THR N   H2   sing N N 292 
THR CA  C    sing N N 293 
THR CA  CB   sing N N 294 
THR CA  HA   sing N N 295 
THR C   O    doub N N 296 
THR C   OXT  sing N N 297 
THR CB  OG1  sing N N 298 
THR CB  CG2  sing N N 299 
THR CB  HB   sing N N 300 
THR OG1 HG1  sing N N 301 
THR CG2 HG21 sing N N 302 
THR CG2 HG22 sing N N 303 
THR CG2 HG23 sing N N 304 
THR OXT HXT  sing N N 305 
TRP N   CA   sing N N 306 
TRP N   H    sing N N 307 
TRP N   H2   sing N N 308 
TRP CA  C    sing N N 309 
TRP CA  CB   sing N N 310 
TRP CA  HA   sing N N 311 
TRP C   O    doub N N 312 
TRP C   OXT  sing N N 313 
TRP CB  CG   sing N N 314 
TRP CB  HB2  sing N N 315 
TRP CB  HB3  sing N N 316 
TRP CG  CD1  doub Y N 317 
TRP CG  CD2  sing Y N 318 
TRP CD1 NE1  sing Y N 319 
TRP CD1 HD1  sing N N 320 
TRP CD2 CE2  doub Y N 321 
TRP CD2 CE3  sing Y N 322 
TRP NE1 CE2  sing Y N 323 
TRP NE1 HE1  sing N N 324 
TRP CE2 CZ2  sing Y N 325 
TRP CE3 CZ3  doub Y N 326 
TRP CE3 HE3  sing N N 327 
TRP CZ2 CH2  doub Y N 328 
TRP CZ2 HZ2  sing N N 329 
TRP CZ3 CH2  sing Y N 330 
TRP CZ3 HZ3  sing N N 331 
TRP CH2 HH2  sing N N 332 
TRP OXT HXT  sing N N 333 
TYR N   CA   sing N N 334 
TYR N   H    sing N N 335 
TYR N   H2   sing N N 336 
TYR CA  C    sing N N 337 
TYR CA  CB   sing N N 338 
TYR CA  HA   sing N N 339 
TYR C   O    doub N N 340 
TYR C   OXT  sing N N 341 
TYR CB  CG   sing N N 342 
TYR CB  HB2  sing N N 343 
TYR CB  HB3  sing N N 344 
TYR CG  CD1  doub Y N 345 
TYR CG  CD2  sing Y N 346 
TYR CD1 CE1  sing Y N 347 
TYR CD1 HD1  sing N N 348 
TYR CD2 CE2  doub Y N 349 
TYR CD2 HD2  sing N N 350 
TYR CE1 CZ   doub Y N 351 
TYR CE1 HE1  sing N N 352 
TYR CE2 CZ   sing Y N 353 
TYR CE2 HE2  sing N N 354 
TYR CZ  OH   sing N N 355 
TYR OH  HH   sing N N 356 
TYR OXT HXT  sing N N 357 
VAL N   CA   sing N N 358 
VAL N   H    sing N N 359 
VAL N   H2   sing N N 360 
VAL CA  C    sing N N 361 
VAL CA  CB   sing N N 362 
VAL CA  HA   sing N N 363 
VAL C   O    doub N N 364 
VAL C   OXT  sing N N 365 
VAL CB  CG1  sing N N 366 
VAL CB  CG2  sing N N 367 
VAL CB  HB   sing N N 368 
VAL CG1 HG11 sing N N 369 
VAL CG1 HG12 sing N N 370 
VAL CG1 HG13 sing N N 371 
VAL CG2 HG21 sing N N 372 
VAL CG2 HG22 sing N N 373 
VAL CG2 HG23 sing N N 374 
VAL OXT HXT  sing N N 375 
# 
_atom_sites.entry_id                    4REH 
_atom_sites.fract_transf_matrix[1][1]   -0.00746920 
_atom_sites.fract_transf_matrix[1][2]   0.01566834 
_atom_sites.fract_transf_matrix[1][3]   0.00690858 
_atom_sites.fract_transf_matrix[2][1]   -0.01718936 
_atom_sites.fract_transf_matrix[2][2]   0.00520768 
_atom_sites.fract_transf_matrix[2][3]   -0.00513670 
_atom_sites.fract_transf_matrix[3][1]   -0.00422434 
_atom_sites.fract_transf_matrix[3][2]   -0.00569917 
_atom_sites.fract_transf_matrix[3][3]   0.00835833 
_atom_sites.fract_transf_vector[1]      0.385018 
_atom_sites.fract_transf_vector[2]      0.231586 
_atom_sites.fract_transf_vector[3]      0.122334 
# 
loop_
_atom_type.symbol 
C 
N 
O 
S 
# 
loop_
_atom_site.group_PDB 
_atom_site.id 
_atom_site.type_symbol 
_atom_site.label_atom_id 
_atom_site.label_alt_id 
_atom_site.label_comp_id 
_atom_site.label_asym_id 
_atom_site.label_entity_id 
_atom_site.label_seq_id 
_atom_site.pdbx_PDB_ins_code 
_atom_site.Cartn_x 
_atom_site.Cartn_y 
_atom_site.Cartn_z 
_atom_site.occupancy 
_atom_site.B_iso_or_equiv 
_atom_site.pdbx_formal_charge 
_atom_site.auth_seq_id 
_atom_site.auth_comp_id 
_atom_site.auth_asym_id 
_atom_site.auth_atom_id 
_atom_site.pdbx_PDB_model_num 
ATOM   1    N N   . GLY A 1 2   ? -9.653  -13.883 -17.916 1.00 35.18 ? 2   GLY A N   1 
ATOM   2    C CA  . GLY A 1 2   ? -10.370 -12.629 -18.291 1.00 21.55 ? 2   GLY A CA  1 
ATOM   3    C C   . GLY A 1 2   ? -10.643 -11.529 -17.294 1.00 22.74 ? 2   GLY A C   1 
ATOM   4    O O   . GLY A 1 2   ? -11.002 -10.416 -17.657 1.00 26.84 ? 2   GLY A O   1 
ATOM   5    N N   . LEU A 1 3   ? -10.580 -11.929 -16.034 1.00 20.11 ? 3   LEU A N   1 
ATOM   6    C CA  . LEU A 1 3   ? -10.927 -11.098 -14.895 1.00 21.15 ? 3   LEU A CA  1 
ATOM   7    C C   . LEU A 1 3   ? -9.660  -10.609 -14.149 1.00 19.29 ? 3   LEU A C   1 
ATOM   8    O O   . LEU A 1 3   ? -9.759  -9.738  -13.286 1.00 16.40 ? 3   LEU A O   1 
ATOM   9    C CB  . LEU A 1 3   ? -11.841 -11.909 -13.960 1.00 22.48 ? 3   LEU A CB  1 
ATOM   10   C CG  . LEU A 1 3   ? -13.177 -12.306 -14.712 1.00 26.16 ? 3   LEU A CG  1 
ATOM   11   C CD1 . LEU A 1 3   ? -13.988 -13.044 -13.651 1.00 27.83 ? 3   LEU A CD1 1 
ATOM   12   C CD2 . LEU A 1 3   ? -13.795 -11.006 -15.200 1.00 26.92 ? 3   LEU A CD2 1 
ATOM   13   N N   . THR A 1 4   ? -8.487  -11.135 -14.464 1.00 18.62 ? 4   THR A N   1 
ATOM   14   C CA  . THR A 1 4   ? -7.262  -10.836 -13.749 1.00 18.69 ? 4   THR A CA  1 
ATOM   15   C C   . THR A 1 4   ? -6.569  -9.679  -14.371 1.00 17.94 ? 4   THR A C   1 
ATOM   16   O O   . THR A 1 4   ? -6.664  -9.425  -15.606 1.00 21.70 ? 4   THR A O   1 
ATOM   17   C CB  . THR A 1 4   ? -6.381  -12.084 -13.792 1.00 23.65 ? 4   THR A CB  1 
ATOM   18   O OG1 . THR A 1 4   ? -7.044  -13.103 -12.991 1.00 25.73 ? 4   THR A OG1 1 
ATOM   19   C CG2 . THR A 1 4   ? -5.062  -11.919 -13.071 1.00 26.26 ? 4   THR A CG2 1 
ATOM   20   N N   . GLY A 1 5   ? -5.877  -8.834  -13.587 1.00 14.91 ? 5   GLY A N   1 
ATOM   21   C CA  . GLY A 1 5   ? -5.064  -7.782  -14.104 1.00 14.82 ? 5   GLY A CA  1 
ATOM   22   C C   . GLY A 1 5   ? -3.947  -7.411  -13.097 1.00 14.01 ? 5   GLY A C   1 
ATOM   23   O O   . GLY A 1 5   ? -3.949  -7.898  -11.972 1.00 14.58 ? 5   GLY A O   1 
ATOM   24   N N   . LYS A 1 6   ? -3.021  -6.604  -13.564 1.00 14.39 ? 6   LYS A N   1 
ATOM   25   C CA  . LYS A 1 6   ? -1.940  -6.081  -12.677 1.00 13.28 ? 6   LYS A CA  1 
ATOM   26   C C   . LYS A 1 6   ? -1.687  -4.657  -13.113 1.00 14.12 ? 6   LYS A C   1 
ATOM   27   O O   . LYS A 1 6   ? -1.592  -4.376  -14.327 1.00 15.34 ? 6   LYS A O   1 
ATOM   28   C CB  . LYS A 1 6   ? -0.714  -6.921  -12.882 1.00 15.66 ? 6   LYS A CB  1 
ATOM   29   C CG  . LYS A 1 6   ? 0.390   -6.528  -11.921 1.00 17.83 ? 6   LYS A CG  1 
ATOM   30   C CD  . LYS A 1 6   ? 1.548   -7.485  -11.904 1.00 21.12 ? 6   LYS A CD  1 
ATOM   31   C CE  . LYS A 1 6   ? 2.499   -7.141  -10.785 1.00 25.22 ? 6   LYS A CE  1 
ATOM   32   N NZ  . LYS A 1 6   ? 3.693   -8.044  -10.806 1.00 32.72 ? 6   LYS A NZ  1 
ATOM   33   N N   . LEU A 1 7   ? -1.500  -3.723  -12.149 1.00 12.79 ? 7   LEU A N   1 
ATOM   34   C CA  . LEU A 1 7   ? -1.149  -2.363  -12.374 1.00 13.06 ? 7   LEU A CA  1 
ATOM   35   C C   . LEU A 1 7   ? 0.091   -2.033  -11.551 1.00 12.44 ? 7   LEU A C   1 
ATOM   36   O O   . LEU A 1 7   ? 0.158   -2.479  -10.437 1.00 14.98 ? 7   LEU A O   1 
ATOM   37   C CB  . LEU A 1 7   ? -2.312  -1.461  -11.896 1.00 13.27 ? 7   LEU A CB  1 
ATOM   38   C CG  . LEU A 1 7   ? -3.575  -1.567  -12.735 1.00 13.65 ? 7   LEU A CG  1 
ATOM   39   C CD1 . LEU A 1 7   ? -4.750  -0.902  -12.085 1.00 14.91 ? 7   LEU A CD1 1 
ATOM   40   C CD2 . LEU A 1 7   ? -3.353  -0.977  -14.075 1.00 14.45 ? 7   LEU A CD2 1 
ATOM   41   N N   . ILE A 1 8   ? 0.964   -1.289  -12.170 1.00 13.05 ? 8   ILE A N   1 
ATOM   42   C CA  . ILE A 1 8   ? 2.254   -0.972  -11.522 1.00 12.82 ? 8   ILE A CA  1 
ATOM   43   C C   . ILE A 1 8   ? 2.525   0.468   -11.720 1.00 12.62 ? 8   ILE A C   1 
ATOM   44   O O   . ILE A 1 8   ? 2.344   1.045   -12.786 1.00 13.40 ? 8   ILE A O   1 
ATOM   45   C CB  . ILE A 1 8   ? 3.374   -1.784  -12.108 1.00 13.26 ? 8   ILE A CB  1 
ATOM   46   C CG1 . ILE A 1 8   ? 3.121   -3.257  -11.891 1.00 15.51 ? 8   ILE A CG1 1 
ATOM   47   C CG2 . ILE A 1 8   ? 4.702   -1.303  -11.485 1.00 16.06 ? 8   ILE A CG2 1 
ATOM   48   C CD1 . ILE A 1 8   ? 4.035   -4.140  -12.690 1.00 17.98 ? 8   ILE A CD1 1 
ATOM   49   N N   . CYS A 1 9   ? 3.015   1.147   -10.641 1.00 13.25 ? 9   CYS A N   1 
ATOM   50   C CA  . CYS A 1 9   ? 3.621   2.479   -10.755 1.00 14.18 ? 9   CYS A CA  1 
ATOM   51   C C   . CYS A 1 9   ? 4.970   2.503   -10.109 1.00 13.97 ? 9   CYS A C   1 
ATOM   52   O O   . CYS A 1 9   ? 5.143   1.994   -9.044  1.00 16.80 ? 9   CYS A O   1 
ATOM   53   C CB  . CYS A 1 9   ? 2.696   3.614   -10.224 1.00 14.70 ? 9   CYS A CB  1 
ATOM   54   S SG  . CYS A 1 9   ? 2.256   3.482   -8.437  1.00 16.58 ? 9   CYS A SG  1 
ATOM   55   N N   . GLN A 1 10  ? 5.862   3.155   -10.805 1.00 16.71 ? 10  GLN A N   1 
ATOM   56   C CA  . GLN A 1 10  ? 7.242   3.391   -10.283 1.00 19.34 ? 10  GLN A CA  1 
ATOM   57   C C   . GLN A 1 10  ? 7.528   4.866   -10.281 1.00 18.34 ? 10  GLN A C   1 
ATOM   58   O O   . GLN A 1 10  ? 7.283   5.613   -11.215 1.00 17.74 ? 10  GLN A O   1 
ATOM   59   C CB  . GLN A 1 10  ? 8.262   2.710   -11.183 1.00 21.32 ? 10  GLN A CB  1 
ATOM   60   C CG  . GLN A 1 10  ? 8.261   1.252   -11.445 1.00 29.94 ? 10  GLN A CG  1 
ATOM   61   C CD  . GLN A 1 10  ? 9.401   0.982   -12.452 1.00 38.38 ? 10  GLN A CD  1 
ATOM   62   O OE1 . GLN A 1 10  ? 9.291   0.032   -13.217 1.00 42.94 ? 10  GLN A OE1 1 
ATOM   63   N NE2 . GLN A 1 10  ? 10.522  1.848   -12.439 1.00 36.86 ? 10  GLN A NE2 1 
ATOM   64   N N   . THR A 1 11  ? 8.162   5.338   -9.165  1.00 15.75 ? 11  THR A N   1 
ATOM   65   C CA  . THR A 1 11  ? 8.511   6.697   -9.030  1.00 15.64 ? 11  THR A CA  1 
ATOM   66   C C   . THR A 1 11  ? 9.767   6.832   -8.108  1.00 15.10 ? 11  THR A C   1 
ATOM   67   O O   . THR A 1 11  ? 10.021  5.933   -7.362  1.00 16.96 ? 11  THR A O   1 
ATOM   68   C CB  . THR A 1 11  ? 7.317   7.557   -8.355  1.00 16.28 ? 11  THR A CB  1 
ATOM   69   O OG1 . THR A 1 11  ? 7.537   8.941   -8.552  1.00 18.26 ? 11  THR A OG1 1 
ATOM   70   C CG2 . THR A 1 11  ? 7.114   7.152   -6.896  1.00 17.72 ? 11  THR A CG2 1 
ATOM   71   N N   . GLY A 1 12  ? 10.462  7.936   -8.261  1.00 17.10 ? 12  GLY A N   1 
ATOM   72   C CA  . GLY A 1 12  ? 11.669  8.134   -7.401  1.00 17.28 ? 12  GLY A CA  1 
ATOM   73   C C   . GLY A 1 12  ? 11.226  8.725   -6.090  1.00 16.56 ? 12  GLY A C   1 
ATOM   74   O O   . GLY A 1 12  ? 10.221  9.379   -5.966  1.00 17.35 ? 12  GLY A O   1 
ATOM   75   N N   . ILE A 1 13  ? 12.077  8.413   -5.087  1.00 17.41 ? 13  ILE A N   1 
ATOM   76   C CA  . ILE A 1 13  ? 12.043  9.217   -3.858  1.00 16.58 ? 13  ILE A CA  1 
ATOM   77   C C   . ILE A 1 13  ? 13.506  9.745   -3.572  1.00 14.86 ? 13  ILE A C   1 
ATOM   78   O O   . ILE A 1 13  ? 14.374  9.038   -3.761  1.00 18.24 ? 13  ILE A O   1 
ATOM   79   C CB  . ILE A 1 13  ? 11.464  8.461   -2.618  1.00 15.38 ? 13  ILE A CB  1 
ATOM   80   C CG1 . ILE A 1 13  ? 12.229  7.233   -2.306  1.00 14.35 ? 13  ILE A CG1 1 
ATOM   81   C CG2 . ILE A 1 13  ? 9.949   8.105   -2.860  1.00 16.03 ? 13  ILE A CG2 1 
ATOM   82   C CD1 . ILE A 1 13  ? 11.806  6.520   -1.039  1.00 15.23 ? 13  ILE A CD1 1 
ATOM   83   N N   . LYS A 1 14  ? 13.485  10.903  -2.999  1.00 18.18 ? 14  LYS A N   1 
ATOM   84   C CA  . LYS A 1 14  ? 14.759  11.601  -2.571  1.00 19.66 ? 14  LYS A CA  1 
ATOM   85   C C   . LYS A 1 14  ? 15.075  11.336  -1.113  1.00 22.42 ? 14  LYS A C   1 
ATOM   86   O O   . LYS A 1 14  ? 16.151  11.604  -0.670  1.00 23.19 ? 14  LYS A O   1 
ATOM   87   C CB  . LYS A 1 14  ? 14.662  13.110  -2.811  1.00 24.68 ? 14  LYS A CB  1 
ATOM   88   C CG  . LYS A 1 14  ? 14.575  13.415  -4.274  1.00 29.16 ? 14  LYS A CG  1 
ATOM   89   C CD  . LYS A 1 14  ? 14.400  14.906  -4.415  1.00 40.45 ? 14  LYS A CD  1 
ATOM   90   C CE  . LYS A 1 14  ? 15.229  15.441  -5.573  1.00 47.00 ? 14  LYS A CE  1 
ATOM   91   N NZ  . LYS A 1 14  ? 14.974  14.689  -6.828  1.00 41.36 ? 14  LYS A NZ  1 
ATOM   92   N N   . SER A 1 15  ? 14.138  10.746  -0.403  1.00 17.59 ? 15  SER A N   1 
ATOM   93   C CA  . SER A 1 15  ? 14.256  10.383  0.993   1.00 17.68 ? 15  SER A CA  1 
ATOM   94   C C   . SER A 1 15  ? 14.833  9.003   1.162   1.00 18.25 ? 15  SER A C   1 
ATOM   95   O O   . SER A 1 15  ? 15.013  8.258   0.254   1.00 18.43 ? 15  SER A O   1 
ATOM   96   C CB  . SER A 1 15  ? 12.934  10.571  1.661   1.00 18.22 ? 15  SER A CB  1 
ATOM   97   O OG  . SER A 1 15  ? 11.910  9.776   1.009   1.00 18.93 ? 15  SER A OG  1 
ATOM   98   N N   . ASP A 1 16  ? 15.141  8.587   2.427   1.00 15.56 ? 16  ASP A N   1 
ATOM   99   C CA  . ASP A 1 16  ? 15.763  7.436   2.682   1.00 16.30 ? 16  ASP A CA  1 
ATOM   100  C C   . ASP A 1 16  ? 14.898  6.226   2.364   1.00 17.70 ? 16  ASP A C   1 
ATOM   101  O O   . ASP A 1 16  ? 13.772  6.072   2.880   1.00 17.12 ? 16  ASP A O   1 
ATOM   102  C CB  . ASP A 1 16  ? 16.237  7.469   4.177   1.00 17.10 ? 16  ASP A CB  1 
ATOM   103  C CG  . ASP A 1 16  ? 16.957  6.255   4.545   1.00 17.76 ? 16  ASP A CG  1 
ATOM   104  O OD1 . ASP A 1 16  ? 16.624  5.055   4.513   1.00 19.96 ? 16  ASP A OD1 1 
ATOM   105  O OD2 . ASP A 1 16  ? 18.247  6.422   4.992   1.00 23.81 ? 16  ASP A OD2 1 
ATOM   106  N N   . GLY A 1 17  ? 15.388  5.320   1.574   1.00 15.64 ? 17  GLY A N   1 
ATOM   107  C CA  . GLY A 1 17  ? 14.616  4.159   1.150   1.00 16.11 ? 17  GLY A CA  1 
ATOM   108  C C   . GLY A 1 17  ? 14.344  3.128   2.158   1.00 16.07 ? 17  GLY A C   1 
ATOM   109  O O   . GLY A 1 17  ? 13.334  2.387   2.154   1.00 16.93 ? 17  GLY A O   1 
ATOM   110  N N   . ASP A 1 18  ? 15.315  2.917   3.072   1.00 15.81 ? 18  ASP A N   1 
ATOM   111  C CA  . ASP A 1 18  ? 15.158  2.017   4.129   1.00 16.83 ? 18  ASP A CA  1 
ATOM   112  C C   . ASP A 1 18  ? 14.082  2.455   5.069   1.00 14.10 ? 18  ASP A C   1 
ATOM   113  O O   . ASP A 1 18  ? 13.290  1.614   5.582   1.00 16.54 ? 18  ASP A O   1 
ATOM   114  C CB  . ASP A 1 18  ? 16.529  1.826   4.902   1.00 21.53 ? 18  ASP A CB  1 
ATOM   115  C CG  . ASP A 1 18  ? 17.546  1.174   4.082   1.00 33.03 ? 18  ASP A CG  1 
ATOM   116  O OD1 . ASP A 1 18  ? 17.250  0.062   3.643   1.00 39.26 ? 18  ASP A OD1 1 
ATOM   117  O OD2 . ASP A 1 18  ? 18.647  1.744   3.860   1.00 38.00 ? 18  ASP A OD2 1 
ATOM   118  N N   . VAL A 1 19  ? 14.083  3.709   5.379   1.00 14.94 ? 19  VAL A N   1 
ATOM   119  C CA  . VAL A 1 19  ? 13.123  4.325   6.281   1.00 14.38 ? 19  VAL A CA  1 
ATOM   120  C C   . VAL A 1 19  ? 11.731  4.152   5.656   1.00 14.61 ? 19  VAL A C   1 
ATOM   121  O O   . VAL A 1 19  ? 10.753  3.889   6.332   1.00 14.44 ? 19  VAL A O   1 
ATOM   122  C CB  . VAL A 1 19  ? 13.460  5.771   6.559   1.00 15.36 ? 19  VAL A CB  1 
ATOM   123  C CG1 . VAL A 1 19  ? 12.442  6.420   7.472   1.00 15.29 ? 19  VAL A CG1 1 
ATOM   124  C CG2 . VAL A 1 19  ? 14.832  5.825   7.331   1.00 15.98 ? 19  VAL A CG2 1 
ATOM   125  N N   . PHE A 1 20  ? 11.630  4.308   4.327   1.00 14.31 ? 20  PHE A N   1 
ATOM   126  C CA  . PHE A 1 20  ? 10.351  4.165   3.583   1.00 13.22 ? 20  PHE A CA  1 
ATOM   127  C C   . PHE A 1 20  ? 9.873   2.714   3.680   1.00 13.97 ? 20  PHE A C   1 
ATOM   128  O O   . PHE A 1 20  ? 8.692   2.428   4.083   1.00 13.23 ? 20  PHE A O   1 
ATOM   129  C CB  . PHE A 1 20  ? 10.526  4.509   2.103   1.00 13.51 ? 20  PHE A CB  1 
ATOM   130  C CG  . PHE A 1 20  ? 9.212   4.738   1.342   1.00 12.82 ? 20  PHE A CG  1 
ATOM   131  C CD1 . PHE A 1 20  ? 8.757   5.995   1.086   1.00 13.69 ? 20  PHE A CD1 1 
ATOM   132  C CD2 . PHE A 1 20  ? 8.540   3.643   0.891   1.00 13.96 ? 20  PHE A CD2 1 
ATOM   133  C CE1 . PHE A 1 20  ? 7.582   6.211   0.354   1.00 13.35 ? 20  PHE A CE1 1 
ATOM   134  C CE2 . PHE A 1 20  ? 7.366   3.872   0.125   1.00 13.50 ? 20  PHE A CE2 1 
ATOM   135  C CZ  . PHE A 1 20  ? 6.890   5.077   -0.069  1.00 13.78 ? 20  PHE A CZ  1 
ATOM   136  N N   . HIS A 1 21  ? 10.685  1.744   3.443   1.00 13.49 ? 21  HIS A N   1 
ATOM   137  C CA  . HIS A 1 21  ? 10.401  0.368   3.584   1.00 12.69 ? 21  HIS A CA  1 
ATOM   138  C C   . HIS A 1 21  ? 9.911   -0.003  4.968   1.00 14.31 ? 21  HIS A C   1 
ATOM   139  O O   . HIS A 1 21  ? 8.929   -0.641  5.202   1.00 14.05 ? 21  HIS A O   1 
ATOM   140  C CB  . HIS A 1 21  ? 11.590  -0.524  3.207   1.00 14.03 ? 21  HIS A CB  1 
ATOM   141  C CG  . HIS A 1 21  ? 11.444  -1.958  3.596   1.00 16.03 ? 21  HIS A CG  1 
ATOM   142  N ND1 . HIS A 1 21  ? 10.394  -2.733  3.180   1.00 16.98 ? 21  HIS A ND1 1 
ATOM   143  C CD2 . HIS A 1 21  ? 12.074  -2.725  4.517   1.00 16.31 ? 21  HIS A CD2 1 
ATOM   144  C CE1 . HIS A 1 21  ? 10.526  -3.968  3.623   1.00 16.57 ? 21  HIS A CE1 1 
ATOM   145  N NE2 . HIS A 1 21  ? 11.536  -3.958  4.495   1.00 20.53 ? 21  HIS A NE2 1 
ATOM   146  N N   . GLU A 1 22  ? 10.689  0.423   5.978   1.00 14.66 ? 22  GLU A N   1 
ATOM   147  C CA  . GLU A 1 22  ? 10.323  0.066   7.343   1.00 15.26 ? 22  GLU A CA  1 
ATOM   148  C C   . GLU A 1 22  ? 9.082   0.754   7.827   1.00 14.03 ? 22  GLU A C   1 
ATOM   149  O O   . GLU A 1 22  ? 8.414   0.260   8.701   1.00 15.94 ? 22  GLU A O   1 
ATOM   150  C CB  . GLU A 1 22  ? 11.529  0.416   8.269   1.00 15.22 ? 22  GLU A CB  1 
ATOM   151  C CG  . GLU A 1 22  ? 12.646  -0.585  8.107   1.00 18.92 ? 22  GLU A CG  1 
ATOM   152  C CD  . GLU A 1 22  ? 12.368  -1.979  8.564   1.00 20.43 ? 22  GLU A CD  1 
ATOM   153  O OE1 . GLU A 1 22  ? 11.370  -2.379  9.278   1.00 21.60 ? 22  GLU A OE1 1 
ATOM   154  O OE2 . GLU A 1 22  ? 13.166  -2.866  8.128   1.00 25.57 ? 22  GLU A OE2 1 
ATOM   155  N N   . LEU A 1 23  ? 8.736   1.912   7.284   1.00 13.29 ? 23  LEU A N   1 
ATOM   156  C CA  . LEU A 1 23  ? 7.469   2.575   7.573   1.00 12.31 ? 23  LEU A CA  1 
ATOM   157  C C   . LEU A 1 23  ? 6.334   1.580   7.310   1.00 14.28 ? 23  LEU A C   1 
ATOM   158  O O   . LEU A 1 23  ? 5.455   1.335   8.171   1.00 13.52 ? 23  LEU A O   1 
ATOM   159  C CB  . LEU A 1 23  ? 7.309   3.849   6.802   1.00 13.14 ? 23  LEU A CB  1 
ATOM   160  C CG  . LEU A 1 23  ? 5.956   4.487   6.879   1.00 12.00 ? 23  LEU A CG  1 
ATOM   161  C CD1 . LEU A 1 23  ? 5.611   4.865   8.297   1.00 13.56 ? 23  LEU A CD1 1 
ATOM   162  C CD2 . LEU A 1 23  ? 5.880   5.683   5.953   1.00 14.58 ? 23  LEU A CD2 1 
ATOM   163  N N   . PHE A 1 24  ? 6.334   1.022   6.103   1.00 12.86 ? 24  PHE A N   1 
ATOM   164  C CA  . PHE A 1 24  ? 5.341   -0.007  5.786   1.00 13.79 ? 24  PHE A CA  1 
ATOM   165  C C   . PHE A 1 24  ? 5.531   -1.323  6.479   1.00 14.32 ? 24  PHE A C   1 
ATOM   166  O O   . PHE A 1 24  ? 4.554   -2.032  6.745   1.00 16.09 ? 24  PHE A O   1 
ATOM   167  C CB  . PHE A 1 24  ? 5.197   -0.142  4.266   1.00 14.15 ? 24  PHE A CB  1 
ATOM   168  C CG  . PHE A 1 24  ? 4.543   1.022   3.636   1.00 14.15 ? 24  PHE A CG  1 
ATOM   169  C CD1 . PHE A 1 24  ? 3.163   1.136   3.697   1.00 13.42 ? 24  PHE A CD1 1 
ATOM   170  C CD2 . PHE A 1 24  ? 5.271   2.051   3.020   1.00 14.23 ? 24  PHE A CD2 1 
ATOM   171  C CE1 . PHE A 1 24  ? 2.512   2.218   3.176   1.00 13.82 ? 24  PHE A CE1 1 
ATOM   172  C CE2 . PHE A 1 24  ? 4.602   3.177   2.490   1.00 13.61 ? 24  PHE A CE2 1 
ATOM   173  C CZ  . PHE A 1 24  ? 3.194   3.248   2.578   1.00 13.74 ? 24  PHE A CZ  1 
ATOM   174  N N   . GLY A 1 25  ? 6.782   -1.780  6.701   1.00 15.76 ? 25  GLY A N   1 
ATOM   175  C CA  . GLY A 1 25  ? 7.070   -3.088  7.214   1.00 16.32 ? 25  GLY A CA  1 
ATOM   176  C C   . GLY A 1 25  ? 6.946   -3.209  8.729   1.00 17.36 ? 25  GLY A C   1 
ATOM   177  O O   . GLY A 1 25  ? 6.349   -4.158  9.189   1.00 18.83 ? 25  GLY A O   1 
ATOM   178  N N   . THR A 1 26  ? 7.382   -2.228  9.486   1.00 16.04 ? 26  THR A N   1 
ATOM   179  C CA  . THR A 1 26  ? 7.279   -2.229  10.941  1.00 15.58 ? 26  THR A CA  1 
ATOM   180  C C   . THR A 1 26  ? 6.521   -1.121  11.543  1.00 14.81 ? 26  THR A C   1 
ATOM   181  O O   . THR A 1 26  ? 6.201   -1.159  12.746  1.00 19.14 ? 26  THR A O   1 
ATOM   182  C CB  . THR A 1 26  ? 8.707   -2.340  11.613  1.00 15.95 ? 26  THR A CB  1 
ATOM   183  O OG1 . THR A 1 26  ? 9.545   -1.309  11.104  1.00 17.80 ? 26  THR A OG1 1 
ATOM   184  C CG2 . THR A 1 26  ? 9.265   -3.678  11.373  1.00 18.78 ? 26  THR A CG2 1 
ATOM   185  N N   . ARG A 1 27  ? 6.139   -0.056  10.839  1.00 14.24 ? 27  ARG A N   1 
ATOM   186  C CA  . ARG A 1 27  ? 5.453   1.065   11.384  1.00 13.74 ? 27  ARG A CA  1 
ATOM   187  C C   . ARG A 1 27  ? 4.179   1.546   10.588  1.00 12.60 ? 27  ARG A C   1 
ATOM   188  O O   . ARG A 1 27  ? 3.950   2.715   10.459  1.00 12.73 ? 27  ARG A O   1 
ATOM   189  C CB  . ARG A 1 27  ? 6.390   2.275   11.532  1.00 15.95 ? 27  ARG A CB  1 
ATOM   190  C CG  . ARG A 1 27  ? 7.755   1.956   12.166  1.00 15.47 ? 27  ARG A CG  1 
ATOM   191  C CD  . ARG A 1 27  ? 8.512   3.217   12.323  1.00 16.25 ? 27  ARG A CD  1 
ATOM   192  N NE  . ARG A 1 27  ? 8.797   4.037   11.144  1.00 15.47 ? 27  ARG A NE  1 
ATOM   193  C CZ  . ARG A 1 27  ? 9.739   3.760   10.259  1.00 13.73 ? 27  ARG A CZ  1 
ATOM   194  N NH1 . ARG A 1 27  ? 9.905   4.646   9.270   1.00 13.48 ? 27  ARG A NH1 1 
ATOM   195  N NH2 . ARG A 1 27  ? 10.552  2.775   10.381  1.00 15.26 ? 27  ARG A NH2 1 
ATOM   196  N N   . PRO A 1 28  ? 3.397   0.521   10.140  1.00 13.17 ? 28  PRO A N   1 
ATOM   197  C CA  . PRO A 1 28  ? 2.307   0.953   9.234   1.00 13.09 ? 28  PRO A CA  1 
ATOM   198  C C   . PRO A 1 28  ? 1.295   1.858   9.903   1.00 13.15 ? 28  PRO A C   1 
ATOM   199  O O   . PRO A 1 28  ? 0.690   2.747   9.269   1.00 13.79 ? 28  PRO A O   1 
ATOM   200  C CB  . PRO A 1 28  ? 1.739   -0.337  8.719   1.00 14.46 ? 28  PRO A CB  1 
ATOM   201  C CG  . PRO A 1 28  ? 1.968   -1.296  9.826   1.00 15.15 ? 28  PRO A CG  1 
ATOM   202  C CD  . PRO A 1 28  ? 3.417   -0.920  10.260  1.00 15.29 ? 28  PRO A CD  1 
ATOM   203  N N   . HIS A 1 29  ? 1.085   1.718   11.231  1.00 13.03 ? 29  HIS A N   1 
ATOM   204  C CA  . HIS A 1 29  ? 0.297   2.583   11.972  1.00 13.20 ? 29  HIS A CA  1 
ATOM   205  C C   . HIS A 1 29  ? 0.677   4.057   12.091  1.00 11.58 ? 29  HIS A C   1 
ATOM   206  O O   . HIS A 1 29  ? -0.066  4.895   12.514  1.00 14.95 ? 29  HIS A O   1 
ATOM   207  C CB  . HIS A 1 29  ? 0.092   2.003   13.385  1.00 14.94 ? 29  HIS A CB  1 
ATOM   208  C CG  . HIS A 1 29  ? 1.382   1.855   14.123  1.00 16.24 ? 29  HIS A CG  1 
ATOM   209  N ND1 . HIS A 1 29  ? 2.390   1.096   13.654  1.00 16.20 ? 29  HIS A ND1 1 
ATOM   210  C CD2 . HIS A 1 29  ? 1.732   2.204   15.397  1.00 19.04 ? 29  HIS A CD2 1 
ATOM   211  C CE1 . HIS A 1 29  ? 3.357   0.999   14.587  1.00 19.42 ? 29  HIS A CE1 1 
ATOM   212  N NE2 . HIS A 1 29  ? 2.960   1.690   15.627  1.00 19.62 ? 29  HIS A NE2 1 
ATOM   213  N N   . HIS A 1 30  ? 1.931   4.378   11.610  1.00 13.06 ? 30  HIS A N   1 
ATOM   214  C CA  . HIS A 1 30  ? 2.368   5.739   11.479  1.00 12.98 ? 30  HIS A CA  1 
ATOM   215  C C   . HIS A 1 30  ? 1.953   6.461   10.176  1.00 11.26 ? 30  HIS A C   1 
ATOM   216  O O   . HIS A 1 30  ? 1.914   7.648   10.084  1.00 12.37 ? 30  HIS A O   1 
ATOM   217  C CB  . HIS A 1 30  ? 3.887   5.906   11.602  1.00 12.80 ? 30  HIS A CB  1 
ATOM   218  C CG  . HIS A 1 30  ? 4.399   5.526   12.969  1.00 14.82 ? 30  HIS A CG  1 
ATOM   219  N ND1 . HIS A 1 30  ? 5.747   5.676   13.269  1.00 15.21 ? 30  HIS A ND1 1 
ATOM   220  C CD2 . HIS A 1 30  ? 3.822   4.938   14.033  1.00 14.18 ? 30  HIS A CD2 1 
ATOM   221  C CE1 . HIS A 1 30  ? 5.975   5.150   14.466  1.00 15.66 ? 30  HIS A CE1 1 
ATOM   222  N NE2 . HIS A 1 30  ? 4.853   4.705   14.950  1.00 15.28 ? 30  HIS A NE2 1 
ATOM   223  N N   . VAL A 1 31  ? 1.598   5.596   9.192   1.00 12.47 ? 31  VAL A N   1 
ATOM   224  C CA  . VAL A 1 31  ? 1.199   6.095   7.838   1.00 13.98 ? 31  VAL A CA  1 
ATOM   225  C C   . VAL A 1 31  ? 0.089   7.150   7.927   1.00 12.85 ? 31  VAL A C   1 
ATOM   226  O O   . VAL A 1 31  ? 0.171   8.205   7.314   1.00 13.15 ? 31  VAL A O   1 
ATOM   227  C CB  . VAL A 1 31  ? 0.949   4.944   6.902   1.00 12.98 ? 31  VAL A CB  1 
ATOM   228  C CG1 . VAL A 1 31  ? 0.400   5.505   5.570   1.00 14.08 ? 31  VAL A CG1 1 
ATOM   229  C CG2 . VAL A 1 31  ? 2.218   4.160   6.649   1.00 12.88 ? 31  VAL A CG2 1 
ATOM   230  N N   . PRO A 1 32  ? -0.969  6.916   8.694   1.00 12.58 ? 32  PRO A N   1 
ATOM   231  C CA  . PRO A 1 32  ? -2.002  7.955   8.803   1.00 13.51 ? 32  PRO A CA  1 
ATOM   232  C C   . PRO A 1 32  ? -1.616  9.296   9.309   1.00 13.08 ? 32  PRO A C   1 
ATOM   233  O O   . PRO A 1 32  ? -2.170  10.312  9.017   1.00 15.13 ? 32  PRO A O   1 
ATOM   234  C CB  . PRO A 1 32  ? -3.061  7.306   9.735   1.00 14.96 ? 32  PRO A CB  1 
ATOM   235  C CG  . PRO A 1 32  ? -2.751  5.885   9.817   1.00 16.99 ? 32  PRO A CG  1 
ATOM   236  C CD  . PRO A 1 32  ? -1.278  5.716   9.501   1.00 17.48 ? 32  PRO A CD  1 
ATOM   237  N N   . ASN A 1 33  ? -0.547  9.284   10.155  1.00 14.36 ? 33  ASN A N   1 
ATOM   238  C CA  . ASN A 1 33  ? -0.089  10.498  10.635  1.00 14.17 ? 33  ASN A CA  1 
ATOM   239  C C   . ASN A 1 33  ? 0.659   11.375  9.664   1.00 12.62 ? 33  ASN A C   1 
ATOM   240  O O   . ASN A 1 33  ? 0.699   12.565  9.769   1.00 16.82 ? 33  ASN A O   1 
ATOM   241  C CB  . ASN A 1 33  ? 0.929   10.238  11.794  1.00 14.19 ? 33  ASN A CB  1 
ATOM   242  C CG  . ASN A 1 33  ? 0.427   9.316   12.870  1.00 15.75 ? 33  ASN A CG  1 
ATOM   243  O OD1 . ASN A 1 33  ? -0.775  9.164   13.120  1.00 17.61 ? 33  ASN A OD1 1 
ATOM   244  N ND2 . ASN A 1 33  ? 1.340   8.608   13.512  1.00 14.33 ? 33  ASN A ND2 1 
ATOM   245  N N   . ILE A 1 34  ? 1.213   10.689  8.644   1.00 14.19 ? 34  ILE A N   1 
ATOM   246  C CA  . ILE A 1 34  ? 2.054   11.324  7.607   1.00 15.34 ? 34  ILE A CA  1 
ATOM   247  C C   . ILE A 1 34  ? 1.258   11.740  6.328   1.00 15.54 ? 34  ILE A C   1 
ATOM   248  O O   . ILE A 1 34  ? 1.600   12.695  5.702   1.00 17.16 ? 34  ILE A O   1 
ATOM   249  C CB  . ILE A 1 34  ? 3.142   10.301  7.227   1.00 15.64 ? 34  ILE A CB  1 
ATOM   250  C CG1 . ILE A 1 34  ? 4.067   10.024  8.437   1.00 17.50 ? 34  ILE A CG1 1 
ATOM   251  C CG2 . ILE A 1 34  ? 3.946   10.742  6.014   1.00 17.93 ? 34  ILE A CG2 1 
ATOM   252  C CD1 . ILE A 1 34  ? 4.842   8.796   8.270   1.00 18.61 ? 34  ILE A CD1 1 
ATOM   253  N N   . THR A 1 35  ? 0.219   10.969  6.050   1.00 13.81 ? 35  THR A N   1 
ATOM   254  C CA  . THR A 1 35  ? -0.614  11.249  4.801   1.00 14.17 ? 35  THR A CA  1 
ATOM   255  C C   . THR A 1 35  ? -2.097  11.308  5.196   1.00 14.04 ? 35  THR A C   1 
ATOM   256  O O   . THR A 1 35  ? -2.929  10.542  4.650   1.00 14.42 ? 35  THR A O   1 
ATOM   257  C CB  . THR A 1 35  ? -0.210  10.220  3.708   1.00 14.77 ? 35  THR A CB  1 
ATOM   258  O OG1 . THR A 1 35  ? -0.820  10.703  2.487   1.00 15.26 ? 35  THR A OG1 1 
ATOM   259  C CG2 . THR A 1 35  ? -0.532  8.839   3.926   1.00 13.90 ? 35  THR A CG2 1 
ATOM   260  N N   . PRO A 1 36  ? -2.487  12.149  6.142   1.00 15.18 ? 36  PRO A N   1 
ATOM   261  C CA  . PRO A 1 36  ? -3.816  12.090  6.643   1.00 16.46 ? 36  PRO A CA  1 
ATOM   262  C C   . PRO A 1 36  ? -4.898  12.447  5.624   1.00 16.83 ? 36  PRO A C   1 
ATOM   263  O O   . PRO A 1 36  ? -6.047  12.025  5.881   1.00 17.73 ? 36  PRO A O   1 
ATOM   264  C CB  . PRO A 1 36  ? -3.743  13.165  7.803   1.00 17.40 ? 36  PRO A CB  1 
ATOM   265  C CG  . PRO A 1 36  ? -2.666  14.042  7.393   1.00 16.24 ? 36  PRO A CG  1 
ATOM   266  C CD  . PRO A 1 36  ? -1.629  13.130  6.875   1.00 16.69 ? 36  PRO A CD  1 
ATOM   267  N N   . ALA A 1 37  ? -4.565  13.140  4.581   1.00 15.40 ? 37  ALA A N   1 
ATOM   268  C CA  . ALA A 1 37  ? -5.648  13.354  3.583   1.00 17.42 ? 37  ALA A CA  1 
ATOM   269  C C   . ALA A 1 37  ? -6.015  12.086  2.858   1.00 17.18 ? 37  ALA A C   1 
ATOM   270  O O   . ALA A 1 37  ? -7.136  11.955  2.371   1.00 18.25 ? 37  ALA A O   1 
ATOM   271  C CB  . ALA A 1 37  ? -5.198  14.363  2.585   1.00 19.32 ? 37  ALA A CB  1 
ATOM   272  N N   . ASN A 1 38  ? -5.095  11.113  2.732   1.00 13.35 ? 38  ASN A N   1 
ATOM   273  C CA  . ASN A 1 38  ? -5.322  9.854   2.073   1.00 12.47 ? 38  ASN A CA  1 
ATOM   274  C C   . ASN A 1 38  ? -5.739  8.705   2.961   1.00 13.52 ? 38  ASN A C   1 
ATOM   275  O O   . ASN A 1 38  ? -6.595  7.884   2.669   1.00 13.86 ? 38  ASN A O   1 
ATOM   276  C CB  . ASN A 1 38  ? -4.044  9.433   1.284   1.00 12.78 ? 38  ASN A CB  1 
ATOM   277  C CG  . ASN A 1 38  ? -3.724  10.385  0.219   1.00 13.72 ? 38  ASN A CG  1 
ATOM   278  O OD1 . ASN A 1 38  ? -4.604  10.701  -0.638  1.00 16.80 ? 38  ASN A OD1 1 
ATOM   279  N ND2 . ASN A 1 38  ? -2.497  10.804  0.122   1.00 14.06 ? 38  ASN A ND2 1 
ATOM   280  N N   . ILE A 1 39  ? -5.031  8.570   4.144   1.00 13.38 ? 39  ILE A N   1 
ATOM   281  C CA  . ILE A 1 39  ? -5.176  7.487   5.080   1.00 12.17 ? 39  ILE A CA  1 
ATOM   282  C C   . ILE A 1 39  ? -5.466  8.098   6.437   1.00 13.84 ? 39  ILE A C   1 
ATOM   283  O O   . ILE A 1 39  ? -4.678  8.884   6.958   1.00 14.31 ? 39  ILE A O   1 
ATOM   284  C CB  . ILE A 1 39  ? -3.988  6.547   5.068   1.00 12.78 ? 39  ILE A CB  1 
ATOM   285  C CG1 . ILE A 1 39  ? -3.850  5.898   3.713   1.00 13.18 ? 39  ILE A CG1 1 
ATOM   286  C CG2 . ILE A 1 39  ? -4.175  5.461   6.081   1.00 13.75 ? 39  ILE A CG2 1 
ATOM   287  C CD1 . ILE A 1 39  ? -2.565  5.156   3.447   1.00 12.96 ? 39  ILE A CD1 1 
ATOM   288  N N   . GLN A 1 40  ? -6.631  7.823   6.992   1.00 14.05 ? 40  GLN A N   1 
ATOM   289  C CA  . GLN A 1 40  ? -7.096  8.347   8.293   1.00 15.29 ? 40  GLN A CA  1 
ATOM   290  C C   . GLN A 1 40  ? -6.866  7.422   9.411   1.00 14.92 ? 40  GLN A C   1 
ATOM   291  O O   . GLN A 1 40  ? -6.863  7.901   10.575  1.00 18.02 ? 40  GLN A O   1 
ATOM   292  C CB  . GLN A 1 40  ? -8.554  8.687   8.200   1.00 15.99 ? 40  GLN A CB  1 
ATOM   293  C CG  . GLN A 1 40  ? -8.852  9.804   7.209   1.00 17.72 ? 40  GLN A CG  1 
ATOM   294  C CD  . GLN A 1 40  ? -8.863  9.416   5.710   1.00 15.48 ? 40  GLN A CD  1 
ATOM   295  O OE1 . GLN A 1 40  ? -9.420  8.349   5.400   1.00 16.47 ? 40  GLN A OE1 1 
ATOM   296  N NE2 . GLN A 1 40  ? -8.146  10.158  4.900   1.00 17.68 ? 40  GLN A NE2 1 
ATOM   297  N N   . GLY A 1 41  ? -6.668  6.175   9.226   1.00 13.84 ? 41  GLY A N   1 
ATOM   298  C CA  . GLY A 1 41  ? -6.395  5.189   10.332  1.00 15.12 ? 41  GLY A CA  1 
ATOM   299  C C   . GLY A 1 41  ? -5.749  3.975   9.886   1.00 17.12 ? 41  GLY A C   1 
ATOM   300  O O   . GLY A 1 41  ? -5.865  3.503   8.735   1.00 15.90 ? 41  GLY A O   1 
ATOM   301  N N   . CYS A 1 42  ? -5.035  3.321   10.796  1.00 15.46 ? 42  CYS A N   1 
ATOM   302  C CA  . CYS A 1 42  ? -4.492  2.027   10.615  1.00 15.55 ? 42  CYS A CA  1 
ATOM   303  C C   . CYS A 1 42  ? -4.455  1.377   11.985  1.00 22.07 ? 42  CYS A C   1 
ATOM   304  O O   . CYS A 1 42  ? -3.532  1.758   12.775  1.00 24.58 ? 42  CYS A O   1 
ATOM   305  C CB  . CYS A 1 42  ? -3.048  2.015   10.045  1.00 20.03 ? 42  CYS A CB  1 
ATOM   306  S SG  . CYS A 1 42  ? -2.270  0.447   9.815   1.00 20.88 ? 42  CYS A SG  1 
ATOM   307  N N   . ASP A 1 43  ? -5.351  0.440   12.230  1.00 19.03 ? 43  ASP A N   1 
ATOM   308  C CA  . ASP A 1 43  ? -5.514  -0.258  13.553  1.00 19.31 ? 43  ASP A CA  1 
ATOM   309  C C   . ASP A 1 43  ? -5.065  -1.692  13.411  1.00 20.19 ? 43  ASP A C   1 
ATOM   310  O O   . ASP A 1 43  ? -5.388  -2.417  12.417  1.00 18.87 ? 43  ASP A O   1 
ATOM   311  C CB  . ASP A 1 43  ? -6.964  -0.158  13.902  1.00 21.75 ? 43  ASP A CB  1 
ATOM   312  C CG  . ASP A 1 43  ? -7.375  1.265   14.090  1.00 26.16 ? 43  ASP A CG  1 
ATOM   313  O OD1 . ASP A 1 43  ? -6.551  2.010   14.719  1.00 33.35 ? 43  ASP A OD1 1 
ATOM   314  O OD2 . ASP A 1 43  ? -8.286  1.768   13.478  1.00 29.50 ? 43  ASP A OD2 1 
ATOM   315  N N   . LEU A 1 44  ? -4.279  -2.186  14.393  1.00 19.93 ? 44  LEU A N   1 
ATOM   316  C CA  . LEU A 1 44  ? -3.870  -3.523  14.443  1.00 21.20 ? 44  LEU A CA  1 
ATOM   317  C C   . LEU A 1 44  ? -5.040  -4.387  14.893  1.00 23.31 ? 44  LEU A C   1 
ATOM   318  O O   . LEU A 1 44  ? -5.656  -4.093  15.918  1.00 29.65 ? 44  LEU A O   1 
ATOM   319  C CB  . LEU A 1 44  ? -2.644  -3.658  15.405  1.00 25.04 ? 44  LEU A CB  1 
ATOM   320  C CG  . LEU A 1 44  ? -2.056  -5.029  15.530  1.00 25.53 ? 44  LEU A CG  1 
ATOM   321  C CD1 . LEU A 1 44  ? -1.487  -5.572  14.267  1.00 25.62 ? 44  LEU A CD1 1 
ATOM   322  C CD2 . LEU A 1 44  ? -0.999  -5.008  16.664  1.00 27.50 ? 44  LEU A CD2 1 
ATOM   323  N N   . HIS A 1 45  ? -5.425  -5.358  14.056  1.00 20.40 ? 45  HIS A N   1 
ATOM   324  C CA  . HIS A 1 45  ? -6.527  -6.242  14.328  1.00 23.48 ? 45  HIS A CA  1 
ATOM   325  C C   . HIS A 1 45  ? -6.052  -7.563  14.870  1.00 21.07 ? 45  HIS A C   1 
ATOM   326  O O   . HIS A 1 45  ? -6.758  -8.124  15.730  1.00 26.07 ? 45  HIS A O   1 
ATOM   327  C CB  . HIS A 1 45  ? -7.330  -6.456  13.023  1.00 21.31 ? 45  HIS A CB  1 
ATOM   328  C CG  . HIS A 1 45  ? -8.594  -7.237  13.231  1.00 27.30 ? 45  HIS A CG  1 
ATOM   329  N ND1 . HIS A 1 45  ? -9.583  -6.805  14.080  1.00 30.10 ? 45  HIS A ND1 1 
ATOM   330  C CD2 . HIS A 1 45  ? -8.985  -8.445  12.771  1.00 27.46 ? 45  HIS A CD2 1 
ATOM   331  C CE1 . HIS A 1 45  ? -10.573 -7.675  14.082  1.00 31.61 ? 45  HIS A CE1 1 
ATOM   332  N NE2 . HIS A 1 45  ? -10.237 -8.681  13.302  1.00 29.49 ? 45  HIS A NE2 1 
ATOM   333  N N   . GLU A 1 46  ? -5.001  -8.127  14.336  1.00 20.43 ? 46  GLU A N   1 
ATOM   334  C CA  . GLU A 1 46  ? -4.450  -9.405  14.783  1.00 24.49 ? 46  GLU A CA  1 
ATOM   335  C C   . GLU A 1 46  ? -2.976  -9.401  14.619  1.00 24.71 ? 46  GLU A C   1 
ATOM   336  O O   . GLU A 1 46  ? -2.415  -8.784  13.697  1.00 22.08 ? 46  GLU A O   1 
ATOM   337  C CB  . GLU A 1 46  ? -5.088  -10.523 13.956  1.00 26.60 ? 46  GLU A CB  1 
ATOM   338  C CG  . GLU A 1 46  ? -4.220  -11.763 13.673  1.00 39.26 ? 46  GLU A CG  1 
ATOM   339  C CD  . GLU A 1 46  ? -4.999  -12.949 13.080  1.00 43.90 ? 46  GLU A CD  1 
ATOM   340  O OE1 . GLU A 1 46  ? -4.637  -14.114 13.367  1.00 60.22 ? 46  GLU A OE1 1 
ATOM   341  O OE2 . GLU A 1 46  ? -5.963  -12.730 12.329  1.00 39.45 ? 46  GLU A OE2 1 
ATOM   342  N N   . GLY A 1 47  ? -2.261  -10.086 15.546  1.00 25.63 ? 47  GLY A N   1 
ATOM   343  C CA  . GLY A 1 47  ? -0.872  -10.309 15.359  1.00 22.82 ? 47  GLY A CA  1 
ATOM   344  C C   . GLY A 1 47  ? -0.090  -9.139  15.929  1.00 21.04 ? 47  GLY A C   1 
ATOM   345  O O   . GLY A 1 47  ? -0.619  -8.312  16.658  1.00 25.20 ? 47  GLY A O   1 
ATOM   346  N N   . GLU A 1 48  ? 1.122   -8.946  15.434  1.00 22.69 ? 48  GLU A N   1 
ATOM   347  C CA  . GLU A 1 48  ? 1.943   -7.808  15.850  1.00 29.45 ? 48  GLU A CA  1 
ATOM   348  C C   . GLU A 1 48  ? 2.534   -7.083  14.581  1.00 21.95 ? 48  GLU A C   1 
ATOM   349  O O   . GLU A 1 48  ? 2.941   -7.743  13.592  1.00 24.75 ? 48  GLU A O   1 
ATOM   350  C CB  . GLU A 1 48  ? 3.097   -8.322  16.752  1.00 32.15 ? 48  GLU A CB  1 
ATOM   351  C CG  . GLU A 1 48  ? 2.660   -9.095  18.022  1.00 37.90 ? 48  GLU A CG  1 
ATOM   352  C CD  . GLU A 1 48  ? 1.766   -8.299  18.980  1.00 43.35 ? 48  GLU A CD  1 
ATOM   353  O OE1 . GLU A 1 48  ? 0.913   -8.927  19.702  1.00 46.89 ? 48  GLU A OE1 1 
ATOM   354  O OE2 . GLU A 1 48  ? 1.894   -7.049  19.054  1.00 41.10 ? 48  GLU A OE2 1 
ATOM   355  N N   . PHE A 1 49  ? 2.708   -5.781  14.772  1.00 29.35 ? 49  PHE A N   1 
ATOM   356  C CA  . PHE A 1 49  ? 3.299   -4.925  13.730  1.00 29.81 ? 49  PHE A CA  1 
ATOM   357  C C   . PHE A 1 49  ? 4.641   -5.444  13.465  1.00 31.30 ? 49  PHE A C   1 
ATOM   358  O O   . PHE A 1 49  ? 5.408   -5.723  14.395  1.00 31.07 ? 49  PHE A O   1 
ATOM   359  C CB  . PHE A 1 49  ? 3.454   -3.489  14.170  1.00 27.96 ? 49  PHE A CB  1 
ATOM   360  C CG  . PHE A 1 49  ? 2.208   -2.757  14.291  1.00 28.26 ? 49  PHE A CG  1 
ATOM   361  C CD1 . PHE A 1 49  ? 1.936   -2.035  15.456  1.00 28.85 ? 49  PHE A CD1 1 
ATOM   362  C CD2 . PHE A 1 49  ? 1.336   -2.625  13.223  1.00 24.33 ? 49  PHE A CD2 1 
ATOM   363  C CE1 . PHE A 1 49  ? 0.758   -1.314  15.569  1.00 28.10 ? 49  PHE A CE1 1 
ATOM   364  C CE2 . PHE A 1 49  ? 0.160   -1.920  13.319  1.00 27.65 ? 49  PHE A CE2 1 
ATOM   365  C CZ  . PHE A 1 49  ? -0.149  -1.236  14.516  1.00 34.61 ? 49  PHE A CZ  1 
ATOM   366  N N   . GLY A 1 50  ? 4.948   -5.653  12.207  1.00 25.75 ? 50  GLY A N   1 
ATOM   367  C CA  . GLY A 1 50  ? 6.193   -6.119  11.752  1.00 28.61 ? 50  GLY A CA  1 
ATOM   368  C C   . GLY A 1 50  ? 6.288   -7.586  11.437  1.00 28.76 ? 50  GLY A C   1 
ATOM   369  O O   . GLY A 1 50  ? 7.284   -8.080  10.902  1.00 29.52 ? 50  GLY A O   1 
ATOM   370  N N   . LYS A 1 51  ? 5.225   -8.344  11.748  1.00 29.93 ? 51  LYS A N   1 
ATOM   371  C CA  . LYS A 1 51  ? 5.264   -9.761  11.487  1.00 28.46 ? 51  LYS A CA  1 
ATOM   372  C C   . LYS A 1 51  ? 4.353   -10.208 10.363  1.00 28.71 ? 51  LYS A C   1 
ATOM   373  O O   . LYS A 1 51  ? 3.216   -9.692  10.271  1.00 26.69 ? 51  LYS A O   1 
ATOM   374  C CB  . LYS A 1 51  ? 4.943   -10.545 12.787  1.00 29.26 ? 51  LYS A CB  1 
ATOM   375  C CG  . LYS A 1 51  ? 6.137   -10.717 13.751  1.00 36.72 ? 51  LYS A CG  1 
ATOM   376  C CD  . LYS A 1 51  ? 6.188   -9.578  14.776  1.00 46.09 ? 51  LYS A CD  1 
ATOM   377  C CE  . LYS A 1 51  ? 6.678   -10.064 16.173  1.00 53.25 ? 51  LYS A CE  1 
ATOM   378  N NZ  . LYS A 1 51  ? 6.341   -9.174  17.349  1.00 51.77 ? 51  LYS A NZ  1 
ATOM   379  N N   . VAL A 1 52  ? 4.805   -11.150 9.553   1.00 26.16 ? 52  VAL A N   1 
ATOM   380  C CA  . VAL A 1 52  ? 3.989   -11.777 8.584   1.00 24.14 ? 52  VAL A CA  1 
ATOM   381  C C   . VAL A 1 52  ? 2.817   -12.409 9.257   1.00 28.17 ? 52  VAL A C   1 
ATOM   382  O O   . VAL A 1 52  ? 2.952   -13.120 10.267  1.00 24.92 ? 52  VAL A O   1 
ATOM   383  C CB  . VAL A 1 52  ? 4.783   -12.764 7.746   1.00 27.96 ? 52  VAL A CB  1 
ATOM   384  C CG1 . VAL A 1 52  ? 3.926   -13.611 6.858   1.00 32.80 ? 52  VAL A CG1 1 
ATOM   385  C CG2 . VAL A 1 52  ? 5.859   -11.997 6.986   1.00 32.77 ? 52  VAL A CG2 1 
ATOM   386  N N   . GLY A 1 53  ? 1.632   -12.166 8.686   1.00 23.66 ? 53  GLY A N   1 
ATOM   387  C CA  . GLY A 1 53  ? 0.388   -12.752 9.238   1.00 21.99 ? 53  GLY A CA  1 
ATOM   388  C C   . GLY A 1 53  ? -0.363  -11.817 10.101  1.00 20.83 ? 53  GLY A C   1 
ATOM   389  O O   . GLY A 1 53  ? -1.514  -12.055 10.501  1.00 22.78 ? 53  GLY A O   1 
ATOM   390  N N   . SER A 1 54  ? 0.214   -10.640 10.405  1.00 18.17 ? 54  SER A N   1 
ATOM   391  C CA  . SER A 1 54  ? -0.458  -9.607  11.071  1.00 18.33 ? 54  SER A CA  1 
ATOM   392  C C   . SER A 1 54  ? -1.621  -9.084  10.163  1.00 18.56 ? 54  SER A C   1 
ATOM   393  O O   . SER A 1 54  ? -1.462  -9.224  8.957   1.00 18.91 ? 54  SER A O   1 
ATOM   394  C CB  . SER A 1 54  ? 0.444   -8.425  11.514  1.00 20.42 ? 54  SER A CB  1 
ATOM   395  O OG  . SER A 1 54  ? 1.223   -7.921  10.401  1.00 20.76 ? 54  SER A OG  1 
ATOM   396  N N   . VAL A 1 55  ? -2.595  -8.488  10.797  1.00 18.83 ? 55  VAL A N   1 
ATOM   397  C CA  . VAL A 1 55  ? -3.774  -7.929  10.121  1.00 18.81 ? 55  VAL A CA  1 
ATOM   398  C C   . VAL A 1 55  ? -4.073  -6.584  10.610  1.00 18.71 ? 55  VAL A C   1 
ATOM   399  O O   . VAL A 1 55  ? -4.166  -6.305  11.840  1.00 20.86 ? 55  VAL A O   1 
ATOM   400  C CB  . VAL A 1 55  ? -5.019  -8.832  10.281  1.00 18.18 ? 55  VAL A CB  1 
ATOM   401  C CG1 . VAL A 1 55  ? -6.211  -8.269  9.513   1.00 18.88 ? 55  VAL A CG1 1 
ATOM   402  C CG2 . VAL A 1 55  ? -4.732  -10.255 9.827   1.00 18.66 ? 55  VAL A CG2 1 
ATOM   403  N N   . VAL A 1 56  ? -4.131  -5.614  9.685   1.00 16.90 ? 56  VAL A N   1 
ATOM   404  C CA  . VAL A 1 56  ? -4.444  -4.304  9.945   1.00 17.51 ? 56  VAL A CA  1 
ATOM   405  C C   . VAL A 1 56  ? -5.726  -3.819  9.250   1.00 16.61 ? 56  VAL A C   1 
ATOM   406  O O   . VAL A 1 56  ? -6.096  -4.466  8.264   1.00 18.55 ? 56  VAL A O   1 
ATOM   407  C CB  . VAL A 1 56  ? -3.301  -3.289  9.649   1.00 17.15 ? 56  VAL A CB  1 
ATOM   408  C CG1 . VAL A 1 56  ? -2.091  -3.686  10.511  1.00 20.11 ? 56  VAL A CG1 1 
ATOM   409  C CG2 . VAL A 1 56  ? -3.010  -3.152  8.160   1.00 17.62 ? 56  VAL A CG2 1 
ATOM   410  N N   . ILE A 1 57  ? -6.370  -2.868  9.832   1.00 16.57 ? 57  ILE A N   1 
ATOM   411  C CA  . ILE A 1 57  ? -7.548  -2.182  9.263   1.00 16.75 ? 57  ILE A CA  1 
ATOM   412  C C   . ILE A 1 57  ? -7.180  -0.785  8.879   1.00 16.72 ? 57  ILE A C   1 
ATOM   413  O O   . ILE A 1 57  ? -6.891  0.055   9.708   1.00 16.90 ? 57  ILE A O   1 
ATOM   414  C CB  . ILE A 1 57  ? -8.785  -2.205  10.215  1.00 18.80 ? 57  ILE A CB  1 
ATOM   415  C CG1 . ILE A 1 57  ? -9.103  -3.654  10.534  1.00 20.58 ? 57  ILE A CG1 1 
ATOM   416  C CG2 . ILE A 1 57  ? -9.917  -1.455  9.556   1.00 18.04 ? 57  ILE A CG2 1 
ATOM   417  C CD1 . ILE A 1 57  ? -10.108 -3.751  11.713  1.00 23.39 ? 57  ILE A CD1 1 
ATOM   418  N N   . TRP A 1 58  ? -7.242  -0.475  7.555   1.00 14.36 ? 58  TRP A N   1 
ATOM   419  C CA  . TRP A 1 58  ? -7.024  0.767   7.057   1.00 14.19 ? 58  TRP A CA  1 
ATOM   420  C C   . TRP A 1 58  ? -8.284  1.576   6.853   1.00 14.96 ? 58  TRP A C   1 
ATOM   421  O O   . TRP A 1 58  ? -9.218  1.002   6.182   1.00 15.57 ? 58  TRP A O   1 
ATOM   422  C CB  . TRP A 1 58  ? -6.378  0.801   5.716   1.00 13.88 ? 58  TRP A CB  1 
ATOM   423  C CG  . TRP A 1 58  ? -5.019  0.113   5.569   1.00 13.36 ? 58  TRP A CG  1 
ATOM   424  C CD1 . TRP A 1 58  ? -4.753  -1.111  5.160   1.00 14.79 ? 58  TRP A CD1 1 
ATOM   425  C CD2 . TRP A 1 58  ? -3.727  0.689   5.930   1.00 15.07 ? 58  TRP A CD2 1 
ATOM   426  N NE1 . TRP A 1 58  ? -3.407  -1.371  5.193   1.00 16.18 ? 58  TRP A NE1 1 
ATOM   427  C CE2 . TRP A 1 58  ? -2.781  -0.260  5.637   1.00 14.51 ? 58  TRP A CE2 1 
ATOM   428  C CE3 . TRP A 1 58  ? -3.354  1.940   6.366   1.00 16.01 ? 58  TRP A CE3 1 
ATOM   429  C CZ2 . TRP A 1 58  ? -1.400  -0.033  5.802   1.00 16.63 ? 58  TRP A CZ2 1 
ATOM   430  C CZ3 . TRP A 1 58  ? -1.931  2.179   6.567   1.00 17.74 ? 58  TRP A CZ3 1 
ATOM   431  C CH2 . TRP A 1 58  ? -1.042  1.193   6.221   1.00 16.39 ? 58  TRP A CH2 1 
ATOM   432  N N   . ASN A 1 59  ? -8.406  2.780   7.314   1.00 13.61 ? 59  ASN A N   1 
ATOM   433  C CA  . ASN A 1 59  ? -9.421  3.758   7.027   1.00 15.15 ? 59  ASN A CA  1 
ATOM   434  C C   . ASN A 1 59  ? -8.804  4.776   6.084   1.00 15.27 ? 59  ASN A C   1 
ATOM   435  O O   . ASN A 1 59  ? -7.760  5.379   6.391   1.00 14.18 ? 59  ASN A O   1 
ATOM   436  C CB  . ASN A 1 59  ? -10.032 4.478   8.235   1.00 15.65 ? 59  ASN A CB  1 
ATOM   437  C CG  . ASN A 1 59  ? -11.097 3.671   8.896   1.00 18.01 ? 59  ASN A CG  1 
ATOM   438  O OD1 . ASN A 1 59  ? -12.259 3.916   8.601   1.00 20.68 ? 59  ASN A OD1 1 
ATOM   439  N ND2 . ASN A 1 59  ? -10.746 2.660   9.656   1.00 17.75 ? 59  ASN A ND2 1 
ATOM   440  N N   . TYR A 1 60  ? -9.352  4.917   4.839   1.00 13.47 ? 60  TYR A N   1 
ATOM   441  C CA  . TYR A 1 60  ? -8.745  5.767   3.854   1.00 13.59 ? 60  TYR A CA  1 
ATOM   442  C C   . TYR A 1 60  ? -9.821  6.438   3.002   1.00 13.93 ? 60  TYR A C   1 
ATOM   443  O O   . TYR A 1 60  ? -11.005 6.120   3.223   1.00 14.78 ? 60  TYR A O   1 
ATOM   444  C CB  . TYR A 1 60  ? -7.783  4.924   3.010   1.00 13.46 ? 60  TYR A CB  1 
ATOM   445  C CG  . TYR A 1 60  ? -8.396  3.854   2.123   1.00 13.97 ? 60  TYR A CG  1 
ATOM   446  C CD1 . TYR A 1 60  ? -8.560  4.127   0.757   1.00 13.78 ? 60  TYR A CD1 1 
ATOM   447  C CD2 . TYR A 1 60  ? -8.869  2.658   2.628   1.00 14.08 ? 60  TYR A CD2 1 
ATOM   448  C CE1 . TYR A 1 60  ? -9.164  3.139   -0.015  1.00 15.37 ? 60  TYR A CE1 1 
ATOM   449  C CE2 . TYR A 1 60  ? -9.436  1.717   1.858   1.00 15.50 ? 60  TYR A CE2 1 
ATOM   450  C CZ  . TYR A 1 60  ? -9.583  1.960   0.503   1.00 16.40 ? 60  TYR A CZ  1 
ATOM   451  O OH  . TYR A 1 60  ? -10.179 0.918   -0.308  1.00 16.41 ? 60  TYR A OH  1 
ATOM   452  N N   . SER A 1 61  ? -9.433  7.271   2.098   1.00 13.35 ? 61  SER A N   1 
ATOM   453  C CA  . SER A 1 61  ? -10.372 8.073   1.318   1.00 18.10 ? 61  SER A CA  1 
ATOM   454  C C   . SER A 1 61  ? -9.835  8.190   -0.059  1.00 20.00 ? 61  SER A C   1 
ATOM   455  O O   . SER A 1 61  ? -8.640  8.439   -0.300  1.00 18.78 ? 61  SER A O   1 
ATOM   456  C CB  . SER A 1 61  ? -10.552 9.391   1.989   1.00 22.36 ? 61  SER A CB  1 
ATOM   457  O OG  . SER A 1 61  ? -11.551 10.209  1.316   1.00 34.40 ? 61  SER A OG  1 
ATOM   458  N N   . ILE A 1 62  ? -10.721 8.014   -1.066  1.00 19.72 ? 62  ILE A N   1 
ATOM   459  C CA  . ILE A 1 62  ? -10.420 8.371   -2.490  1.00 22.86 ? 62  ILE A CA  1 
ATOM   460  C C   . ILE A 1 62  ? -11.494 9.241   -2.998  1.00 21.62 ? 62  ILE A C   1 
ATOM   461  O O   . ILE A 1 62  ? -12.683 8.843   -2.877  1.00 20.26 ? 62  ILE A O   1 
ATOM   462  C CB  . ILE A 1 62  ? -10.316 7.143   -3.264  1.00 24.15 ? 62  ILE A CB  1 
ATOM   463  C CG1 . ILE A 1 62  ? -8.966  6.515   -2.936  1.00 29.16 ? 62  ILE A CG1 1 
ATOM   464  C CG2 . ILE A 1 62  ? -10.438 7.389   -4.784  1.00 30.28 ? 62  ILE A CG2 1 
ATOM   465  C CD1 . ILE A 1 62  ? -8.644  5.207   -3.540  1.00 27.52 ? 62  ILE A CD1 1 
ATOM   466  N N   . ASP A 1 63  ? -11.092 10.379  -3.573  1.00 25.44 ? 63  ASP A N   1 
ATOM   467  C CA  . ASP A 1 63  ? -12.082 11.385  -4.087  1.00 30.25 ? 63  ASP A CA  1 
ATOM   468  C C   . ASP A 1 63  ? -13.128 11.757  -3.119  1.00 29.04 ? 63  ASP A C   1 
ATOM   469  O O   . ASP A 1 63  ? -14.284 11.903  -3.476  1.00 32.08 ? 63  ASP A O   1 
ATOM   470  C CB  . ASP A 1 63  ? -12.817 10.845  -5.305  1.00 35.51 ? 63  ASP A CB  1 
ATOM   471  C CG  . ASP A 1 63  ? -11.927 10.654  -6.448  1.00 44.41 ? 63  ASP A CG  1 
ATOM   472  O OD1 . ASP A 1 63  ? -10.979 11.457  -6.583  1.00 50.59 ? 63  ASP A OD1 1 
ATOM   473  O OD2 . ASP A 1 63  ? -12.173 9.712   -7.224  1.00 57.70 ? 63  ASP A OD2 1 
ATOM   474  N N   . GLY A 1 64  ? -12.761 11.850  -1.843  1.00 31.10 ? 64  GLY A N   1 
ATOM   475  C CA  . GLY A 1 64  ? -13.639 12.348  -0.875  1.00 31.33 ? 64  GLY A CA  1 
ATOM   476  C C   . GLY A 1 64  ? -14.574 11.268  -0.324  1.00 29.02 ? 64  GLY A C   1 
ATOM   477  O O   . GLY A 1 64  ? -15.391 11.551  0.551   1.00 33.71 ? 64  GLY A O   1 
ATOM   478  N N   . ASN A 1 65  ? -14.436 10.013  -0.790  1.00 20.87 ? 65  ASN A N   1 
ATOM   479  C CA  . ASN A 1 65  ? -15.272 8.961   -0.243  1.00 20.72 ? 65  ASN A CA  1 
ATOM   480  C C   . ASN A 1 65  ? -14.406 8.091   0.716   1.00 18.27 ? 65  ASN A C   1 
ATOM   481  O O   . ASN A 1 65  ? -13.468 7.474   0.323   1.00 16.94 ? 65  ASN A O   1 
ATOM   482  C CB  . ASN A 1 65  ? -15.825 8.069   -1.346  1.00 19.17 ? 65  ASN A CB  1 
ATOM   483  C CG  . ASN A 1 65  ? -16.713 8.860   -2.356  1.00 25.08 ? 65  ASN A CG  1 
ATOM   484  O OD1 . ASN A 1 65  ? -16.396 8.905   -3.557  1.00 32.45 ? 65  ASN A OD1 1 
ATOM   485  N ND2 . ASN A 1 65  ? -17.597 9.567   -1.867  1.00 22.58 ? 65  ASN A ND2 1 
ATOM   486  N N   . ALA A 1 66  ? -14.949 7.916   1.876   1.00 17.97 ? 66  ALA A N   1 
ATOM   487  C CA  . ALA A 1 66  ? -14.330 7.061   2.932   1.00 16.75 ? 66  ALA A CA  1 
ATOM   488  C C   . ALA A 1 66  ? -14.512 5.624   2.669   1.00 20.28 ? 66  ALA A C   1 
ATOM   489  O O   . ALA A 1 66  ? -15.623 5.129   2.400   1.00 21.32 ? 66  ALA A O   1 
ATOM   490  C CB  . ALA A 1 66  ? -14.930 7.411   4.300   1.00 19.67 ? 66  ALA A CB  1 
ATOM   491  N N   . MET A 1 67  ? -13.481 4.820   2.826   1.00 14.92 ? 67  MET A N   1 
ATOM   492  C CA  . MET A 1 67  ? -13.452 3.452   2.641   1.00 16.08 ? 67  MET A CA  1 
ATOM   493  C C   . MET A 1 67  ? -12.664 2.696   3.709   1.00 13.03 ? 67  MET A C   1 
ATOM   494  O O   . MET A 1 67  ? -11.850 3.360   4.392   1.00 14.98 ? 67  MET A O   1 
ATOM   495  C CB  . MET A 1 67  ? -12.938 3.136   1.260   1.00 22.33 ? 67  MET A CB  1 
ATOM   496  C CG  . MET A 1 67  ? -14.050 3.679   0.262   1.00 25.77 ? 67  MET A CG  1 
ATOM   497  S SD  . MET A 1 67  ? -13.659 3.064   -1.256  1.00 25.50 ? 67  MET A SD  1 
ATOM   498  C CE  . MET A 1 67  ? -12.568 4.249   -1.854  1.00 25.86 ? 67  MET A CE  1 
ATOM   499  N N   . ILE A 1 68  ? -12.798 1.442   3.801   1.00 13.75 ? 68  ILE A N   1 
ATOM   500  C CA  . ILE A 1 68  ? -12.160 0.551   4.719   1.00 13.11 ? 68  ILE A CA  1 
ATOM   501  C C   . ILE A 1 68  ? -11.603 -0.632  4.062   1.00 14.79 ? 68  ILE A C   1 
ATOM   502  O O   . ILE A 1 68  ? -12.231 -1.220  3.160   1.00 14.24 ? 68  ILE A O   1 
ATOM   503  C CB  . ILE A 1 68  ? -13.102 0.131   5.911   1.00 14.65 ? 68  ILE A CB  1 
ATOM   504  C CG1 . ILE A 1 68  ? -13.630 1.397   6.531   1.00 18.53 ? 68  ILE A CG1 1 
ATOM   505  C CG2 . ILE A 1 68  ? -12.346 -0.789  6.853   1.00 18.67 ? 68  ILE A CG2 1 
ATOM   506  C CD1 . ILE A 1 68  ? -14.601 1.161   7.746   1.00 22.51 ? 68  ILE A CD1 1 
ATOM   507  N N   . ALA A 1 69  ? -10.326 -1.057  4.344   1.00 13.92 ? 69  ALA A N   1 
ATOM   508  C CA  . ALA A 1 69  ? -9.729  -2.266  3.903   1.00 14.23 ? 69  ALA A CA  1 
ATOM   509  C C   . ALA A 1 69  ? -9.057  -2.976  5.046   1.00 17.63 ? 69  ALA A C   1 
ATOM   510  O O   . ALA A 1 69  ? -8.130  -2.374  5.651   1.00 17.14 ? 69  ALA A O   1 
ATOM   511  C CB  . ALA A 1 69  ? -8.725  -2.055  2.772   1.00 15.43 ? 69  ALA A CB  1 
ATOM   512  N N   . LYS A 1 70  ? -9.449  -4.197  5.329   1.00 14.24 ? 70  LYS A N   1 
ATOM   513  C CA  . LYS A 1 70  ? -8.736  -5.020  6.271   1.00 13.97 ? 70  LYS A CA  1 
ATOM   514  C C   . LYS A 1 70  ? -7.789  -5.783  5.411   1.00 13.20 ? 70  LYS A C   1 
ATOM   515  O O   . LYS A 1 70  ? -8.091  -6.472  4.428   1.00 14.28 ? 70  LYS A O   1 
ATOM   516  C CB  . LYS A 1 70  ? -9.727  -5.958  6.961   1.00 17.47 ? 70  LYS A CB  1 
ATOM   517  C CG  . LYS A 1 70  ? -9.058  -6.919  7.966   1.00 20.48 ? 70  LYS A CG  1 
ATOM   518  C CD  . LYS A 1 70  ? -10.110 -7.872  8.579   1.00 23.36 ? 70  LYS A CD  1 
ATOM   519  C CE  . LYS A 1 70  ? -10.843 -7.194  9.634   1.00 31.13 ? 70  LYS A CE  1 
ATOM   520  N NZ  . LYS A 1 70  ? -11.774 -8.295  10.080  1.00 33.90 ? 70  LYS A NZ  1 
ATOM   521  N N   . GLU A 1 71  ? -6.448  -5.810  5.781   1.00 14.50 ? 71  GLU A N   1 
ATOM   522  C CA  . GLU A 1 71  ? -5.455  -6.400  5.046   1.00 15.11 ? 71  GLU A CA  1 
ATOM   523  C C   . GLU A 1 71  ? -4.481  -7.253  5.901   1.00 15.51 ? 71  GLU A C   1 
ATOM   524  O O   . GLU A 1 71  ? -4.067  -6.734  6.965   1.00 17.93 ? 71  GLU A O   1 
ATOM   525  C CB  . GLU A 1 71  ? -4.570  -5.287  4.350   1.00 16.08 ? 71  GLU A CB  1 
ATOM   526  C CG  . GLU A 1 71  ? -5.357  -4.550  3.275   1.00 14.75 ? 71  GLU A CG  1 
ATOM   527  C CD  . GLU A 1 71  ? -4.643  -3.477  2.591   1.00 18.80 ? 71  GLU A CD  1 
ATOM   528  O OE1 . GLU A 1 71  ? -3.481  -3.111  2.911   1.00 16.97 ? 71  GLU A OE1 1 
ATOM   529  O OE2 . GLU A 1 71  ? -5.356  -2.747  1.750   1.00 16.47 ? 71  GLU A OE2 1 
ATOM   530  N N   . GLU A 1 72  ? -4.166  -8.385  5.396   1.00 15.05 ? 72  GLU A N   1 
ATOM   531  C CA  . GLU A 1 72  ? -3.139  -9.268  5.984   1.00 16.07 ? 72  GLU A CA  1 
ATOM   532  C C   . GLU A 1 72  ? -1.806  -8.947  5.327   1.00 17.42 ? 72  GLU A C   1 
ATOM   533  O O   . GLU A 1 72  ? -1.662  -8.899  4.119   1.00 17.09 ? 72  GLU A O   1 
ATOM   534  C CB  . GLU A 1 72  ? -3.491  -10.733 5.766   1.00 18.29 ? 72  GLU A CB  1 
ATOM   535  C CG  . GLU A 1 72  ? -2.567  -11.732 6.470   1.00 22.49 ? 72  GLU A CG  1 
ATOM   536  C CD  . GLU A 1 72  ? -2.985  -13.175 6.261   1.00 28.26 ? 72  GLU A CD  1 
ATOM   537  O OE1 . GLU A 1 72  ? -4.110  -13.420 5.841   1.00 32.11 ? 72  GLU A OE1 1 
ATOM   538  O OE2 . GLU A 1 72  ? -2.138  -14.067 6.377   1.00 29.20 ? 72  GLU A OE2 1 
ATOM   539  N N   . ILE A 1 73  ? -0.737  -8.824  6.169   1.00 16.40 ? 73  ILE A N   1 
ATOM   540  C CA  . ILE A 1 73  ? 0.620   -8.671  5.674   1.00 17.31 ? 73  ILE A CA  1 
ATOM   541  C C   . ILE A 1 73  ? 1.086   -10.040 5.372   1.00 19.12 ? 73  ILE A C   1 
ATOM   542  O O   . ILE A 1 73  ? 1.397   -10.829 6.304   1.00 21.19 ? 73  ILE A O   1 
ATOM   543  C CB  . ILE A 1 73  ? 1.541   -7.920  6.710   1.00 16.70 ? 73  ILE A CB  1 
ATOM   544  C CG1 . ILE A 1 73  ? 1.183   -6.442  6.877   1.00 17.56 ? 73  ILE A CG1 1 
ATOM   545  C CG2 . ILE A 1 73  ? 2.977   -8.109  6.226   1.00 20.41 ? 73  ILE A CG2 1 
ATOM   546  C CD1 . ILE A 1 73  ? -0.070  -6.064  7.483   1.00 18.07 ? 73  ILE A CD1 1 
ATOM   547  N N   . VAL A 1 74  ? 1.122   -10.428 4.126   1.00 18.77 ? 74  VAL A N   1 
ATOM   548  C CA  . VAL A 1 74  ? 1.453   -11.744 3.698   1.00 20.35 ? 74  VAL A CA  1 
ATOM   549  C C   . VAL A 1 74  ? 2.915   -11.960 3.426   1.00 22.87 ? 74  VAL A C   1 
ATOM   550  O O   . VAL A 1 74  ? 3.347   -13.077 3.306   1.00 26.99 ? 74  VAL A O   1 
ATOM   551  C CB  . VAL A 1 74  ? 0.595   -12.245 2.529   1.00 20.79 ? 74  VAL A CB  1 
ATOM   552  C CG1 . VAL A 1 74  ? -0.839  -12.358 2.999   1.00 20.90 ? 74  VAL A CG1 1 
ATOM   553  C CG2 . VAL A 1 74  ? 0.631   -11.269 1.359   1.00 18.82 ? 74  VAL A CG2 1 
ATOM   554  N N   . ALA A 1 75  ? 3.659   -10.874 3.305   1.00 20.94 ? 75  ALA A N   1 
ATOM   555  C CA  . ALA A 1 75  ? 5.096   -10.990 2.987   1.00 21.62 ? 75  ALA A CA  1 
ATOM   556  C C   . ALA A 1 75  ? 5.764   -9.734  3.405   1.00 23.50 ? 75  ALA A C   1 
ATOM   557  O O   . ALA A 1 75  ? 5.242   -8.581  3.260   1.00 20.15 ? 75  ALA A O   1 
ATOM   558  C CB  . ALA A 1 75  ? 5.384   -11.252 1.510   1.00 22.47 ? 75  ALA A CB  1 
ATOM   559  N N   . ILE A 1 76  ? 6.975   -9.886  3.966   1.00 22.61 ? 76  ILE A N   1 
ATOM   560  C CA  . ILE A 1 76  ? 7.830   -8.777  4.291   1.00 22.73 ? 76  ILE A CA  1 
ATOM   561  C C   . ILE A 1 76  ? 9.259   -9.253  3.894   1.00 23.02 ? 76  ILE A C   1 
ATOM   562  O O   . ILE A 1 76  ? 9.701   -10.368 4.349   1.00 29.17 ? 76  ILE A O   1 
ATOM   563  C CB  . ILE A 1 76  ? 7.838   -8.355  5.777   1.00 24.89 ? 76  ILE A CB  1 
ATOM   564  C CG1 . ILE A 1 76  ? 6.496   -7.846  6.292   1.00 24.36 ? 76  ILE A CG1 1 
ATOM   565  C CG2 . ILE A 1 76  ? 8.836   -7.222  5.986   1.00 26.97 ? 76  ILE A CG2 1 
ATOM   566  C CD1 . ILE A 1 76  ? 6.391   -7.715  7.804   1.00 25.81 ? 76  ILE A CD1 1 
ATOM   567  N N   . ASP A 1 77  ? 9.938   -8.580  2.988   1.00 22.15 ? 77  ASP A N   1 
ATOM   568  C CA  . ASP A 1 77  ? 11.283  -9.069  2.638   1.00 24.70 ? 77  ASP A CA  1 
ATOM   569  C C   . ASP A 1 77  ? 12.234  -7.922  2.857   1.00 23.30 ? 77  ASP A C   1 
ATOM   570  O O   . ASP A 1 77  ? 12.189  -6.875  2.211   1.00 20.88 ? 77  ASP A O   1 
ATOM   571  C CB  . ASP A 1 77  ? 11.398  -9.522  1.202   1.00 27.05 ? 77  ASP A CB  1 
ATOM   572  C CG  . ASP A 1 77  ? 12.777  -10.220 0.943   1.00 35.72 ? 77  ASP A CG  1 
ATOM   573  O OD1 . ASP A 1 77  ? 13.006  -11.240 1.606   1.00 41.36 ? 77  ASP A OD1 1 
ATOM   574  O OD2 . ASP A 1 77  ? 13.609  -9.696  0.211   1.00 40.92 ? 77  ASP A OD2 1 
ATOM   575  N N   . GLU A 1 78  ? 13.243  -8.184  3.716   1.00 29.17 ? 78  GLU A N   1 
ATOM   576  C CA  . GLU A 1 78  ? 14.268  -7.162  3.974   1.00 34.59 ? 78  GLU A CA  1 
ATOM   577  C C   . GLU A 1 78  ? 15.219  -6.915  2.805   1.00 32.29 ? 78  GLU A C   1 
ATOM   578  O O   . GLU A 1 78  ? 15.468  -5.759  2.469   1.00 33.71 ? 78  GLU A O   1 
ATOM   579  C CB  . GLU A 1 78  ? 15.027  -7.445  5.290   1.00 42.20 ? 78  GLU A CB  1 
ATOM   580  C CG  . GLU A 1 78  ? 15.577  -6.152  5.944   1.00 50.35 ? 78  GLU A CG  1 
ATOM   581  C CD  . GLU A 1 78  ? 16.167  -6.360  7.359   1.00 63.39 ? 78  GLU A CD  1 
ATOM   582  O OE1 . GLU A 1 78  ? 16.733  -7.449  7.638   1.00 63.36 ? 78  GLU A OE1 1 
ATOM   583  O OE2 . GLU A 1 78  ? 16.063  -5.438  8.210   1.00 70.89 ? 78  GLU A OE2 1 
ATOM   584  N N   . GLU A 1 79  ? 15.594  -7.949  2.075   1.00 39.52 ? 79  GLU A N   1 
ATOM   585  C CA  . GLU A 1 79  ? 16.541  -7.796  0.944   1.00 44.68 ? 79  GLU A CA  1 
ATOM   586  C C   . GLU A 1 79  ? 15.960  -7.000  -0.209  1.00 44.01 ? 79  GLU A C   1 
ATOM   587  O O   . GLU A 1 79  ? 16.601  -6.089  -0.759  1.00 44.00 ? 79  GLU A O   1 
ATOM   588  C CB  . GLU A 1 79  ? 16.929  -9.190  0.397   1.00 58.44 ? 79  GLU A CB  1 
ATOM   589  C CG  . GLU A 1 79  ? 17.732  -10.071 1.366   1.00 72.32 ? 79  GLU A CG  1 
ATOM   590  C CD  . GLU A 1 79  ? 16.980  -10.475 2.645   1.00 81.40 ? 79  GLU A CD  1 
ATOM   591  O OE1 . GLU A 1 79  ? 15.723  -10.499 2.665   1.00 76.45 ? 79  GLU A OE1 1 
ATOM   592  O OE2 . GLU A 1 79  ? 17.662  -10.783 3.649   1.00 91.07 ? 79  GLU A OE2 1 
ATOM   593  N N   . ASP A 1 80  ? 14.726  -7.348  -0.576  1.00 32.21 ? 80  ASP A N   1 
ATOM   594  C CA  . ASP A 1 80  ? 14.032  -6.669  -1.679  1.00 34.00 ? 80  ASP A CA  1 
ATOM   595  C C   . ASP A 1 80  ? 13.387  -5.383  -1.188  1.00 23.25 ? 80  ASP A C   1 
ATOM   596  O O   . ASP A 1 80  ? 12.815  -4.659  -1.976  1.00 27.30 ? 80  ASP A O   1 
ATOM   597  C CB  . ASP A 1 80  ? 12.852  -7.520  -2.187  1.00 41.39 ? 80  ASP A CB  1 
ATOM   598  C CG  . ASP A 1 80  ? 13.294  -8.708  -3.008  1.00 52.60 ? 80  ASP A CG  1 
ATOM   599  O OD1 . ASP A 1 80  ? 14.472  -8.705  -3.436  1.00 52.80 ? 80  ASP A OD1 1 
ATOM   600  O OD2 . ASP A 1 80  ? 12.445  -9.610  -3.223  1.00 51.29 ? 80  ASP A OD2 1 
ATOM   601  N N   . LYS A 1 81  ? 13.379  -5.172  0.139   1.00 19.82 ? 81  LYS A N   1 
ATOM   602  C CA  . LYS A 1 81  ? 12.757  -4.012  0.711   1.00 16.90 ? 81  LYS A CA  1 
ATOM   603  C C   . LYS A 1 81  ? 11.248  -3.985  0.227   1.00 16.87 ? 81  LYS A C   1 
ATOM   604  O O   . LYS A 1 81  ? 10.821  -2.938  -0.293  1.00 16.98 ? 81  LYS A O   1 
ATOM   605  C CB  . LYS A 1 81  ? 13.409  -2.717  0.437   1.00 18.56 ? 81  LYS A CB  1 
ATOM   606  C CG  . LYS A 1 81  ? 14.807  -2.612  1.061   1.00 23.46 ? 81  LYS A CG  1 
ATOM   607  C CD  . LYS A 1 81  ? 15.316  -1.197  0.855   1.00 23.98 ? 81  LYS A CD  1 
ATOM   608  C CE  . LYS A 1 81  ? 16.548  -0.814  1.667   1.00 32.06 ? 81  LYS A CE  1 
ATOM   609  N NZ  . LYS A 1 81  ? 17.694  -1.565  1.092   1.00 30.21 ? 81  LYS A NZ  1 
ATOM   610  N N   . SER A 1 82  ? 10.619  -5.107  0.493   1.00 16.78 ? 82  SER A N   1 
ATOM   611  C CA  . SER A 1 82  ? 9.205   -5.259  -0.070  1.00 15.99 ? 82  SER A CA  1 
ATOM   612  C C   . SER A 1 82  ? 8.279   -5.589  1.082   1.00 16.62 ? 82  SER A C   1 
ATOM   613  O O   . SER A 1 82  ? 8.624   -6.229  2.087   1.00 15.99 ? 82  SER A O   1 
ATOM   614  C CB  . SER A 1 82  ? 9.154   -6.363  -1.109  1.00 20.15 ? 82  SER A CB  1 
ATOM   615  O OG  . SER A 1 82  ? 9.233   -7.594  -0.475  1.00 28.24 ? 82  SER A OG  1 
ATOM   616  N N   . VAL A 1 83  ? 7.021   -5.143  0.985   1.00 15.64 ? 83  VAL A N   1 
ATOM   617  C CA  . VAL A 1 83  ? 5.921   -5.469  1.896   1.00 14.69 ? 83  VAL A CA  1 
ATOM   618  C C   . VAL A 1 83  ? 4.662   -5.755  1.013   1.00 14.23 ? 83  VAL A C   1 
ATOM   619  O O   . VAL A 1 83  ? 4.441   -5.028  0.069   1.00 14.75 ? 83  VAL A O   1 
ATOM   620  C CB  . VAL A 1 83  ? 5.599   -4.388  2.888   1.00 15.95 ? 83  VAL A CB  1 
ATOM   621  C CG1 . VAL A 1 83  ? 4.598   -4.942  3.912   1.00 17.99 ? 83  VAL A CG1 1 
ATOM   622  C CG2 . VAL A 1 83  ? 6.862   -3.853  3.583   1.00 16.89 ? 83  VAL A CG2 1 
ATOM   623  N N   . THR A 1 84  ? 4.000   -6.822  1.320   1.00 15.16 ? 84  THR A N   1 
ATOM   624  C CA  . THR A 1 84  ? 2.773   -7.236  0.520   1.00 14.39 ? 84  THR A CA  1 
ATOM   625  C C   . THR A 1 84  ? 1.600   -7.377  1.440   1.00 15.53 ? 84  THR A C   1 
ATOM   626  O O   . THR A 1 84  ? 1.598   -8.027  2.476   1.00 15.39 ? 84  THR A O   1 
ATOM   627  C CB  . THR A 1 84  ? 3.074   -8.521  -0.110  1.00 17.52 ? 84  THR A CB  1 
ATOM   628  O OG1 . THR A 1 84  ? 4.228   -8.434  -0.984  1.00 19.56 ? 84  THR A OG1 1 
ATOM   629  C CG2 . THR A 1 84  ? 1.856   -8.977  -1.020  1.00 19.10 ? 84  THR A CG2 1 
ATOM   630  N N   . PHE A 1 85  ? 0.531   -6.662  1.080   1.00 15.24 ? 85  PHE A N   1 
ATOM   631  C CA  . PHE A 1 85  ? -0.729  -6.495  1.826   1.00 14.15 ? 85  PHE A CA  1 
ATOM   632  C C   . PHE A 1 85  ? -1.899  -7.121  1.018   1.00 13.65 ? 85  PHE A C   1 
ATOM   633  O O   . PHE A 1 85  ? -2.162  -6.655  -0.112  1.00 16.42 ? 85  PHE A O   1 
ATOM   634  C CB  . PHE A 1 85  ? -1.067  -5.045  1.967   1.00 14.66 ? 85  PHE A CB  1 
ATOM   635  C CG  . PHE A 1 85  ? -0.075  -4.214  2.821   1.00 14.47 ? 85  PHE A CG  1 
ATOM   636  C CD1 . PHE A 1 85  ? 0.968   -3.576  2.194   1.00 14.67 ? 85  PHE A CD1 1 
ATOM   637  C CD2 . PHE A 1 85  ? -0.244  -4.051  4.179   1.00 15.80 ? 85  PHE A CD2 1 
ATOM   638  C CE1 . PHE A 1 85  ? 1.856   -2.818  2.918   1.00 16.64 ? 85  PHE A CE1 1 
ATOM   639  C CE2 . PHE A 1 85  ? 0.636   -3.329  4.911   1.00 16.14 ? 85  PHE A CE2 1 
ATOM   640  C CZ  . PHE A 1 85  ? 1.691   -2.683  4.273   1.00 16.00 ? 85  PHE A CZ  1 
ATOM   641  N N   . LYS A 1 86  ? -2.525  -8.143  1.516   1.00 15.25 ? 86  LYS A N   1 
ATOM   642  C CA  . LYS A 1 86  ? -3.643  -8.793  0.855   1.00 15.30 ? 86  LYS A CA  1 
ATOM   643  C C   . LYS A 1 86  ? -4.941  -8.323  1.478   1.00 14.64 ? 86  LYS A C   1 
ATOM   644  O O   . LYS A 1 86  ? -5.150  -8.457  2.697   1.00 15.23 ? 86  LYS A O   1 
ATOM   645  C CB  . LYS A 1 86  ? -3.527  -10.283 1.050   1.00 17.94 ? 86  LYS A CB  1 
ATOM   646  C CG  . LYS A 1 86  ? -4.711  -11.116 0.495   1.00 23.08 ? 86  LYS A CG  1 
ATOM   647  C CD  . LYS A 1 86  ? -4.444  -12.562 0.848   1.00 29.80 ? 86  LYS A CD  1 
ATOM   648  C CE  . LYS A 1 86  ? -5.541  -13.455 0.334   1.00 39.25 ? 86  LYS A CE  1 
ATOM   649  N NZ  . LYS A 1 86  ? -5.760  -14.623 1.253   1.00 47.48 ? 86  LYS A NZ  1 
ATOM   650  N N   . VAL A 1 87  ? -5.885  -7.794  0.664   1.00 14.27 ? 87  VAL A N   1 
ATOM   651  C CA  . VAL A 1 87  ? -7.194  -7.423  1.207   1.00 15.28 ? 87  VAL A CA  1 
ATOM   652  C C   . VAL A 1 87  ? -8.015  -8.667  1.530   1.00 14.88 ? 87  VAL A C   1 
ATOM   653  O O   . VAL A 1 87  ? -8.018  -9.636  0.753   1.00 16.43 ? 87  VAL A O   1 
ATOM   654  C CB  . VAL A 1 87  ? -7.995  -6.540  0.198   1.00 16.05 ? 87  VAL A CB  1 
ATOM   655  C CG1 . VAL A 1 87  ? -9.374  -6.261  0.727   1.00 16.32 ? 87  VAL A CG1 1 
ATOM   656  C CG2 . VAL A 1 87  ? -7.225  -5.198  -0.077  1.00 15.41 ? 87  VAL A CG2 1 
ATOM   657  N N   . VAL A 1 88  ? -8.532  -8.655  2.734   1.00 16.20 ? 88  VAL A N   1 
ATOM   658  C CA  . VAL A 1 88  ? -9.347  -9.801  3.242   1.00 19.15 ? 88  VAL A CA  1 
ATOM   659  C C   . VAL A 1 88  ? -10.779 -9.359  3.580   1.00 20.45 ? 88  VAL A C   1 
ATOM   660  O O   . VAL A 1 88  ? -11.674 -10.200 3.680   1.00 20.61 ? 88  VAL A O   1 
ATOM   661  C CB  . VAL A 1 88  ? -8.684  -10.497 4.449   1.00 20.62 ? 88  VAL A CB  1 
ATOM   662  C CG1 . VAL A 1 88  ? -7.335  -11.091 4.038   1.00 22.60 ? 88  VAL A CG1 1 
ATOM   663  C CG2 . VAL A 1 88  ? -8.529  -9.559  5.574   1.00 20.68 ? 88  VAL A CG2 1 
ATOM   664  N N   . GLU A 1 89  ? -11.069 -8.099  3.628   1.00 16.59 ? 89  GLU A N   1 
ATOM   665  C CA  . GLU A 1 89  ? -12.404 -7.541  3.764   1.00 17.95 ? 89  GLU A CA  1 
ATOM   666  C C   . GLU A 1 89  ? -12.437 -6.085  3.436   1.00 19.19 ? 89  GLU A C   1 
ATOM   667  O O   . GLU A 1 89  ? -11.396 -5.373  3.590   1.00 16.78 ? 89  GLU A O   1 
ATOM   668  C CB  . GLU A 1 89  ? -12.910 -7.540  5.240   1.00 22.34 ? 89  GLU A CB  1 
ATOM   669  C CG  . GLU A 1 89  ? -13.289 -8.827  5.878   1.00 33.22 ? 89  GLU A CG  1 
ATOM   670  C CD  . GLU A 1 89  ? -13.852 -8.606  7.307   1.00 39.87 ? 89  GLU A CD  1 
ATOM   671  O OE1 . GLU A 1 89  ? -14.137 -7.431  7.771   1.00 44.73 ? 89  GLU A OE1 1 
ATOM   672  O OE2 . GLU A 1 89  ? -13.937 -9.641  8.001   1.00 58.49 ? 89  GLU A OE2 1 
ATOM   673  N N   . GLY A 1 90  ? -13.583 -5.508  3.059   1.00 15.12 ? 90  GLY A N   1 
ATOM   674  C CA  . GLY A 1 90  ? -13.804 -4.101  2.920   1.00 15.85 ? 90  GLY A CA  1 
ATOM   675  C C   . GLY A 1 90  ? -14.416 -3.675  1.589   1.00 13.96 ? 90  GLY A C   1 
ATOM   676  O O   . GLY A 1 90  ? -14.851 -4.574  0.789   1.00 14.87 ? 90  GLY A O   1 
ATOM   677  N N   . HIS A 1 91  ? -14.421 -2.395  1.391   1.00 13.69 ? 91  HIS A N   1 
ATOM   678  C CA  . HIS A 1 91  ? -15.060 -1.787  0.214   1.00 12.43 ? 91  HIS A CA  1 
ATOM   679  C C   . HIS A 1 91  ? -14.626 -2.453  -1.068  1.00 14.07 ? 91  HIS A C   1 
ATOM   680  O O   . HIS A 1 91  ? -15.435 -2.620  -2.013  1.00 13.70 ? 91  HIS A O   1 
ATOM   681  C CB  . HIS A 1 91  ? -14.886 -0.341  0.111   1.00 14.04 ? 91  HIS A CB  1 
ATOM   682  C CG  . HIS A 1 91  ? -15.695 0.428   1.103   1.00 13.58 ? 91  HIS A CG  1 
ATOM   683  N ND1 . HIS A 1 91  ? -15.470 0.415   2.480   1.00 14.52 ? 91  HIS A ND1 1 
ATOM   684  C CD2 . HIS A 1 91  ? -16.807 1.199   0.943   1.00 14.39 ? 91  HIS A CD2 1 
ATOM   685  C CE1 . HIS A 1 91  ? -16.332 1.186   3.098   1.00 15.22 ? 91  HIS A CE1 1 
ATOM   686  N NE2 . HIS A 1 91  ? -17.179 1.682   2.192   1.00 16.39 ? 91  HIS A NE2 1 
ATOM   687  N N   . LEU A 1 92  ? -13.339 -2.746  -1.228  1.00 12.59 ? 92  LEU A N   1 
ATOM   688  C CA  . LEU A 1 92  ? -12.825 -3.252  -2.485  1.00 12.40 ? 92  LEU A CA  1 
ATOM   689  C C   . LEU A 1 92  ? -13.445 -4.555  -2.846  1.00 14.10 ? 92  LEU A C   1 
ATOM   690  O O   . LEU A 1 92  ? -13.436 -4.934  -4.030  1.00 14.87 ? 92  LEU A O   1 
ATOM   691  C CB  . LEU A 1 92  ? -11.267 -3.371  -2.469  1.00 12.62 ? 92  LEU A CB  1 
ATOM   692  C CG  . LEU A 1 92  ? -10.555 -2.102  -2.688  1.00 13.03 ? 92  LEU A CG  1 
ATOM   693  C CD1 . LEU A 1 92  ? -9.072  -2.186  -2.179  1.00 13.13 ? 92  LEU A CD1 1 
ATOM   694  C CD2 . LEU A 1 92  ? -10.551 -1.716  -4.208  1.00 13.25 ? 92  LEU A CD2 1 
ATOM   695  N N   . PHE A 1 93  ? -13.997 -5.360  -1.909  1.00 13.37 ? 93  PHE A N   1 
ATOM   696  C CA  . PHE A 1 93  ? -14.641 -6.630  -2.226  1.00 14.39 ? 93  PHE A CA  1 
ATOM   697  C C   . PHE A 1 93  ? -16.072 -6.362  -2.829  1.00 13.51 ? 93  PHE A C   1 
ATOM   698  O O   . PHE A 1 93  ? -16.638 -7.369  -3.183  1.00 14.92 ? 93  PHE A O   1 
ATOM   699  C CB  . PHE A 1 93  ? -14.681 -7.509  -1.012  1.00 15.35 ? 93  PHE A CB  1 
ATOM   700  C CG  . PHE A 1 93  ? -13.401 -8.256  -0.693  1.00 16.05 ? 93  PHE A CG  1 
ATOM   701  C CD1 . PHE A 1 93  ? -12.292 -8.148  -1.477  1.00 18.13 ? 93  PHE A CD1 1 
ATOM   702  C CD2 . PHE A 1 93  ? -13.389 -9.216  0.295   1.00 19.53 ? 93  PHE A CD2 1 
ATOM   703  C CE1 . PHE A 1 93  ? -11.170 -8.908  -1.303  1.00 20.68 ? 93  PHE A CE1 1 
ATOM   704  C CE2 . PHE A 1 93  ? -12.227 -9.935  0.551   1.00 19.82 ? 93  PHE A CE2 1 
ATOM   705  C CZ  . PHE A 1 93  ? -11.145 -9.839  -0.274  1.00 19.58 ? 93  PHE A CZ  1 
ATOM   706  N N   . GLU A 1 94  ? -16.453 -5.165  -3.003  1.00 13.55 ? 94  GLU A N   1 
ATOM   707  C CA  . GLU A 1 94  ? -17.639 -4.819  -3.895  1.00 14.16 ? 94  GLU A CA  1 
ATOM   708  C C   . GLU A 1 94  ? -17.240 -4.929  -5.313  1.00 15.79 ? 94  GLU A C   1 
ATOM   709  O O   . GLU A 1 94  ? -18.146 -4.954  -6.152  1.00 15.66 ? 94  GLU A O   1 
ATOM   710  C CB  . GLU A 1 94  ? -18.177 -3.501  -3.649  1.00 12.89 ? 94  GLU A CB  1 
ATOM   711  C CG  . GLU A 1 94  ? -18.707 -3.307  -2.231  1.00 13.36 ? 94  GLU A CG  1 
ATOM   712  C CD  . GLU A 1 94  ? -19.356 -2.006  -2.095  1.00 14.17 ? 94  GLU A CD  1 
ATOM   713  O OE1 . GLU A 1 94  ? -19.340 -1.052  -2.864  1.00 14.09 ? 94  GLU A OE1 1 
ATOM   714  O OE2 . GLU A 1 94  ? -19.978 -1.769  -0.974  1.00 15.79 ? 94  GLU A OE2 1 
ATOM   715  N N   . GLU A 1 95  ? -15.937 -5.050  -5.624  1.00 15.13 ? 95  GLU A N   1 
ATOM   716  C CA  . GLU A 1 95  ? -15.477 -5.079  -7.034  1.00 14.39 ? 95  GLU A CA  1 
ATOM   717  C C   . GLU A 1 95  ? -14.600 -6.220  -7.349  1.00 14.54 ? 95  GLU A C   1 
ATOM   718  O O   . GLU A 1 95  ? -14.548 -6.711  -8.518  1.00 14.14 ? 95  GLU A O   1 
ATOM   719  C CB  . GLU A 1 95  ? -14.673 -3.834  -7.337  1.00 15.57 ? 95  GLU A CB  1 
ATOM   720  C CG  . GLU A 1 95  ? -15.522 -2.582  -7.458  1.00 16.38 ? 95  GLU A CG  1 
ATOM   721  C CD  . GLU A 1 95  ? -14.614 -1.352  -7.586  1.00 19.09 ? 95  GLU A CD  1 
ATOM   722  O OE1 . GLU A 1 95  ? -14.411 -0.918  -8.718  1.00 20.99 ? 95  GLU A OE1 1 
ATOM   723  O OE2 . GLU A 1 95  ? -14.008 -0.827  -6.568  1.00 19.55 ? 95  GLU A OE2 1 
ATOM   724  N N   . PHE A 1 96  ? -13.766 -6.682  -6.424  1.00 13.61 ? 96  PHE A N   1 
ATOM   725  C CA  . PHE A 1 96  ? -12.798 -7.651  -6.640  1.00 13.12 ? 96  PHE A CA  1 
ATOM   726  C C   . PHE A 1 96  ? -12.985 -8.902  -5.840  1.00 14.96 ? 96  PHE A C   1 
ATOM   727  O O   . PHE A 1 96  ? -13.332 -8.817  -4.651  1.00 16.53 ? 96  PHE A O   1 
ATOM   728  C CB  . PHE A 1 96  ? -11.360 -7.024  -6.345  1.00 13.29 ? 96  PHE A CB  1 
ATOM   729  C CG  . PHE A 1 96  ? -11.111 -5.878  -7.145  1.00 11.61 ? 96  PHE A CG  1 
ATOM   730  C CD1 . PHE A 1 96  ? -11.279 -4.614  -6.711  1.00 12.45 ? 96  PHE A CD1 1 
ATOM   731  C CD2 . PHE A 1 96  ? -10.726 -6.041  -8.484  1.00 13.68 ? 96  PHE A CD2 1 
ATOM   732  C CE1 . PHE A 1 96  ? -11.192 -3.519  -7.477  1.00 12.69 ? 96  PHE A CE1 1 
ATOM   733  C CE2 . PHE A 1 96  ? -10.603 -4.936  -9.293  1.00 12.26 ? 96  PHE A CE2 1 
ATOM   734  C CZ  . PHE A 1 96  ? -10.859 -3.672  -8.856  1.00 13.30 ? 96  PHE A CZ  1 
ATOM   735  N N   . LYS A 1 97  ? -12.738 -10.046 -6.442  1.00 15.11 ? 97  LYS A N   1 
ATOM   736  C CA  . LYS A 1 97  ? -12.652 -11.296 -5.747  1.00 17.99 ? 97  LYS A CA  1 
ATOM   737  C C   . LYS A 1 97  ? -11.391 -11.340 -4.878  1.00 18.06 ? 97  LYS A C   1 
ATOM   738  O O   . LYS A 1 97  ? -11.408 -11.836 -3.744  1.00 21.44 ? 97  LYS A O   1 
ATOM   739  C CB  . LYS A 1 97  ? -12.602 -12.478 -6.725  1.00 20.27 ? 97  LYS A CB  1 
ATOM   740  C CG  . LYS A 1 97  ? -12.548 -13.791 -5.972  1.00 25.29 ? 97  LYS A CG  1 
ATOM   741  C CD  . LYS A 1 97  ? -12.489 -14.986 -6.866  1.00 33.18 ? 97  LYS A CD  1 
ATOM   742  C CE  . LYS A 1 97  ? -12.302 -16.244 -6.014  1.00 40.36 ? 97  LYS A CE  1 
ATOM   743  N NZ  . LYS A 1 97  ? -12.663 -17.409 -6.860  1.00 50.24 ? 97  LYS A NZ  1 
ATOM   744  N N   . SER A 1 98  ? -10.319 -10.803 -5.463  1.00 17.73 ? 98  SER A N   1 
ATOM   745  C CA  . SER A 1 98  ? -9.009  -10.739 -4.713  1.00 16.79 ? 98  SER A CA  1 
ATOM   746  C C   . SER A 1 98  ? -8.292  -9.530  -5.198  1.00 16.67 ? 98  SER A C   1 
ATOM   747  O O   . SER A 1 98  ? -8.405  -9.071  -6.343  1.00 15.75 ? 98  SER A O   1 
ATOM   748  C CB  . SER A 1 98  ? -8.224  -11.955 -5.004  1.00 20.99 ? 98  SER A CB  1 
ATOM   749  O OG  . SER A 1 98  ? -7.902  -12.039 -6.346  1.00 26.23 ? 98  SER A OG  1 
ATOM   750  N N   . ILE A 1 99  ? -7.533  -8.897  -4.277  1.00 15.21 ? 99  ILE A N   1 
ATOM   751  C CA  . ILE A 1 99  ? -6.708  -7.775  -4.646  1.00 14.59 ? 99  ILE A CA  1 
ATOM   752  C C   . ILE A 1 99  ? -5.582  -7.647  -3.588  1.00 16.56 ? 99  ILE A C   1 
ATOM   753  O O   . ILE A 1 99  ? -5.837  -7.765  -2.379  1.00 17.30 ? 99  ILE A O   1 
ATOM   754  C CB  . ILE A 1 99  ? -7.534  -6.475  -4.786  1.00 13.56 ? 99  ILE A CB  1 
ATOM   755  C CG1 . ILE A 1 99  ? -6.617  -5.285  -5.183  1.00 13.64 ? 99  ILE A CG1 1 
ATOM   756  C CG2 . ILE A 1 99  ? -8.401  -6.111  -3.584  1.00 14.28 ? 99  ILE A CG2 1 
ATOM   757  C CD1 . ILE A 1 99  ? -7.368  -4.107  -5.736  1.00 15.44 ? 99  ILE A CD1 1 
ATOM   758  N N   . VAL A 1 100 ? -4.365  -7.478  -4.112  1.00 14.06 ? 100 VAL A N   1 
ATOM   759  C CA  . VAL A 1 100 ? -3.105  -7.491  -3.295  1.00 14.63 ? 100 VAL A CA  1 
ATOM   760  C C   . VAL A 1 100 ? -2.273  -6.317  -3.715  1.00 13.93 ? 100 VAL A C   1 
ATOM   761  O O   . VAL A 1 100 ? -2.050  -6.041  -4.903  1.00 14.56 ? 100 VAL A O   1 
ATOM   762  C CB  . VAL A 1 100 ? -2.341  -8.797  -3.566  1.00 15.28 ? 100 VAL A CB  1 
ATOM   763  C CG1 . VAL A 1 100 ? -1.014  -8.806  -2.699  1.00 16.19 ? 100 VAL A CG1 1 
ATOM   764  C CG2 . VAL A 1 100 ? -3.133  -10.027 -3.165  1.00 18.19 ? 100 VAL A CG2 1 
ATOM   765  N N   . PHE A 1 101 ? -1.824  -5.556  -2.700  1.00 13.55 ? 101 PHE A N   1 
ATOM   766  C CA  . PHE A 1 101 ? -0.969  -4.411  -2.863  1.00 14.21 ? 101 PHE A CA  1 
ATOM   767  C C   . PHE A 1 101 ? 0.445   -4.690  -2.433  1.00 14.92 ? 101 PHE A C   1 
ATOM   768  O O   . PHE A 1 101 ? 0.594   -5.162  -1.337  1.00 17.18 ? 101 PHE A O   1 
ATOM   769  C CB  . PHE A 1 101 ? -1.436  -3.223  -2.067  1.00 14.27 ? 101 PHE A CB  1 
ATOM   770  C CG  . PHE A 1 101 ? -2.826  -2.706  -2.454  1.00 13.78 ? 101 PHE A CG  1 
ATOM   771  C CD1 . PHE A 1 101 ? -3.973  -3.176  -1.890  1.00 15.74 ? 101 PHE A CD1 1 
ATOM   772  C CD2 . PHE A 1 101 ? -2.987  -1.785  -3.464  1.00 13.98 ? 101 PHE A CD2 1 
ATOM   773  C CE1 . PHE A 1 101 ? -5.211  -2.735  -2.265  1.00 15.82 ? 101 PHE A CE1 1 
ATOM   774  C CE2 . PHE A 1 101 ? -4.198  -1.313  -3.822  1.00 15.40 ? 101 PHE A CE2 1 
ATOM   775  C CZ  . PHE A 1 101 ? -5.313  -1.767  -3.236  1.00 14.46 ? 101 PHE A CZ  1 
ATOM   776  N N   . SER A 1 102 ? 1.442   -4.394  -3.237  1.00 14.08 ? 102 SER A N   1 
ATOM   777  C CA  . SER A 1 102 ? 2.858   -4.604  -2.776  1.00 14.53 ? 102 SER A CA  1 
ATOM   778  C C   . SER A 1 102 ? 3.658   -3.371  -3.074  1.00 14.48 ? 102 SER A C   1 
ATOM   779  O O   . SER A 1 102 ? 3.460   -2.703  -4.080  1.00 14.78 ? 102 SER A O   1 
ATOM   780  C CB  . SER A 1 102 ? 3.374   -5.768  -3.518  1.00 17.06 ? 102 SER A CB  1 
ATOM   781  O OG  . SER A 1 102 ? 4.640   -6.097  -3.018  1.00 25.77 ? 102 SER A OG  1 
ATOM   782  N N   . VAL A 1 103 ? 4.541   -3.043  -2.134  1.00 14.19 ? 103 VAL A N   1 
ATOM   783  C CA  . VAL A 1 103 ? 5.459   -1.928  -2.271  1.00 14.56 ? 103 VAL A CA  1 
ATOM   784  C C   . VAL A 1 103 ? 6.901   -2.435  -2.163  1.00 14.89 ? 103 VAL A C   1 
ATOM   785  O O   . VAL A 1 103 ? 7.191   -3.134  -1.275  1.00 16.40 ? 103 VAL A O   1 
ATOM   786  C CB  . VAL A 1 103 ? 5.155   -0.789  -1.266  1.00 14.43 ? 103 VAL A CB  1 
ATOM   787  C CG1 . VAL A 1 103 ? 5.209   -1.249  0.184   1.00 16.46 ? 103 VAL A CG1 1 
ATOM   788  C CG2 . VAL A 1 103 ? 6.051   0.398   -1.509  1.00 17.61 ? 103 VAL A CG2 1 
ATOM   789  N N   . HIS A 1 104 ? 7.734   -2.089  -3.141  1.00 15.24 ? 104 HIS A N   1 
ATOM   790  C CA  . HIS A 1 104 ? 9.128   -2.461  -3.186  1.00 15.50 ? 104 HIS A CA  1 
ATOM   791  C C   . HIS A 1 104 ? 9.968   -1.221  -3.276  1.00 14.98 ? 104 HIS A C   1 
ATOM   792  O O   . HIS A 1 104 ? 9.593   -0.317  -3.952  1.00 16.03 ? 104 HIS A O   1 
ATOM   793  C CB  . HIS A 1 104 ? 9.413   -3.273  -4.454  1.00 17.57 ? 104 HIS A CB  1 
ATOM   794  C CG  . HIS A 1 104 ? 8.812   -4.670  -4.468  1.00 20.02 ? 104 HIS A CG  1 
ATOM   795  N ND1 . HIS A 1 104 ? 9.549   -5.780  -4.705  1.00 19.97 ? 104 HIS A ND1 1 
ATOM   796  C CD2 . HIS A 1 104 ? 7.509   -5.115  -4.256  1.00 18.98 ? 104 HIS A CD2 1 
ATOM   797  C CE1 . HIS A 1 104 ? 8.755   -6.857  -4.659  1.00 19.18 ? 104 HIS A CE1 1 
ATOM   798  N NE2 . HIS A 1 104 ? 7.506   -6.444  -4.398  1.00 20.92 ? 104 HIS A NE2 1 
ATOM   799  N N   . VAL A 1 105 ? 11.092  -1.187  -2.570  1.00 14.68 ? 105 VAL A N   1 
ATOM   800  C CA  . VAL A 1 105 ? 11.996  -0.063  -2.669  1.00 15.22 ? 105 VAL A CA  1 
ATOM   801  C C   . VAL A 1 105 ? 13.340  -0.538  -3.203  1.00 17.04 ? 105 VAL A C   1 
ATOM   802  O O   . VAL A 1 105 ? 13.852  -1.439  -2.695  1.00 19.19 ? 105 VAL A O   1 
ATOM   803  C CB  . VAL A 1 105 ? 12.200  0.631   -1.301  1.00 16.53 ? 105 VAL A CB  1 
ATOM   804  C CG1 . VAL A 1 105 ? 13.057  1.885   -1.439  1.00 17.23 ? 105 VAL A CG1 1 
ATOM   805  C CG2 . VAL A 1 105 ? 10.855  0.942   -0.650  1.00 17.87 ? 105 VAL A CG2 1 
ATOM   806  N N   . ASP A 1 106 ? 13.855  0.114   -4.226  1.00 19.00 ? 106 ASP A N   1 
ATOM   807  C CA  . ASP A 1 106 ? 15.193  -0.247  -4.793  1.00 21.17 ? 106 ASP A CA  1 
ATOM   808  C C   . ASP A 1 106 ? 16.103  0.915   -4.510  1.00 19.85 ? 106 ASP A C   1 
ATOM   809  O O   . ASP A 1 106 ? 15.902  2.042   -4.943  1.00 19.18 ? 106 ASP A O   1 
ATOM   810  C CB  . ASP A 1 106 ? 14.973  -0.399  -6.292  1.00 24.09 ? 106 ASP A CB  1 
ATOM   811  C CG  . ASP A 1 106 ? 16.255  -0.826  -7.056  1.00 34.82 ? 106 ASP A CG  1 
ATOM   812  O OD1 . ASP A 1 106 ? 17.304  -0.857  -6.423  1.00 38.23 ? 106 ASP A OD1 1 
ATOM   813  O OD2 . ASP A 1 106 ? 16.165  -1.122  -8.257  1.00 38.89 ? 106 ASP A OD2 1 
ATOM   814  N N   . THR A 1 107 ? 17.128  0.653   -3.656  1.00 26.67 ? 107 THR A N   1 
ATOM   815  C CA  . THR A 1 107 ? 18.070  1.729   -3.224  1.00 24.57 ? 107 THR A CA  1 
ATOM   816  C C   . THR A 1 107 ? 19.473  1.608   -3.844  1.00 28.06 ? 107 THR A C   1 
ATOM   817  O O   . THR A 1 107 ? 20.368  2.394   -3.494  1.00 31.98 ? 107 THR A O   1 
ATOM   818  C CB  . THR A 1 107 ? 18.288  1.681   -1.696  1.00 25.55 ? 107 THR A CB  1 
ATOM   819  O OG1 . THR A 1 107 ? 18.545  0.316   -1.341  1.00 27.85 ? 107 THR A OG1 1 
ATOM   820  C CG2 . THR A 1 107 ? 16.975  2.096   -1.024  1.00 25.38 ? 107 THR A CG2 1 
ATOM   821  N N   . LYS A 1 108 ? 19.557  0.735   -4.821  1.00 32.51 ? 108 LYS A N   1 
ATOM   822  C CA  . LYS A 1 108 ? 20.831  0.591   -5.606  1.00 42.00 ? 108 LYS A CA  1 
ATOM   823  C C   . LYS A 1 108 ? 21.205  1.880   -6.329  1.00 47.80 ? 108 LYS A C   1 
ATOM   824  O O   . LYS A 1 108 ? 20.381  2.557   -6.910  1.00 50.73 ? 108 LYS A O   1 
ATOM   825  C CB  . LYS A 1 108 ? 20.679  -0.524  -6.622  1.00 47.55 ? 108 LYS A CB  1 
ATOM   826  C CG  . LYS A 1 108 ? 20.600  -1.884  -5.928  1.00 54.01 ? 108 LYS A CG  1 
ATOM   827  C CD  . LYS A 1 108 ? 19.811  -2.928  -6.721  1.00 65.94 ? 108 LYS A CD  1 
ATOM   828  C CE  . LYS A 1 108 ? 18.908  -3.757  -5.807  1.00 71.85 ? 108 LYS A CE  1 
ATOM   829  N NZ  . LYS A 1 108 ? 19.590  -4.167  -4.533  1.00 70.27 ? 108 LYS A NZ  1 
ATOM   830  N N   . GLY A 1 109 ? 22.469  2.241   -6.315  1.00 51.56 ? 109 GLY A N   1 
ATOM   831  C CA  . GLY A 1 109 ? 22.850  3.371   -7.134  1.00 52.58 ? 109 GLY A CA  1 
ATOM   832  C C   . GLY A 1 109 ? 22.384  4.639   -6.472  1.00 54.53 ? 109 GLY A C   1 
ATOM   833  O O   . GLY A 1 109 ? 22.219  4.704   -5.262  1.00 58.83 ? 109 GLY A O   1 
ATOM   834  N N   . GLU A 1 110 ? 22.178  5.654   -7.278  1.00 56.01 ? 110 GLU A N   1 
ATOM   835  C CA  . GLU A 1 110 ? 22.123  7.008   -6.775  1.00 57.66 ? 110 GLU A CA  1 
ATOM   836  C C   . GLU A 1 110 ? 20.704  7.284   -6.326  1.00 50.52 ? 110 GLU A C   1 
ATOM   837  O O   . GLU A 1 110 ? 20.464  8.054   -5.388  1.00 50.98 ? 110 GLU A O   1 
ATOM   838  C CB  . GLU A 1 110 ? 22.502  7.986   -7.902  1.00 63.46 ? 110 GLU A CB  1 
ATOM   839  C CG  . GLU A 1 110 ? 23.384  9.142   -7.466  1.00 74.39 ? 110 GLU A CG  1 
ATOM   840  C CD  . GLU A 1 110 ? 24.863  8.880   -7.704  1.00 77.19 ? 110 GLU A CD  1 
ATOM   841  O OE1 . GLU A 1 110 ? 25.569  9.872   -7.983  1.00 78.88 ? 110 GLU A OE1 1 
ATOM   842  O OE2 . GLU A 1 110 ? 25.316  7.705   -7.635  1.00 75.48 ? 110 GLU A OE2 1 
ATOM   843  N N   . ASP A 1 111 ? 19.764  6.665   -7.032  1.00 42.52 ? 111 ASP A N   1 
ATOM   844  C CA  . ASP A 1 111 ? 18.379  7.144   -7.028  1.00 36.51 ? 111 ASP A CA  1 
ATOM   845  C C   . ASP A 1 111 ? 17.466  6.013   -6.569  1.00 32.98 ? 111 ASP A C   1 
ATOM   846  O O   . ASP A 1 111 ? 17.384  4.930   -7.222  1.00 36.11 ? 111 ASP A O   1 
ATOM   847  C CB  . ASP A 1 111 ? 17.979  7.633   -8.413  1.00 44.75 ? 111 ASP A CB  1 
ATOM   848  C CG  . ASP A 1 111 ? 18.824  8.840   -8.882  1.00 49.90 ? 111 ASP A CG  1 
ATOM   849  O OD1 . ASP A 1 111 ? 19.081  9.763   -8.086  1.00 58.56 ? 111 ASP A OD1 1 
ATOM   850  O OD2 . ASP A 1 111 ? 19.228  8.865   -10.054 1.00 55.62 ? 111 ASP A OD2 1 
ATOM   851  N N   . ASN A 1 112 ? 16.794  6.287   -5.438  1.00 24.24 ? 112 ASN A N   1 
ATOM   852  C CA  . ASN A 1 112 ? 15.838  5.360   -4.892  1.00 22.15 ? 112 ASN A CA  1 
ATOM   853  C C   . ASN A 1 112 ? 14.526  5.381   -5.703  1.00 18.44 ? 112 ASN A C   1 
ATOM   854  O O   . ASN A 1 112 ? 14.069  6.431   -6.095  1.00 20.87 ? 112 ASN A O   1 
ATOM   855  C CB  . ASN A 1 112 ? 15.494  5.802   -3.484  1.00 21.51 ? 112 ASN A CB  1 
ATOM   856  C CG  . ASN A 1 112 ? 16.708  5.681   -2.530  1.00 24.50 ? 112 ASN A CG  1 
ATOM   857  O OD1 . ASN A 1 112 ? 17.550  4.818   -2.731  1.00 25.03 ? 112 ASN A OD1 1 
ATOM   858  N ND2 . ASN A 1 112 ? 16.609  6.348   -1.444  1.00 24.86 ? 112 ASN A ND2 1 
ATOM   859  N N   . LEU A 1 113 ? 14.045  4.177   -5.883  1.00 18.24 ? 113 LEU A N   1 
ATOM   860  C CA  . LEU A 1 113 ? 12.800  3.930   -6.695  1.00 17.35 ? 113 LEU A CA  1 
ATOM   861  C C   . LEU A 1 113 ? 11.808  3.146   -5.852  1.00 16.44 ? 113 LEU A C   1 
ATOM   862  O O   . LEU A 1 113 ? 12.153  2.120   -5.249  1.00 19.50 ? 113 LEU A O   1 
ATOM   863  C CB  . LEU A 1 113 ? 13.175  3.037   -7.838  1.00 23.01 ? 113 LEU A CB  1 
ATOM   864  C CG  . LEU A 1 113 ? 13.538  3.655   -9.159  1.00 33.68 ? 113 LEU A CG  1 
ATOM   865  C CD1 . LEU A 1 113 ? 13.900  2.462   -10.058 1.00 36.96 ? 113 LEU A CD1 1 
ATOM   866  C CD2 . LEU A 1 113 ? 12.276  4.363   -9.762  1.00 32.55 ? 113 LEU A CD2 1 
ATOM   867  N N   . VAL A 1 114 ? 10.590  3.729   -5.791  1.00 14.70 ? 114 VAL A N   1 
ATOM   868  C CA  . VAL A 1 114 ? 9.453   3.007   -5.115  1.00 14.58 ? 114 VAL A CA  1 
ATOM   869  C C   . VAL A 1 114 ? 8.575   2.397   -6.252  1.00 13.48 ? 114 VAL A C   1 
ATOM   870  O O   . VAL A 1 114 ? 8.177   3.207   -7.118  1.00 15.71 ? 114 VAL A O   1 
ATOM   871  C CB  . VAL A 1 114 ? 8.688   3.969   -4.260  1.00 13.05 ? 114 VAL A CB  1 
ATOM   872  C CG1 . VAL A 1 114 ? 7.401   3.309   -3.760  1.00 13.32 ? 114 VAL A CG1 1 
ATOM   873  C CG2 . VAL A 1 114 ? 9.527   4.459   -3.026  1.00 15.25 ? 114 VAL A CG2 1 
ATOM   874  N N   . THR A 1 115 ? 8.267   1.174   -6.102  1.00 13.82 ? 115 THR A N   1 
ATOM   875  C CA  . THR A 1 115 ? 7.381   0.452   -7.044  1.00 13.89 ? 115 THR A CA  1 
ATOM   876  C C   . THR A 1 115 ? 6.218   -0.099  -6.301  1.00 13.46 ? 115 THR A C   1 
ATOM   877  O O   . THR A 1 115 ? 6.334   -0.882  -5.385  1.00 14.52 ? 115 THR A O   1 
ATOM   878  C CB  . THR A 1 115 ? 8.055   -0.626  -7.777  1.00 14.83 ? 115 THR A CB  1 
ATOM   879  O OG1 . THR A 1 115 ? 9.194   -0.099  -8.483  1.00 18.06 ? 115 THR A OG1 1 
ATOM   880  C CG2 . THR A 1 115 ? 7.100   -1.276  -8.813  1.00 17.04 ? 115 THR A CG2 1 
ATOM   881  N N   . TRP A 1 116 ? 4.986   0.367   -6.652  1.00 13.03 ? 116 TRP A N   1 
ATOM   882  C CA  . TRP A 1 116 ? 3.721   -0.191  -6.159  1.00 12.32 ? 116 TRP A CA  1 
ATOM   883  C C   . TRP A 1 116 ? 3.083   -1.097  -7.197  1.00 14.12 ? 116 TRP A C   1 
ATOM   884  O O   . TRP A 1 116 ? 3.051   -0.727  -8.359  1.00 15.88 ? 116 TRP A O   1 
ATOM   885  C CB  . TRP A 1 116 ? 2.711   0.880   -5.820  1.00 14.36 ? 116 TRP A CB  1 
ATOM   886  C CG  . TRP A 1 116 ? 3.042   1.626   -4.489  1.00 12.73 ? 116 TRP A CG  1 
ATOM   887  C CD1 . TRP A 1 116 ? 3.686   2.768   -4.392  1.00 15.27 ? 116 TRP A CD1 1 
ATOM   888  C CD2 . TRP A 1 116 ? 2.631   1.226   -3.192  1.00 13.18 ? 116 TRP A CD2 1 
ATOM   889  N NE1 . TRP A 1 116 ? 3.735   3.138   -3.073  1.00 14.25 ? 116 TRP A NE1 1 
ATOM   890  C CE2 . TRP A 1 116 ? 3.129   2.189   -2.318  1.00 13.59 ? 116 TRP A CE2 1 
ATOM   891  C CE3 . TRP A 1 116 ? 1.972   0.136   -2.671  1.00 13.55 ? 116 TRP A CE3 1 
ATOM   892  C CZ2 . TRP A 1 116 ? 2.868   2.100   -0.921  1.00 13.75 ? 116 TRP A CZ2 1 
ATOM   893  C CZ3 . TRP A 1 116 ? 1.688   0.030   -1.307  1.00 15.78 ? 116 TRP A CZ3 1 
ATOM   894  C CH2 . TRP A 1 116 ? 2.158   1.025   -0.463  1.00 15.41 ? 116 TRP A CH2 1 
ATOM   895  N N   . SER A 1 117 ? 2.666   -2.261  -6.798  1.00 13.97 ? 117 SER A N   1 
ATOM   896  C CA  . SER A 1 117 ? 1.931   -3.172  -7.689  1.00 13.96 ? 117 SER A CA  1 
ATOM   897  C C   . SER A 1 117 ? 0.615   -3.485  -7.082  1.00 15.26 ? 117 SER A C   1 
ATOM   898  O O   . SER A 1 117 ? 0.456   -3.654  -5.844  1.00 16.25 ? 117 SER A O   1 
ATOM   899  C CB  . SER A 1 117 ? 2.672   -4.500  -7.798  1.00 17.17 ? 117 SER A CB  1 
ATOM   900  O OG  . SER A 1 117 ? 4.022   -4.308  -8.265  1.00 27.20 ? 117 SER A OG  1 
ATOM   901  N N   . ILE A 1 118 ? -0.396  -3.610  -7.936  1.00 14.36 ? 118 ILE A N   1 
ATOM   902  C CA  . ILE A 1 118 ? -1.771  -3.998  -7.603  1.00 13.44 ? 118 ILE A CA  1 
ATOM   903  C C   . ILE A 1 118 ? -2.084  -5.258  -8.418  1.00 12.93 ? 118 ILE A C   1 
ATOM   904  O O   . ILE A 1 118 ? -2.078  -5.151  -9.673  1.00 14.50 ? 118 ILE A O   1 
ATOM   905  C CB  . ILE A 1 118 ? -2.806  -2.934  -7.832  1.00 13.11 ? 118 ILE A CB  1 
ATOM   906  C CG1 . ILE A 1 118 ? -2.377  -1.557  -7.349  1.00 14.91 ? 118 ILE A CG1 1 
ATOM   907  C CG2 . ILE A 1 118 ? -4.147  -3.379  -7.155  1.00 14.04 ? 118 ILE A CG2 1 
ATOM   908  C CD1 . ILE A 1 118 ? -3.357  -0.478  -7.699  1.00 14.76 ? 118 ILE A CD1 1 
ATOM   909  N N   . ASP A 1 119 ? -2.302  -6.403  -7.805  1.00 13.68 ? 119 ASP A N   1 
ATOM   910  C CA  . ASP A 1 119 ? -2.611  -7.642  -8.482  1.00 15.20 ? 119 ASP A CA  1 
ATOM   911  C C   . ASP A 1 119 ? -4.034  -8.013  -8.080  1.00 16.40 ? 119 ASP A C   1 
ATOM   912  O O   . ASP A 1 119 ? -4.383  -8.070  -6.866  1.00 16.75 ? 119 ASP A O   1 
ATOM   913  C CB  . ASP A 1 119 ? -1.716  -8.818  -8.069  1.00 16.96 ? 119 ASP A CB  1 
ATOM   914  C CG  . ASP A 1 119 ? -0.448  -8.790  -8.658  1.00 26.75 ? 119 ASP A CG  1 
ATOM   915  O OD1 . ASP A 1 119 ? 0.528   -8.274  -7.994  1.00 31.05 ? 119 ASP A OD1 1 
ATOM   916  O OD2 . ASP A 1 119 ? -0.377  -9.276  -9.791  1.00 29.91 ? 119 ASP A OD2 1 
ATOM   917  N N   . TYR A 1 120 ? -4.930  -8.205  -9.056  1.00 15.39 ? 120 TYR A N   1 
ATOM   918  C CA  . TYR A 1 120 ? -6.325  -8.370  -8.686  1.00 15.22 ? 120 TYR A CA  1 
ATOM   919  C C   . TYR A 1 120 ? -7.063  -9.321  -9.672  1.00 15.28 ? 120 TYR A C   1 
ATOM   920  O O   . TYR A 1 120 ? -6.652  -9.488  -10.765 1.00 17.23 ? 120 TYR A O   1 
ATOM   921  C CB  . TYR A 1 120 ? -7.008  -6.990  -8.699  1.00 15.15 ? 120 TYR A CB  1 
ATOM   922  C CG  . TYR A 1 120 ? -6.786  -6.225  -9.978  1.00 14.46 ? 120 TYR A CG  1 
ATOM   923  C CD1 . TYR A 1 120 ? -7.658  -6.339  -11.088 1.00 15.58 ? 120 TYR A CD1 1 
ATOM   924  C CD2 . TYR A 1 120 ? -5.645  -5.398  -10.180 1.00 15.48 ? 120 TYR A CD2 1 
ATOM   925  C CE1 . TYR A 1 120 ? -7.387  -5.645  -12.226 1.00 15.89 ? 120 TYR A CE1 1 
ATOM   926  C CE2 . TYR A 1 120 ? -5.378  -4.768  -11.331 1.00 14.97 ? 120 TYR A CE2 1 
ATOM   927  C CZ  . TYR A 1 120 ? -6.265  -4.843  -12.406 1.00 15.53 ? 120 TYR A CZ  1 
ATOM   928  O OH  . TYR A 1 120 ? -6.010  -4.196  -13.579 1.00 16.83 ? 120 TYR A OH  1 
ATOM   929  N N   . GLU A 1 121 ? -8.237  -9.755  -9.191  1.00 16.06 ? 121 GLU A N   1 
ATOM   930  C CA  . GLU A 1 121 ? -9.236  -10.507 -9.990  1.00 17.30 ? 121 GLU A CA  1 
ATOM   931  C C   . GLU A 1 121 ? -10.515 -9.802  -9.764  1.00 14.72 ? 121 GLU A C   1 
ATOM   932  O O   . GLU A 1 121 ? -11.039 -9.707  -8.667  1.00 16.32 ? 121 GLU A O   1 
ATOM   933  C CB  . GLU A 1 121 ? -9.315  -11.937 -9.568  1.00 18.88 ? 121 GLU A CB  1 
ATOM   934  C CG  . GLU A 1 121 ? -10.282 -12.666 -10.548 1.00 22.21 ? 121 GLU A CG  1 
ATOM   935  C CD  . GLU A 1 121 ? -10.426 -14.141 -10.236 1.00 31.22 ? 121 GLU A CD  1 
ATOM   936  O OE1 . GLU A 1 121 ? -9.488  -14.806 -9.716  1.00 33.47 ? 121 GLU A OE1 1 
ATOM   937  O OE2 . GLU A 1 121 ? -11.523 -14.645 -10.575 1.00 38.19 ? 121 GLU A OE2 1 
ATOM   938  N N   . LYS A 1 122 ? -11.129 -9.305  -10.832 1.00 14.71 ? 122 LYS A N   1 
ATOM   939  C CA  . LYS A 1 122 ? -12.434 -8.599  -10.821 1.00 14.43 ? 122 LYS A CA  1 
ATOM   940  C C   . LYS A 1 122 ? -13.532 -9.678  -10.573 1.00 15.93 ? 122 LYS A C   1 
ATOM   941  O O   . LYS A 1 122 ? -13.367 -10.826 -10.922 1.00 17.95 ? 122 LYS A O   1 
ATOM   942  C CB  . LYS A 1 122 ? -12.683 -8.056  -12.208 1.00 16.04 ? 122 LYS A CB  1 
ATOM   943  C CG  . LYS A 1 122 ? -11.757 -7.017  -12.657 1.00 15.17 ? 122 LYS A CG  1 
ATOM   944  C CD  . LYS A 1 122 ? -12.003 -6.602  -14.104 1.00 17.83 ? 122 LYS A CD  1 
ATOM   945  C CE  . LYS A 1 122 ? -10.978 -5.576  -14.541 1.00 19.65 ? 122 LYS A CE  1 
ATOM   946  N NZ  . LYS A 1 122 ? -11.396 -5.070  -15.908 1.00 23.31 ? 122 LYS A NZ  1 
ATOM   947  N N   . LEU A 1 123 ? -14.573 -9.205  -9.894  1.00 16.61 ? 123 LEU A N   1 
ATOM   948  C CA  . LEU A 1 123 ? -15.794 -10.064 -9.737  1.00 18.38 ? 123 LEU A CA  1 
ATOM   949  C C   . LEU A 1 123 ? -16.445 -10.397 -11.066 1.00 20.15 ? 123 LEU A C   1 
ATOM   950  O O   . LEU A 1 123 ? -17.004 -11.534 -11.177 1.00 21.03 ? 123 LEU A O   1 
ATOM   951  C CB  . LEU A 1 123 ? -16.770 -9.384  -8.826  1.00 17.93 ? 123 LEU A CB  1 
ATOM   952  C CG  . LEU A 1 123 ? -16.370 -9.336  -7.348  1.00 18.16 ? 123 LEU A CG  1 
ATOM   953  C CD1 . LEU A 1 123 ? -17.291 -8.403  -6.579  1.00 19.04 ? 123 LEU A CD1 1 
ATOM   954  C CD2 . LEU A 1 123 ? -16.247 -10.725 -6.724  1.00 18.51 ? 123 LEU A CD2 1 
ATOM   955  N N   . ASN A 1 124 ? -16.367 -9.488  -12.004 1.00 17.05 ? 124 ASN A N   1 
ATOM   956  C CA  . ASN A 1 124 ? -16.931 -9.675  -13.359 1.00 17.93 ? 124 ASN A CA  1 
ATOM   957  C C   . ASN A 1 124 ? -16.335 -8.746  -14.306 1.00 18.79 ? 124 ASN A C   1 
ATOM   958  O O   . ASN A 1 124 ? -15.618 -7.791  -13.968 1.00 18.22 ? 124 ASN A O   1 
ATOM   959  C CB  . ASN A 1 124 ? -18.466 -9.563  -13.292 1.00 19.76 ? 124 ASN A CB  1 
ATOM   960  C CG  . ASN A 1 124 ? -18.898 -8.197  -12.981 1.00 16.64 ? 124 ASN A CG  1 
ATOM   961  O OD1 . ASN A 1 124 ? -18.691 -7.248  -13.667 1.00 20.20 ? 124 ASN A OD1 1 
ATOM   962  N ND2 . ASN A 1 124 ? -19.482 -8.083  -11.780 1.00 19.77 ? 124 ASN A ND2 1 
ATOM   963  N N   . GLU A 1 125 ? -16.605 -8.959  -15.605 1.00 20.41 ? 125 GLU A N   1 
ATOM   964  C CA  . GLU A 1 125 ? -15.930 -8.150  -16.585 1.00 19.65 ? 125 GLU A CA  1 
ATOM   965  C C   . GLU A 1 125 ? -16.270 -6.731  -16.684 1.00 18.53 ? 125 GLU A C   1 
ATOM   966  O O   . GLU A 1 125 ? -15.616 -5.904  -17.339 1.00 22.83 ? 125 GLU A O   1 
ATOM   967  C CB  . GLU A 1 125 ? -16.052 -8.829  -17.974 1.00 27.49 ? 125 GLU A CB  1 
ATOM   968  C CG  . GLU A 1 125 ? -17.419 -8.739  -18.595 1.00 34.41 ? 125 GLU A CG  1 
ATOM   969  C CD  . GLU A 1 125 ? -17.295 -8.478  -20.120 1.00 52.25 ? 125 GLU A CD  1 
ATOM   970  O OE1 . GLU A 1 125 ? -17.724 -7.381  -20.593 1.00 63.20 ? 125 GLU A OE1 1 
ATOM   971  O OE2 . GLU A 1 125 ? -16.677 -9.325  -20.822 1.00 46.08 ? 125 GLU A OE2 1 
ATOM   972  N N   . SER A 1 126 ? -17.365 -6.301  -16.051 1.00 17.51 ? 126 SER A N   1 
ATOM   973  C CA  . SER A 1 126 ? -17.688 -4.939  -16.071 1.00 17.25 ? 126 SER A CA  1 
ATOM   974  C C   . SER A 1 126 ? -16.993 -4.020  -15.059 1.00 16.88 ? 126 SER A C   1 
ATOM   975  O O   . SER A 1 126 ? -17.132 -2.795  -15.063 1.00 18.81 ? 126 SER A O   1 
ATOM   976  C CB  . SER A 1 126 ? -19.185 -4.755  -15.877 1.00 22.59 ? 126 SER A CB  1 
ATOM   977  O OG  . SER A 1 126 ? -19.873 -5.472  -16.936 1.00 29.23 ? 126 SER A OG  1 
ATOM   978  N N   . VAL A 1 127 ? -16.277 -4.707  -14.153 1.00 16.65 ? 127 VAL A N   1 
ATOM   979  C CA  . VAL A 1 127 ? -15.535 -3.948  -13.102 1.00 18.15 ? 127 VAL A CA  1 
ATOM   980  C C   . VAL A 1 127 ? -14.384 -3.221  -13.796 1.00 17.43 ? 127 VAL A C   1 
ATOM   981  O O   . VAL A 1 127 ? -13.734 -3.869  -14.596 1.00 18.54 ? 127 VAL A O   1 
ATOM   982  C CB  . VAL A 1 127 ? -15.087 -4.947  -12.077 1.00 14.71 ? 127 VAL A CB  1 
ATOM   983  C CG1 . VAL A 1 127 ? -14.092 -4.275  -11.082 1.00 15.12 ? 127 VAL A CG1 1 
ATOM   984  C CG2 . VAL A 1 127 ? -16.285 -5.527  -11.277 1.00 15.83 ? 127 VAL A CG2 1 
ATOM   985  N N   . LYS A 1 128 ? -14.123 -2.018  -13.368 1.00 16.65 ? 128 LYS A N   1 
ATOM   986  C CA  . LYS A 1 128 ? -13.037 -1.169  -13.951 1.00 17.71 ? 128 LYS A CA  1 
ATOM   987  C C   . LYS A 1 128 ? -11.692 -1.637  -13.272 1.00 16.89 ? 128 LYS A C   1 
ATOM   988  O O   . LYS A 1 128 ? -11.611 -1.944  -12.092 1.00 16.59 ? 128 LYS A O   1 
ATOM   989  C CB  . LYS A 1 128 ? -13.299 0.259   -13.701 1.00 20.09 ? 128 LYS A CB  1 
ATOM   990  C CG  . LYS A 1 128 ? -12.412 1.298   -14.356 1.00 27.21 ? 128 LYS A CG  1 
ATOM   991  C CD  . LYS A 1 128 ? -12.635 2.754   -13.899 1.00 31.02 ? 128 LYS A CD  1 
ATOM   992  C CE  . LYS A 1 128 ? -11.632 3.692   -14.536 1.00 35.55 ? 128 LYS A CE  1 
ATOM   993  N NZ  . LYS A 1 128 ? -10.285 3.274   -14.040 1.00 43.09 ? 128 LYS A NZ  1 
ATOM   994  N N   . ASP A 1 129 ? -10.652 -1.727  -14.061 1.00 15.95 ? 129 ASP A N   1 
ATOM   995  C CA  . ASP A 1 129 ? -9.311  -1.842  -13.501 1.00 15.19 ? 129 ASP A CA  1 
ATOM   996  C C   . ASP A 1 129 ? -9.054  -0.663  -12.580 1.00 14.94 ? 129 ASP A C   1 
ATOM   997  O O   . ASP A 1 129 ? -9.348  0.476   -12.901 1.00 16.20 ? 129 ASP A O   1 
ATOM   998  C CB  . ASP A 1 129 ? -8.305  -1.944  -14.675 1.00 15.47 ? 129 ASP A CB  1 
ATOM   999  C CG  . ASP A 1 129 ? -8.488  -3.203  -15.523 1.00 14.14 ? 129 ASP A CG  1 
ATOM   1000 O OD1 . ASP A 1 129 ? -9.340  -3.070  -16.450 1.00 19.79 ? 129 ASP A OD1 1 
ATOM   1001 O OD2 . ASP A 1 129 ? -7.899  -4.255  -15.255 1.00 18.12 ? 129 ASP A OD2 1 
ATOM   1002 N N   . PRO A 1 130 ? -8.419  -0.916  -11.411 1.00 13.16 ? 130 PRO A N   1 
ATOM   1003 C CA  . PRO A 1 130 ? -8.382  0.105   -10.379 1.00 13.85 ? 130 PRO A CA  1 
ATOM   1004 C C   . PRO A 1 130 ? -7.239  1.086   -10.458 1.00 14.78 ? 130 PRO A C   1 
ATOM   1005 O O   . PRO A 1 130 ? -6.450  1.310   -9.531  1.00 14.66 ? 130 PRO A O   1 
ATOM   1006 C CB  . PRO A 1 130 ? -8.344  -0.768  -9.129  1.00 14.31 ? 130 PRO A CB  1 
ATOM   1007 C CG  . PRO A 1 130 ? -7.550  -1.915  -9.506  1.00 13.78 ? 130 PRO A CG  1 
ATOM   1008 C CD  . PRO A 1 130 ? -8.072  -2.232  -10.908 1.00 13.28 ? 130 PRO A CD  1 
ATOM   1009 N N   . THR A 1 131 ? -7.153  1.765   -11.578 1.00 13.45 ? 131 THR A N   1 
ATOM   1010 C CA  . THR A 1 131 ? -6.141  2.770   -11.821 1.00 13.83 ? 131 THR A CA  1 
ATOM   1011 C C   . THR A 1 131 ? -6.181  3.908   -10.852 1.00 14.28 ? 131 THR A C   1 
ATOM   1012 O O   . THR A 1 131 ? -5.118  4.496   -10.546 1.00 14.02 ? 131 THR A O   1 
ATOM   1013 C CB  . THR A 1 131 ? -6.125  3.290   -13.253 1.00 16.59 ? 131 THR A CB  1 
ATOM   1014 O OG1 . THR A 1 131 ? -7.398  3.833   -13.467 1.00 17.58 ? 131 THR A OG1 1 
ATOM   1015 C CG2 . THR A 1 131 ? -5.949  2.164   -14.251 1.00 16.18 ? 131 THR A CG2 1 
ATOM   1016 N N   . SER A 1 132 ? -7.338  4.248   -10.274 1.00 14.31 ? 132 SER A N   1 
ATOM   1017 C CA  . SER A 1 132 ? -7.416  5.346   -9.285  1.00 15.42 ? 132 SER A CA  1 
ATOM   1018 C C   . SER A 1 132 ? -6.567  4.993   -8.059  1.00 14.75 ? 132 SER A C   1 
ATOM   1019 O O   . SER A 1 132 ? -6.101  5.950   -7.393  1.00 15.12 ? 132 SER A O   1 
ATOM   1020 C CB  . SER A 1 132 ? -8.881  5.509   -8.815  1.00 18.91 ? 132 SER A CB  1 
ATOM   1021 O OG  . SER A 1 132 ? -9.352  4.314   -8.234  1.00 22.76 ? 132 SER A OG  1 
ATOM   1022 N N   . TYR A 1 133 ? -6.339  3.729   -7.825  1.00 12.45 ? 133 TYR A N   1 
ATOM   1023 C CA  . TYR A 1 133 ? -5.479  3.358   -6.698  1.00 12.10 ? 133 TYR A CA  1 
ATOM   1024 C C   . TYR A 1 133 ? -4.038  3.637   -6.987  1.00 14.11 ? 133 TYR A C   1 
ATOM   1025 O O   . TYR A 1 133 ? -3.240  3.867   -6.027  1.00 13.10 ? 133 TYR A O   1 
ATOM   1026 C CB  . TYR A 1 133 ? -5.701  1.913   -6.248  1.00 12.47 ? 133 TYR A CB  1 
ATOM   1027 C CG  . TYR A 1 133 ? -6.905  1.807   -5.373  1.00 13.32 ? 133 TYR A CG  1 
ATOM   1028 C CD1 . TYR A 1 133 ? -6.787  1.655   -3.999  1.00 14.01 ? 133 TYR A CD1 1 
ATOM   1029 C CD2 . TYR A 1 133 ? -8.181  1.836   -5.878  1.00 15.15 ? 133 TYR A CD2 1 
ATOM   1030 C CE1 . TYR A 1 133 ? -7.844  1.563   -3.183  1.00 14.18 ? 133 TYR A CE1 1 
ATOM   1031 C CE2 . TYR A 1 133 ? -9.277  1.801   -5.073  1.00 13.34 ? 133 TYR A CE2 1 
ATOM   1032 C CZ  . TYR A 1 133 ? -9.136  1.672   -3.703  1.00 15.07 ? 133 TYR A CZ  1 
ATOM   1033 O OH  . TYR A 1 133 ? -10.296 1.595   -2.889  1.00 15.52 ? 133 TYR A OH  1 
ATOM   1034 N N   . LEU A 1 134 ? -3.613  3.695   -8.204  1.00 12.58 ? 134 LEU A N   1 
ATOM   1035 C CA  . LEU A 1 134 ? -2.225  4.124   -8.466  1.00 11.81 ? 134 LEU A CA  1 
ATOM   1036 C C   . LEU A 1 134 ? -2.119  5.573   -8.135  1.00 13.06 ? 134 LEU A C   1 
ATOM   1037 O O   . LEU A 1 134 ? -1.101  6.046   -7.535  1.00 12.59 ? 134 LEU A O   1 
ATOM   1038 C CB  . LEU A 1 134 ? -1.844  3.940   -9.885  1.00 13.67 ? 134 LEU A CB  1 
ATOM   1039 C CG  . LEU A 1 134 ? -1.773  2.526   -10.360 1.00 13.23 ? 134 LEU A CG  1 
ATOM   1040 C CD1 . LEU A 1 134 ? -1.549  2.570   -11.917 1.00 15.00 ? 134 LEU A CD1 1 
ATOM   1041 C CD2 . LEU A 1 134 ? -0.826  1.627   -9.708  1.00 13.41 ? 134 LEU A CD2 1 
ATOM   1042 N N   . ASP A 1 135 ? -3.072  6.436   -8.458  1.00 13.15 ? 135 ASP A N   1 
ATOM   1043 C CA  . ASP A 1 135 ? -2.991  7.863   -8.107  1.00 12.94 ? 135 ASP A CA  1 
ATOM   1044 C C   . ASP A 1 135 ? -2.969  8.017   -6.568  1.00 12.95 ? 135 ASP A C   1 
ATOM   1045 O O   . ASP A 1 135 ? -2.194  8.794   -6.070  1.00 13.61 ? 135 ASP A O   1 
ATOM   1046 C CB  . ASP A 1 135 ? -4.214  8.647   -8.616  1.00 14.29 ? 135 ASP A CB  1 
ATOM   1047 C CG  . ASP A 1 135 ? -4.328  8.671   -10.127 1.00 19.49 ? 135 ASP A CG  1 
ATOM   1048 O OD1 . ASP A 1 135 ? -3.314  8.752   -10.717 1.00 23.59 ? 135 ASP A OD1 1 
ATOM   1049 O OD2 . ASP A 1 135 ? -5.467  9.060   -10.513 1.00 26.21 ? 135 ASP A OD2 1 
ATOM   1050 N N   . PHE A 1 136 ? -3.745  7.193   -5.895  1.00 13.38 ? 136 PHE A N   1 
ATOM   1051 C CA  . PHE A 1 136 ? -3.712  7.177   -4.385  1.00 12.23 ? 136 PHE A CA  1 
ATOM   1052 C C   . PHE A 1 136 ? -2.341  6.801   -3.917  1.00 12.42 ? 136 PHE A C   1 
ATOM   1053 O O   . PHE A 1 136 ? -1.852  7.538   -3.002  1.00 11.87 ? 136 PHE A O   1 
ATOM   1054 C CB  . PHE A 1 136 ? -4.791  6.227   -3.949  1.00 12.58 ? 136 PHE A CB  1 
ATOM   1055 C CG  . PHE A 1 136 ? -4.821  5.921   -2.448  1.00 13.85 ? 136 PHE A CG  1 
ATOM   1056 C CD1 . PHE A 1 136 ? -5.482  6.755   -1.632  1.00 13.66 ? 136 PHE A CD1 1 
ATOM   1057 C CD2 . PHE A 1 136 ? -4.222  4.797   -1.979  1.00 14.13 ? 136 PHE A CD2 1 
ATOM   1058 C CE1 . PHE A 1 136 ? -5.557  6.403   -0.238  1.00 14.11 ? 136 PHE A CE1 1 
ATOM   1059 C CE2 . PHE A 1 136 ? -4.284  4.468   -0.627  1.00 16.34 ? 136 PHE A CE2 1 
ATOM   1060 C CZ  . PHE A 1 136 ? -4.950  5.287   0.185   1.00 13.76 ? 136 PHE A CZ  1 
ATOM   1061 N N   . LEU A 1 137 ? -1.783  5.742   -4.374  1.00 11.19 ? 137 LEU A N   1 
ATOM   1062 C CA  . LEU A 1 137 ? -0.463  5.257   -3.871  1.00 11.02 ? 137 LEU A CA  1 
ATOM   1063 C C   . LEU A 1 137 ? 0.619   6.268   -4.211  1.00 12.79 ? 137 LEU A C   1 
ATOM   1064 O O   . LEU A 1 137 ? 1.543   6.464   -3.386  1.00 12.94 ? 137 LEU A O   1 
ATOM   1065 C CB  . LEU A 1 137 ? -0.124  3.870   -4.398  1.00 12.35 ? 137 LEU A CB  1 
ATOM   1066 C CG  . LEU A 1 137 ? -1.162  2.811   -3.872  1.00 11.97 ? 137 LEU A CG  1 
ATOM   1067 C CD1 . LEU A 1 137 ? -1.003  1.515   -4.566  1.00 12.46 ? 137 LEU A CD1 1 
ATOM   1068 C CD2 . LEU A 1 137 ? -0.970  2.597   -2.334  1.00 12.89 ? 137 LEU A CD2 1 
ATOM   1069 N N   . LEU A 1 138 ? 0.597   6.910   -5.348  1.00 12.51 ? 138 LEU A N   1 
ATOM   1070 C CA  . LEU A 1 138 ? 1.565   7.972   -5.641  1.00 12.02 ? 138 LEU A CA  1 
ATOM   1071 C C   . LEU A 1 138 ? 1.391   9.122   -4.703  1.00 12.38 ? 138 LEU A C   1 
ATOM   1072 O O   . LEU A 1 138 ? 2.433   9.681   -4.287  1.00 14.49 ? 138 LEU A O   1 
ATOM   1073 C CB  . LEU A 1 138 ? 1.436   8.349   -7.126  1.00 12.94 ? 138 LEU A CB  1 
ATOM   1074 C CG  . LEU A 1 138 ? 1.864   7.293   -8.110  1.00 13.11 ? 138 LEU A CG  1 
ATOM   1075 C CD1 . LEU A 1 138 ? 1.365   7.681   -9.456  1.00 15.03 ? 138 LEU A CD1 1 
ATOM   1076 C CD2 . LEU A 1 138 ? 3.359   7.250   -8.109  1.00 14.42 ? 138 LEU A CD2 1 
ATOM   1077 N N   . SER A 1 139 ? 0.206   9.528   -4.377  1.00 12.33 ? 139 SER A N   1 
ATOM   1078 C CA  . SER A 1 139 ? -0.022  10.638  -3.426  1.00 12.10 ? 139 SER A CA  1 
ATOM   1079 C C   . SER A 1 139 ? 0.561   10.245  -2.033  1.00 12.88 ? 139 SER A C   1 
ATOM   1080 O O   . SER A 1 139 ? 1.225   11.066  -1.424  1.00 13.64 ? 139 SER A O   1 
ATOM   1081 C CB  . SER A 1 139 ? -1.441  11.017  -3.355  1.00 13.53 ? 139 SER A CB  1 
ATOM   1082 O OG  . SER A 1 139 ? -1.702  12.085  -2.428  1.00 14.97 ? 139 SER A OG  1 
ATOM   1083 N N   . VAL A 1 140 ? 0.240   9.062   -1.634  1.00 12.24 ? 140 VAL A N   1 
ATOM   1084 C CA  . VAL A 1 140 ? 0.785   8.556   -0.308  1.00 12.95 ? 140 VAL A CA  1 
ATOM   1085 C C   . VAL A 1 140 ? 2.284   8.608   -0.358  1.00 13.80 ? 140 VAL A C   1 
ATOM   1086 O O   . VAL A 1 140 ? 2.933   9.138   0.608   1.00 13.24 ? 140 VAL A O   1 
ATOM   1087 C CB  . VAL A 1 140 ? 0.263   7.163   -0.085  1.00 11.75 ? 140 VAL A CB  1 
ATOM   1088 C CG1 . VAL A 1 140 ? 1.073   6.394   1.006   1.00 12.36 ? 140 VAL A CG1 1 
ATOM   1089 C CG2 . VAL A 1 140 ? -1.199  7.196   0.262   1.00 12.55 ? 140 VAL A CG2 1 
ATOM   1090 N N   . THR A 1 141 ? 2.859   8.169   -1.449  1.00 12.91 ? 141 THR A N   1 
ATOM   1091 C CA  . THR A 1 141 ? 4.304   8.147   -1.605  1.00 13.03 ? 141 THR A CA  1 
ATOM   1092 C C   . THR A 1 141 ? 4.929   9.548   -1.560  1.00 13.94 ? 141 THR A C   1 
ATOM   1093 O O   . THR A 1 141 ? 5.886   9.769   -0.892  1.00 13.69 ? 141 THR A O   1 
ATOM   1094 C CB  . THR A 1 141 ? 4.693   7.393   -2.884  1.00 12.73 ? 141 THR A CB  1 
ATOM   1095 O OG1 . THR A 1 141 ? 4.255   6.062   -2.776  1.00 12.77 ? 141 THR A OG1 1 
ATOM   1096 C CG2 . THR A 1 141 ? 6.196   7.389   -3.117  1.00 14.77 ? 141 THR A CG2 1 
ATOM   1097 N N   . ARG A 1 142 ? 4.331   10.486  -2.260  1.00 16.62 ? 142 ARG A N   1 
ATOM   1098 C CA  . ARG A 1 142 ? 4.823   11.852  -2.221  0.50 10.28 ? 142 ARG A CA  1 
ATOM   1099 C C   . ARG A 1 142 ? 4.760   12.437  -0.813  1.00 14.52 ? 142 ARG A C   1 
ATOM   1100 O O   . ARG A 1 142 ? 5.610   13.129  -0.406  1.00 14.98 ? 142 ARG A O   1 
ATOM   1101 C CB  . ARG A 1 142 ? 4.020   12.757  -3.175  0.50 9.85  ? 142 ARG A CB  1 
ATOM   1102 C CG  . ARG A 1 142 ? 4.249   12.536  -4.659  0.50 11.47 ? 142 ARG A CG  1 
ATOM   1103 C CD  . ARG A 1 142 ? 3.559   13.579  -5.529  0.50 11.87 ? 142 ARG A CD  1 
ATOM   1104 N NE  . ARG A 1 142 ? 2.120   13.787  -5.346  0.50 11.06 ? 142 ARG A NE  1 
ATOM   1105 C CZ  . ARG A 1 142 ? 1.176   13.101  -5.981  0.50 12.86 ? 142 ARG A CZ  1 
ATOM   1106 N NH1 . ARG A 1 142 ? -0.067  13.377  -5.764  0.50 12.49 ? 142 ARG A NH1 1 
ATOM   1107 N NH2 . ARG A 1 142 ? 1.479   12.150  -6.801  0.50 12.23 ? 142 ARG A NH2 1 
ATOM   1108 N N   . ASP A 1 143 ? 3.681   12.179  -0.113  1.00 13.70 ? 143 ASP A N   1 
ATOM   1109 C CA  . ASP A 1 143 ? 3.536   12.737  1.214   1.00 14.17 ? 143 ASP A CA  1 
ATOM   1110 C C   . ASP A 1 143 ? 4.602   12.162  2.164   1.00 15.15 ? 143 ASP A C   1 
ATOM   1111 O O   . ASP A 1 143 ? 5.115   12.876  2.964   1.00 14.92 ? 143 ASP A O   1 
ATOM   1112 C CB  . ASP A 1 143 ? 2.137   12.463  1.785   1.00 14.45 ? 143 ASP A CB  1 
ATOM   1113 C CG  . ASP A 1 143 ? 1.039   13.326  1.175   1.00 15.57 ? 143 ASP A CG  1 
ATOM   1114 O OD1 . ASP A 1 143 ? -0.128  13.054  1.475   1.00 17.27 ? 143 ASP A OD1 1 
ATOM   1115 O OD2 . ASP A 1 143 ? 1.337   14.258  0.464   1.00 19.28 ? 143 ASP A OD2 1 
ATOM   1116 N N   . ILE A 1 144 ? 4.881   10.880  2.020   1.00 13.09 ? 144 ILE A N   1 
ATOM   1117 C CA  . ILE A 1 144 ? 5.900   10.173  2.861   1.00 11.90 ? 144 ILE A CA  1 
ATOM   1118 C C   . ILE A 1 144 ? 7.235   10.807  2.529   1.00 16.00 ? 144 ILE A C   1 
ATOM   1119 O O   . ILE A 1 144 ? 7.995   11.187  3.436   1.00 16.30 ? 144 ILE A O   1 
ATOM   1120 C CB  . ILE A 1 144 ? 5.867   8.696   2.725   1.00 13.63 ? 144 ILE A CB  1 
ATOM   1121 C CG1 . ILE A 1 144 ? 4.573   8.096   3.306   1.00 13.43 ? 144 ILE A CG1 1 
ATOM   1122 C CG2 . ILE A 1 144 ? 7.038   7.998   3.423   1.00 13.29 ? 144 ILE A CG2 1 
ATOM   1123 C CD1 . ILE A 1 144 ? 4.251   6.756   2.869   1.00 15.28 ? 144 ILE A CD1 1 
ATOM   1124 N N   . GLU A 1 145 ? 7.580   10.876  1.263   1.00 15.39 ? 145 GLU A N   1 
ATOM   1125 C CA  . GLU A 1 145 ? 8.832   11.510  0.835   1.00 15.86 ? 145 GLU A CA  1 
ATOM   1126 C C   . GLU A 1 145 ? 8.934   12.902  1.424   1.00 16.26 ? 145 GLU A C   1 
ATOM   1127 O O   . GLU A 1 145 ? 10.089  13.215  2.000   1.00 16.63 ? 145 GLU A O   1 
ATOM   1128 C CB  . GLU A 1 145 ? 8.861   11.547  -0.709  1.00 15.95 ? 145 GLU A CB  1 
ATOM   1129 C CG  . GLU A 1 145 ? 10.097  12.263  -1.228  1.00 18.14 ? 145 GLU A CG  1 
ATOM   1130 C CD  . GLU A 1 145 ? 10.072  12.463  -2.742  1.00 19.92 ? 145 GLU A CD  1 
ATOM   1131 O OE1 . GLU A 1 145 ? 8.998   12.518  -3.331  1.00 23.03 ? 145 GLU A OE1 1 
ATOM   1132 O OE2 . GLU A 1 145 ? 11.182  12.425  -3.354  1.00 19.57 ? 145 GLU A OE2 1 
ATOM   1133 N N   . ALA A 1 146 ? 8.002   13.772  1.351   1.00 15.02 ? 146 ALA A N   1 
ATOM   1134 C CA  . ALA A 1 146 ? 8.106   15.127  1.865   1.00 16.01 ? 146 ALA A CA  1 
ATOM   1135 C C   . ALA A 1 146 ? 8.332   15.040  3.350   1.00 18.53 ? 146 ALA A C   1 
ATOM   1136 O O   . ALA A 1 146 ? 9.126   15.830  3.903   1.00 20.01 ? 146 ALA A O   1 
ATOM   1137 C CB  . ALA A 1 146 ? 6.932   15.970  1.506   1.00 18.37 ? 146 ALA A CB  1 
ATOM   1138 N N   . HIS A 1 147 ? 7.676   14.135  4.034   1.00 15.50 ? 147 HIS A N   1 
ATOM   1139 C CA  . HIS A 1 147 ? 7.771   14.061  5.523   1.00 16.66 ? 147 HIS A CA  1 
ATOM   1140 C C   . HIS A 1 147 ? 9.143   13.599  5.903   1.00 17.83 ? 147 HIS A C   1 
ATOM   1141 O O   . HIS A 1 147 ? 9.720   14.146  6.912   1.00 18.11 ? 147 HIS A O   1 
ATOM   1142 C CB  . HIS A 1 147 ? 6.734   13.061  5.977   1.00 14.68 ? 147 HIS A CB  1 
ATOM   1143 C CG  . HIS A 1 147 ? 6.573   13.044  7.456   1.00 18.03 ? 147 HIS A CG  1 
ATOM   1144 N ND1 . HIS A 1 147 ? 5.653   13.843  8.055   1.00 23.22 ? 147 HIS A ND1 1 
ATOM   1145 C CD2 . HIS A 1 147 ? 7.234   12.379  8.428   1.00 24.05 ? 147 HIS A CD2 1 
ATOM   1146 C CE1 . HIS A 1 147 ? 5.709   13.639  9.372   1.00 24.74 ? 147 HIS A CE1 1 
ATOM   1147 N NE2 . HIS A 1 147 ? 6.702   12.816  9.608   1.00 23.67 ? 147 HIS A NE2 1 
ATOM   1148 N N   . HIS A 1 148 ? 9.708   12.680  5.220   1.00 17.91 ? 148 HIS A N   1 
ATOM   1149 C CA  . HIS A 1 148 ? 11.000  12.078  5.594   1.00 17.26 ? 148 HIS A CA  1 
ATOM   1150 C C   . HIS A 1 148 ? 12.180  12.953  5.191   1.00 21.51 ? 148 HIS A C   1 
ATOM   1151 O O   . HIS A 1 148 ? 13.294  12.677  5.645   1.00 25.82 ? 148 HIS A O   1 
ATOM   1152 C CB  . HIS A 1 148 ? 11.171  10.742  5.021   1.00 18.00 ? 148 HIS A CB  1 
ATOM   1153 C CG  . HIS A 1 148 ? 10.318  9.700   5.653   1.00 15.64 ? 148 HIS A CG  1 
ATOM   1154 N ND1 . HIS A 1 148 ? 10.133  8.462   5.095   1.00 14.70 ? 148 HIS A ND1 1 
ATOM   1155 C CD2 . HIS A 1 148 ? 9.752   9.644   6.881   1.00 15.61 ? 148 HIS A CD2 1 
ATOM   1156 C CE1 . HIS A 1 148 ? 9.439   7.686   5.911   1.00 14.27 ? 148 HIS A CE1 1 
ATOM   1157 N NE2 . HIS A 1 148 ? 9.188   8.397   6.986   1.00 15.63 ? 148 HIS A NE2 1 
ATOM   1158 N N   . LEU A 1 149 ? 12.007  13.898  4.272   1.00 20.16 ? 149 LEU A N   1 
ATOM   1159 C CA  . LEU A 1 149 ? 13.107  14.811  3.845   1.00 25.03 ? 149 LEU A CA  1 
ATOM   1160 C C   . LEU A 1 149 ? 13.272  15.854  4.993   1.00 26.84 ? 149 LEU A C   1 
ATOM   1161 O O   . LEU A 1 149 ? 12.326  16.586  5.356   1.00 28.97 ? 149 LEU A O   1 
ATOM   1162 C CB  . LEU A 1 149 ? 12.754  15.475  2.543   1.00 24.95 ? 149 LEU A CB  1 
ATOM   1163 C CG  . LEU A 1 149 ? 13.087  14.625  1.368   1.00 28.29 ? 149 LEU A CG  1 
ATOM   1164 C CD1 . LEU A 1 149 ? 12.501  15.359  0.160   1.00 32.61 ? 149 LEU A CD1 1 
ATOM   1165 C CD2 . LEU A 1 149 ? 14.601  14.447  1.211   1.00 29.91 ? 149 LEU A CD2 1 
ATOM   1166 N N   . PRO A 1 150 ? 14.463  15.892  5.611   1.00 36.89 ? 150 PRO A N   1 
ATOM   1167 C CA  . PRO A 1 150 ? 14.706  16.878  6.667   1.00 39.86 ? 150 PRO A CA  1 
ATOM   1168 C C   . PRO A 1 150 ? 14.779  18.306  6.110   1.00 41.97 ? 150 PRO A C   1 
ATOM   1169 O O   . PRO A 1 150 ? 15.110  18.441  4.915   1.00 41.32 ? 150 PRO A O   1 
ATOM   1170 C CB  . PRO A 1 150 ? 16.104  16.470  7.157   1.00 41.66 ? 150 PRO A CB  1 
ATOM   1171 C CG  . PRO A 1 150 ? 16.777  15.907  5.944   1.00 38.17 ? 150 PRO A CG  1 
ATOM   1172 C CD  . PRO A 1 150 ? 15.667  15.062  5.356   1.00 36.19 ? 150 PRO A CD  1 
HETATM 1173 O O   . HOH B 2 .   ? 13.428  2.906   9.732   1.00 16.26 ? 201 HOH A O   1 
HETATM 1174 O O   . HOH B 2 .   ? 11.518  7.788   2.749   1.00 16.62 ? 202 HOH A O   1 
HETATM 1175 O O   . HOH B 2 .   ? -11.375 -1.524  0.505   1.00 14.96 ? 203 HOH A O   1 
HETATM 1176 O O   . HOH B 2 .   ? -7.591  -10.441 -1.739  1.00 19.76 ? 204 HOH A O   1 
HETATM 1177 O O   . HOH B 2 .   ? 13.511  0.986   11.734  1.00 19.13 ? 205 HOH A O   1 
HETATM 1178 O O   . HOH B 2 .   ? 10.771  0.704   12.490  1.00 17.76 ? 206 HOH A O   1 
HETATM 1179 O O   . HOH B 2 .   ? -5.017  4.604   13.342  1.00 22.85 ? 207 HOH A O   1 
HETATM 1180 O O   . HOH B 2 .   ? -12.897 5.160   6.316   1.00 16.81 ? 208 HOH A O   1 
HETATM 1181 O O   . HOH B 2 .   ? -11.777 7.700   6.473   1.00 18.62 ? 209 HOH A O   1 
HETATM 1182 O O   . HOH B 2 .   ? -17.512 -5.431  0.273   1.00 17.10 ? 210 HOH A O   1 
HETATM 1183 O O   . HOH B 2 .   ? 3.846   -4.479  8.099   1.00 20.01 ? 211 HOH A O   1 
HETATM 1184 O O   . HOH B 2 .   ? 3.926   11.261  -7.958  1.00 20.87 ? 212 HOH A O   1 
HETATM 1185 O O   . HOH B 2 .   ? 15.778  2.379   8.350   1.00 22.13 ? 213 HOH A O   1 
HETATM 1186 O O   . HOH B 2 .   ? 2.466   -5.263  10.356  1.00 21.32 ? 214 HOH A O   1 
HETATM 1187 O O   . HOH B 2 .   ? -15.711 -0.852  -11.152 1.00 21.81 ? 215 HOH A O   1 
HETATM 1188 O O   . HOH B 2 .   ? -1.409  11.164  -7.277  1.00 19.51 ? 216 HOH A O   1 
HETATM 1189 O O   . HOH B 2 .   ? 5.703   -3.627  -6.136  1.00 19.95 ? 217 HOH A O   1 
HETATM 1190 O O   . HOH B 2 .   ? 11.443  12.268  -6.101  1.00 26.09 ? 218 HOH A O   1 
HETATM 1191 O O   . HOH B 2 .   ? 8.806   -1.754  1.039   1.00 19.98 ? 219 HOH A O   1 
HETATM 1192 O O   . HOH B 2 .   ? 0.669   -6.743  -5.869  1.00 21.33 ? 220 HOH A O   1 
HETATM 1193 O O   . HOH B 2 .   ? 15.049  10.775  4.513   1.00 21.91 ? 221 HOH A O   1 
HETATM 1194 O O   . HOH B 2 .   ? -15.513 5.018   7.000   1.00 26.50 ? 222 HOH A O   1 
HETATM 1195 O O   . HOH B 2 .   ? -4.570  10.791  10.420  1.00 27.36 ? 223 HOH A O   1 
HETATM 1196 O O   . HOH B 2 .   ? 0.166   14.110  -2.014  1.00 24.09 ? 224 HOH A O   1 
HETATM 1197 O O   . HOH B 2 .   ? -8.231  2.277   10.773  1.00 18.33 ? 225 HOH A O   1 
HETATM 1198 O O   . HOH B 2 .   ? -7.539  -10.410 -17.835 1.00 20.55 ? 226 HOH A O   1 
HETATM 1199 O O   . HOH B 2 .   ? 11.355  -0.130  -6.858  1.00 22.02 ? 227 HOH A O   1 
HETATM 1200 O O   . HOH B 2 .   ? -15.818 -1.724  4.600   1.00 21.14 ? 228 HOH A O   1 
HETATM 1201 O O   . HOH B 2 .   ? -18.287 -2.884  1.125   1.00 19.95 ? 229 HOH A O   1 
HETATM 1202 O O   . HOH B 2 .   ? -2.013  14.295  3.767   1.00 20.23 ? 230 HOH A O   1 
HETATM 1203 O O   . HOH B 2 .   ? 7.244   14.617  -2.239  1.00 23.87 ? 231 HOH A O   1 
HETATM 1204 O O   . HOH B 2 .   ? 7.847   -12.811 3.851   1.00 25.77 ? 232 HOH A O   1 
HETATM 1205 O O   . HOH B 2 .   ? 18.223  5.329   0.835   1.00 24.84 ? 233 HOH A O   1 
HETATM 1206 O O   . HOH B 2 .   ? 9.761   14.314  9.662   1.00 20.68 ? 234 HOH A O   1 
HETATM 1207 O O   . HOH B 2 .   ? 0.764   6.328   15.302  1.00 21.10 ? 235 HOH A O   1 
HETATM 1208 O O   . HOH B 2 .   ? -12.556 1.610   -4.052  1.00 24.28 ? 236 HOH A O   1 
HETATM 1209 O O   . HOH B 2 .   ? -15.925 -7.337  2.969   1.00 21.35 ? 237 HOH A O   1 
HETATM 1210 O O   . HOH B 2 .   ? -7.009  10.028  -1.615  1.00 23.99 ? 238 HOH A O   1 
HETATM 1211 O O   . HOH B 2 .   ? -14.547 -0.551  -4.060  1.00 25.07 ? 239 HOH A O   1 
HETATM 1212 O O   . HOH B 2 .   ? -10.837 -0.985  -16.921 1.00 22.85 ? 240 HOH A O   1 
HETATM 1213 O O   . HOH B 2 .   ? -11.974 7.861   9.243   1.00 26.53 ? 241 HOH A O   1 
HETATM 1214 O O   . HOH B 2 .   ? -16.165 -10.169 -3.033  1.00 27.52 ? 242 HOH A O   1 
HETATM 1215 O O   . HOH B 2 .   ? 7.598   2.551   15.916  1.00 33.16 ? 243 HOH A O   1 
HETATM 1216 O O   . HOH B 2 .   ? -12.112 -0.266  -9.913  1.00 20.57 ? 244 HOH A O   1 
HETATM 1217 O O   . HOH B 2 .   ? 13.605  12.681  8.590   1.00 24.89 ? 245 HOH A O   1 
HETATM 1218 O O   . HOH B 2 .   ? -14.265 7.060   -4.426  1.00 27.20 ? 246 HOH A O   1 
HETATM 1219 O O   . HOH B 2 .   ? 4.060   15.271  3.869   1.00 23.10 ? 247 HOH A O   1 
HETATM 1220 O O   . HOH B 2 .   ? -9.966  3.506   -11.363 1.00 19.66 ? 248 HOH A O   1 
HETATM 1221 O O   . HOH B 2 .   ? -15.408 1.857   -8.378  1.00 25.31 ? 249 HOH A O   1 
HETATM 1222 O O   . HOH B 2 .   ? 14.763  9.281   6.834   1.00 22.10 ? 250 HOH A O   1 
HETATM 1223 O O   . HOH B 2 .   ? 17.097  8.916   -4.126  1.00 29.92 ? 251 HOH A O   1 
HETATM 1224 O O   . HOH B 2 .   ? 6.887   -8.623  0.024   1.00 30.45 ? 252 HOH A O   1 
HETATM 1225 O O   . HOH B 2 .   ? 10.181  -4.648  8.044   1.00 27.25 ? 253 HOH A O   1 
HETATM 1226 O O   . HOH B 2 .   ? -2.432  5.115   13.852  1.00 25.30 ? 254 HOH A O   1 
HETATM 1227 O O   . HOH B 2 .   ? 13.055  -2.855  11.763  1.00 34.05 ? 255 HOH A O   1 
HETATM 1228 O O   . HOH B 2 .   ? 1.890   -15.283 4.253   1.00 29.24 ? 256 HOH A O   1 
HETATM 1229 O O   . HOH B 2 .   ? -17.806 -11.346 -16.227 1.00 28.39 ? 257 HOH A O   1 
HETATM 1230 O O   . HOH B 2 .   ? -13.899 -11.578 -2.364  1.00 30.71 ? 258 HOH A O   1 
HETATM 1231 O O   . HOH B 2 .   ? -6.730  11.801  8.958   1.00 33.83 ? 259 HOH A O   1 
HETATM 1232 O O   . HOH B 2 .   ? -5.103  9.162   12.460  1.00 26.39 ? 260 HOH A O   1 
HETATM 1233 O O   . HOH B 2 .   ? -16.735 5.768   -3.933  1.00 28.26 ? 261 HOH A O   1 
HETATM 1234 O O   . HOH B 2 .   ? -10.374 -7.649  -17.006 1.00 31.01 ? 262 HOH A O   1 
HETATM 1235 O O   . HOH B 2 .   ? -9.073  -9.336  -19.962 1.00 28.53 ? 263 HOH A O   1 
HETATM 1236 O O   . HOH B 2 .   ? -2.499  -10.036 -10.956 1.00 32.20 ? 264 HOH A O   1 
HETATM 1237 O O   . HOH B 2 .   ? -18.164 -11.709 -4.024  1.00 34.22 ? 265 HOH A O   1 
HETATM 1238 O O   . HOH B 2 .   ? -14.629 4.159   10.037  1.00 35.72 ? 266 HOH A O   1 
HETATM 1239 O O   . HOH B 2 .   ? 9.791   18.317  2.868   1.00 26.81 ? 267 HOH A O   1 
HETATM 1240 O O   . HOH B 2 .   ? 5.729   -14.490 3.175   1.00 32.03 ? 268 HOH A O   1 
HETATM 1241 O O   . HOH B 2 .   ? -3.030  -14.135 9.745   1.00 33.01 ? 269 HOH A O   1 
HETATM 1242 O O   . HOH B 2 .   ? 3.255   14.860  6.540   1.00 29.22 ? 270 HOH A O   1 
HETATM 1243 O O   . HOH B 2 .   ? -11.255 -12.871 2.688   1.00 32.79 ? 271 HOH A O   1 
HETATM 1244 O O   . HOH B 2 .   ? -7.483  -6.518  -16.578 1.00 27.04 ? 272 HOH A O   1 
HETATM 1245 O O   . HOH B 2 .   ? -12.757 1.452   -6.845  1.00 27.98 ? 273 HOH A O   1 
HETATM 1246 O O   . HOH B 2 .   ? 13.655  11.078  -7.020  1.00 31.63 ? 274 HOH A O   1 
HETATM 1247 O O   . HOH B 2 .   ? -10.472 2.019   -8.569  1.00 27.52 ? 275 HOH A O   1 
HETATM 1248 O O   . HOH B 2 .   ? -12.987 10.200  5.807   1.00 33.07 ? 276 HOH A O   1 
HETATM 1249 O O   . HOH B 2 .   ? 0.372   -14.397 6.402   1.00 37.13 ? 277 HOH A O   1 
HETATM 1250 O O   . HOH B 2 .   ? -18.647 -1.189  -13.380 1.00 29.77 ? 278 HOH A O   1 
HETATM 1251 O O   . HOH B 2 .   ? 9.578   -6.897  9.790   1.00 28.20 ? 279 HOH A O   1 
HETATM 1252 O O   . HOH B 2 .   ? -10.189 6.216   10.926  1.00 30.35 ? 280 HOH A O   1 
HETATM 1253 O O   . HOH B 2 .   ? -12.395 0.702   11.163  1.00 33.64 ? 281 HOH A O   1 
HETATM 1254 O O   . HOH B 2 .   ? -3.107  -8.011  17.818  1.00 39.41 ? 282 HOH A O   1 
HETATM 1255 O O   . HOH B 2 .   ? -17.968 8.449   2.313   1.00 30.56 ? 283 HOH A O   1 
HETATM 1256 O O   . HOH B 2 .   ? -14.307 -3.484  6.262   1.00 36.21 ? 284 HOH A O   1 
HETATM 1257 O O   . HOH B 2 .   ? -1.250  13.696  11.665  1.00 26.63 ? 285 HOH A O   1 
HETATM 1258 O O   . HOH B 2 .   ? -9.699  9.136   -7.836  1.00 41.65 ? 286 HOH A O   1 
HETATM 1259 O O   . HOH B 2 .   ? -3.532  -11.429 17.779  1.00 36.92 ? 287 HOH A O   1 
HETATM 1260 O O   . HOH B 2 .   ? -11.771 4.814   -7.274  1.00 39.16 ? 288 HOH A O   1 
HETATM 1261 O O   . HOH B 2 .   ? -17.919 -1.649  -17.374 1.00 34.89 ? 289 HOH A O   1 
HETATM 1262 O O   . HOH B 2 .   ? -2.968  7.594   13.279  1.00 28.81 ? 290 HOH A O   1 
HETATM 1263 O O   . HOH B 2 .   ? -17.989 -3.230  3.798   1.00 21.64 ? 291 HOH A O   1 
HETATM 1264 O O   . HOH B 2 .   ? 7.998   16.324  10.451  1.00 26.02 ? 292 HOH A O   1 
HETATM 1265 O O   . HOH B 2 .   ? -13.609 -2.025  10.235  1.00 38.03 ? 293 HOH A O   1 
HETATM 1266 O O   . HOH B 2 .   ? -12.655 -4.019  8.385   1.00 31.14 ? 294 HOH A O   1 
HETATM 1267 O O   . HOH B 2 .   ? -16.219 -5.258  7.103   1.00 32.37 ? 295 HOH A O   1 
HETATM 1268 O O   . HOH B 2 .   ? -4.344  13.661  -1.056  1.00 35.73 ? 296 HOH A O   1 
HETATM 1269 O O   . HOH B 2 .   ? -2.065  14.412  0.271   1.00 32.28 ? 297 HOH A O   1 
HETATM 1270 O O   . HOH B 2 .   ? -9.833  11.353  -0.605  1.00 36.32 ? 298 HOH A O   1 
HETATM 1271 O O   . HOH B 2 .   ? -6.894  6.535   13.619  1.00 32.05 ? 299 HOH A O   1 
HETATM 1272 O O   . HOH B 2 .   ? -8.910  4.384   13.975  1.00 41.22 ? 300 HOH A O   1 
HETATM 1273 O O   . HOH B 2 .   ? -16.482 2.081   10.409  1.00 34.87 ? 301 HOH A O   1 
HETATM 1274 O O   . HOH B 2 .   ? -16.302 -1.929  9.488   1.00 43.70 ? 302 HOH A O   1 
HETATM 1275 O O   . HOH B 2 .   ? 2.375   -4.856  17.637  1.00 30.64 ? 303 HOH A O   1 
HETATM 1276 O O   . HOH B 2 .   ? 0.806   -2.467  19.010  1.00 44.05 ? 304 HOH A O   1 
HETATM 1277 O O   . HOH B 2 .   ? 7.457   -12.103 10.298  1.00 37.31 ? 305 HOH A O   1 
HETATM 1278 O O   . HOH B 2 .   ? 9.248   -13.931 5.844   1.00 45.32 ? 306 HOH A O   1 
HETATM 1279 O O   . HOH B 2 .   ? 13.194  -10.602 5.329   1.00 39.04 ? 307 HOH A O   1 
HETATM 1280 O O   . HOH B 2 .   ? 12.295  -5.705  6.431   1.00 31.58 ? 308 HOH A O   1 
HETATM 1281 O O   . HOH B 2 .   ? 9.031   -12.504 1.141   1.00 38.30 ? 309 HOH A O   1 
HETATM 1282 O O   . HOH B 2 .   ? 8.399   -10.604 -0.297  1.00 40.53 ? 310 HOH A O   1 
HETATM 1283 O O   . HOH B 2 .   ? -14.211 7.975   -6.974  1.00 36.01 ? 311 HOH A O   1 
HETATM 1284 O O   . HOH B 2 .   ? -11.878 7.525   -8.065  1.00 36.95 ? 312 HOH A O   1 
HETATM 1285 O O   . HOH B 2 .   ? -11.907 6.032   -11.606 1.00 43.73 ? 313 HOH A O   1 
HETATM 1286 O O   . HOH B 2 .   ? -7.646  -14.823 -2.650  1.00 38.48 ? 314 HOH A O   1 
HETATM 1287 O O   . HOH B 2 .   ? -5.910  -12.679 -2.290  1.00 35.15 ? 315 HOH A O   1 
HETATM 1288 O O   . HOH B 2 .   ? -9.349  -12.717 -1.848  1.00 30.36 ? 316 HOH A O   1 
HETATM 1289 O O   . HOH B 2 .   ? -12.076 2.358   -10.408 1.00 34.18 ? 317 HOH A O   1 
HETATM 1290 O O   . HOH B 2 .   ? 9.745   18.233  0.026   1.00 34.65 ? 318 HOH A O   1 
HETATM 1291 O O   . HOH B 2 .   ? 9.896   17.109  6.647   1.00 39.41 ? 319 HOH A O   1 
HETATM 1292 O O   . HOH B 2 .   ? 16.927  20.187  6.510   1.00 47.74 ? 320 HOH A O   1 
HETATM 1293 O O   . HOH B 2 .   ? 16.857  8.735   8.541   1.00 31.88 ? 321 HOH A O   1 
HETATM 1294 O O   . HOH B 2 .   ? 15.682  -2.313  7.422   1.00 38.39 ? 322 HOH A O   1 
HETATM 1295 O O   . HOH B 2 .   ? 18.280  6.409   7.901   1.00 30.81 ? 323 HOH A O   1 
HETATM 1296 O O   . HOH B 2 .   ? 19.637  8.609   4.744   1.00 37.23 ? 324 HOH A O   1 
HETATM 1297 O O   . HOH B 2 .   ? 19.600  4.147   4.863   1.00 32.30 ? 325 HOH A O   1 
HETATM 1298 O O   . HOH B 2 .   ? -16.023 -13.902 -8.316  1.00 35.86 ? 326 HOH A O   1 
HETATM 1299 O O   . HOH B 2 .   ? -21.479 -10.754 -11.711 1.00 37.65 ? 327 HOH A O   1 
HETATM 1300 O O   . HOH B 2 .   ? 4.396   6.210   -11.610 1.00 34.87 ? 328 HOH A O   1 
HETATM 1301 O O   . HOH B 2 .   ? 9.886   -1.837  -15.151 1.00 38.44 ? 329 HOH A O   1 
HETATM 1302 O O   . HOH B 2 .   ? 7.922   -3.389  -12.159 1.00 35.52 ? 330 HOH A O   1 
HETATM 1303 O O   . HOH B 2 .   ? 10.082  -4.050  -7.855  1.00 34.73 ? 331 HOH A O   1 
HETATM 1304 O O   . HOH B 2 .   ? -9.357  13.381  3.207   1.00 31.50 ? 332 HOH A O   1 
HETATM 1305 O O   . HOH B 2 .   ? 1.286   15.100  8.757   1.00 36.59 ? 333 HOH A O   1 
HETATM 1306 O O   . HOH B 2 .   ? 7.027   17.078  7.771   1.00 40.48 ? 334 HOH A O   1 
HETATM 1307 O O   . HOH B 2 .   ? 3.189   15.940  -0.702  1.00 39.76 ? 335 HOH A O   1 
HETATM 1308 O O   . HOH B 2 .   ? 17.800  2.448   -7.091  1.00 35.10 ? 336 HOH A O   1 
HETATM 1309 O O   . HOH B 2 .   ? 15.950  -3.355  -2.666  1.00 31.49 ? 337 HOH A O   1 
HETATM 1310 O O   . HOH B 2 .   ? 17.813  -1.821  -2.870  1.00 39.16 ? 338 HOH A O   1 
HETATM 1311 O O   . HOH B 2 .   ? 20.281  5.219   -3.108  1.00 38.11 ? 339 HOH A O   1 
HETATM 1312 O O   . HOH B 2 .   ? 18.294  10.552  -5.342  1.00 38.95 ? 340 HOH A O   1 
HETATM 1313 O O   . HOH B 2 .   ? 1.081   -16.033 8.357   1.00 43.31 ? 341 HOH A O   1 
HETATM 1314 O O   . HOH B 2 .   ? -20.523 -8.113  -16.325 1.00 33.04 ? 342 HOH A O   1 
HETATM 1315 O O   . HOH B 2 .   ? -11.344 10.511  9.986   1.00 42.02 ? 343 HOH A O   1 
HETATM 1316 O O   . HOH B 2 .   ? -8.536  10.577  11.403  1.00 38.98 ? 344 HOH A O   1 
HETATM 1317 O O   . HOH B 2 .   ? -16.643 7.023   -8.313  1.00 33.65 ? 345 HOH A O   1 
HETATM 1318 O O   . HOH B 2 .   ? 7.800   -4.614  -7.597  1.00 36.26 ? 346 HOH A O   1 
HETATM 1319 O O   . HOH B 2 .   ? 11.181  6.852   -11.497 1.00 30.52 ? 347 HOH A O   1 
HETATM 1320 O O   . HOH B 2 .   ? 10.856  4.909   -13.139 1.00 36.51 ? 348 HOH A O   1 
HETATM 1321 O O   . HOH B 2 .   ? -7.845  13.592  7.621   1.00 37.96 ? 349 HOH A O   1 
HETATM 1322 O O   . HOH B 2 .   ? -7.259  8.305   -6.471  1.00 25.21 ? 350 HOH A O   1 
HETATM 1323 O O   . HOH B 2 .   ? -17.893 -13.114 -13.190 1.00 42.35 ? 351 HOH A O   1 
HETATM 1324 O O   . HOH B 2 .   ? -12.029 -15.747 -17.888 1.00 47.15 ? 352 HOH A O   1 
HETATM 1325 O O   . HOH B 2 .   ? -4.761  -12.947 -17.606 1.00 36.07 ? 353 HOH A O   1 
HETATM 1326 O O   . HOH B 2 .   ? -12.843 -6.270  -17.898 1.00 34.53 ? 354 HOH A O   1 
HETATM 1327 O O   . HOH B 2 .   ? -3.081  2.239   15.340  1.00 34.72 ? 355 HOH A O   1 
HETATM 1328 O O   . HOH B 2 .   ? -3.577  -0.415  16.617  1.00 29.50 ? 356 HOH A O   1 
HETATM 1329 O O   . HOH B 2 .   ? -5.158  -10.907 -6.595  1.00 24.53 ? 357 HOH A O   1 
HETATM 1330 O O   . HOH B 2 .   ? -14.015 -13.538 -10.037 1.00 30.53 ? 358 HOH A O   1 
HETATM 1331 O O   . HOH B 2 .   ? 20.205  -2.449  -1.346  1.00 40.59 ? 359 HOH A O   1 
HETATM 1332 O O   . HOH B 2 .   ? 15.002  8.827   -7.326  1.00 44.08 ? 360 HOH A O   1 
HETATM 1333 O O   . HOH B 2 .   ? 16.269  17.460  2.655   1.00 41.97 ? 361 HOH A O   1 
# 
